data_7KMQ
#
_entry.id   7KMQ
#
_cell.length_a   103.600
_cell.length_b   103.520
_cell.length_c   173.400
_cell.angle_alpha   90.000
_cell.angle_beta   90.000
_cell.angle_gamma   90.000
#
_symmetry.space_group_name_H-M   'P 21 21 21'
#
loop_
_entity.id
_entity.type
_entity.pdbx_description
1 polymer 'Glyco_hyd_65N_2 domain-containing protein'
2 non-polymer GLYCEROL
3 non-polymer 'CALCIUM ION'
4 water water
#
_entity_poly.entity_id   1
_entity_poly.type   'polypeptide(L)'
_entity_poly.pdbx_seq_one_letter_code
;MGSSHHHHHHSSGLVPRGSHMQATQASKTTALPPVAAAEALQLWYREPANEWVEALPVGNGRLGAMVWGGIAHERLQLNE
DTLYAGGPYDSTSPDALAALPQVRALIFAGRYAEAEKLADAKLLSRPLKQMPYQPLGDLLLDFDRADGISDYRRQLDLDT
AVATTTFRSGGAVHRREVFVCAQAQCIVVRLSCDRPGGISLRVGIDSPQTGEVTAEPGGLLFSGRNGSFAGIEGRLRFAL
RVLPQVSGGKLSQVRDRLRIDAADEVVLLLSAATSYQRFDAVDGDPLALTAARLRKAAKLDFPALLRAHLADHQRLFRRV
AIDLGSSEAVQLPTDERVQRFAEGNDPALAALYHQYGRYLLICSSRPGTQPANLQGIWNDLMQPPWESKYTININTEMNY
WPSEANALHECVEPLEAMLFDLAQTGTHTARAIYDAPGWVVHNNTDLWRQAGPIDGAQWSLWPMGGVWLLQQLWDRWDYG
RDRAYLSKVYPLFKGAAEFFVATLMRDPQTGAMVTNPSMSPENQHPFGAAVCAGPSMDAQLLRDLFAQCIAMSKLLGIDA
QLAQQLAALREQLPPNRIGKAGQLQEWQQDWDMQAPEINHRHVSHLYALHPSSQINLRDTPELAAAARRSLEIRGDNATG
WGIGWRLNLWARLADGEHAYRILQLLISPERTYPNLFDAHPPFQIDGNFGGTAGITEMLLQSWGGSVFLLPALPKAWPRG
SVRGLRVRGGASVDLEWEGGRLQQARLHSDRGGRYQLSYAGQTLDLELGAGRTQQVGLNNNRLVTQ
;
_entity_poly.pdbx_strand_id   A,B
#
# COMPACT_ATOMS: atom_id res chain seq x y z
N LEU A 32 17.28 -18.66 28.11
CA LEU A 32 16.80 -17.39 28.64
C LEU A 32 17.60 -16.16 28.18
N PRO A 33 18.93 -16.25 28.07
CA PRO A 33 19.68 -15.14 27.48
C PRO A 33 19.45 -15.07 25.99
N PRO A 34 19.59 -13.90 25.38
CA PRO A 34 19.36 -13.77 23.93
C PRO A 34 20.33 -14.64 23.14
N VAL A 35 19.91 -14.98 21.92
CA VAL A 35 20.63 -15.92 21.07
C VAL A 35 21.31 -15.22 19.90
N ALA A 36 21.24 -13.88 19.85
CA ALA A 36 21.89 -13.06 18.83
C ALA A 36 21.61 -11.61 19.17
N ALA A 37 22.33 -10.71 18.52
CA ALA A 37 22.03 -9.29 18.64
C ALA A 37 20.64 -9.01 18.08
N ALA A 38 19.97 -8.00 18.66
CA ALA A 38 18.58 -7.74 18.33
C ALA A 38 18.38 -7.52 16.83
N GLU A 39 19.29 -6.77 16.21
CA GLU A 39 19.14 -6.44 14.79
C GLU A 39 19.47 -7.62 13.88
N ALA A 40 20.13 -8.67 14.38
CA ALA A 40 20.49 -9.82 13.56
C ALA A 40 19.33 -10.79 13.37
N LEU A 41 18.23 -10.63 14.11
CA LEU A 41 17.09 -11.52 13.99
C LEU A 41 15.81 -10.75 13.70
N GLN A 42 15.92 -9.68 12.92
CA GLN A 42 14.77 -8.89 12.49
C GLN A 42 14.67 -8.89 10.97
N LEU A 43 13.44 -8.91 10.48
CA LEU A 43 13.14 -8.61 9.09
C LEU A 43 12.65 -7.18 9.02
N TRP A 44 13.16 -6.39 8.07
CA TRP A 44 12.77 -4.99 8.04
C TRP A 44 12.84 -4.44 6.62
N TYR A 45 12.03 -3.41 6.37
CA TYR A 45 11.84 -2.86 5.03
C TYR A 45 11.60 -1.36 5.15
N ARG A 46 11.88 -0.64 4.06
CA ARG A 46 11.75 0.81 4.05
C ARG A 46 10.36 1.31 3.64
N GLU A 47 9.45 0.40 3.28
CA GLU A 47 8.17 0.83 2.71
C GLU A 47 7.10 -0.18 3.09
N PRO A 48 5.83 0.24 3.13
CA PRO A 48 4.75 -0.71 3.40
C PRO A 48 4.66 -1.78 2.33
N ALA A 49 4.01 -2.89 2.69
CA ALA A 49 3.83 -3.99 1.76
C ALA A 49 2.85 -3.62 0.66
N ASN A 50 3.14 -4.07 -0.56
CA ASN A 50 2.22 -3.95 -1.69
C ASN A 50 1.47 -5.24 -1.98
N GLU A 51 1.98 -6.38 -1.50
CA GLU A 51 1.38 -7.67 -1.76
C GLU A 51 1.37 -8.50 -0.48
N TRP A 52 0.57 -9.56 -0.50
CA TRP A 52 0.48 -10.46 0.64
C TRP A 52 1.83 -11.08 0.96
N VAL A 53 2.59 -11.46 -0.06
CA VAL A 53 3.91 -12.08 0.15
C VAL A 53 4.95 -11.08 0.61
N GLU A 54 4.58 -9.82 0.85
CA GLU A 54 5.46 -8.87 1.50
C GLU A 54 5.04 -8.54 2.93
N ALA A 55 3.86 -9.01 3.35
CA ALA A 55 3.39 -8.80 4.71
C ALA A 55 4.09 -9.77 5.67
N LEU A 56 4.08 -9.41 6.96
CA LEU A 56 4.85 -10.14 7.94
C LEU A 56 3.95 -10.96 8.86
N PRO A 57 4.35 -12.19 9.18
CA PRO A 57 3.47 -13.09 9.95
C PRO A 57 3.73 -13.06 11.45
N VAL A 58 2.63 -13.16 12.21
CA VAL A 58 2.66 -13.39 13.64
C VAL A 58 1.60 -14.44 13.96
N GLY A 59 1.82 -15.16 15.05
CA GLY A 59 0.88 -16.19 15.44
C GLY A 59 1.29 -16.83 16.75
N ASN A 60 0.30 -17.46 17.41
CA ASN A 60 0.51 -18.14 18.67
C ASN A 60 0.29 -19.64 18.57
N GLY A 61 0.24 -20.19 17.36
CA GLY A 61 -0.05 -21.60 17.19
C GLY A 61 -1.36 -21.84 16.45
N ARG A 62 -2.40 -21.11 16.84
CA ARG A 62 -3.71 -21.26 16.21
C ARG A 62 -4.32 -19.95 15.71
N LEU A 63 -3.85 -18.80 16.17
CA LEU A 63 -4.39 -17.50 15.78
C LEU A 63 -3.27 -16.70 15.11
N GLY A 64 -3.49 -16.30 13.86
CA GLY A 64 -2.44 -15.71 13.07
C GLY A 64 -2.85 -14.38 12.45
N ALA A 65 -1.83 -13.61 12.07
CA ALA A 65 -2.04 -12.32 11.42
C ALA A 65 -0.90 -12.06 10.46
N MET A 66 -1.26 -11.52 9.29
CA MET A 66 -0.29 -11.04 8.30
C MET A 66 -0.35 -9.52 8.29
N VAL A 67 0.77 -8.87 8.57
CA VAL A 67 0.83 -7.45 8.84
C VAL A 67 1.43 -6.74 7.63
N TRP A 68 0.66 -5.81 7.05
CA TRP A 68 1.08 -5.10 5.85
C TRP A 68 1.92 -3.86 6.13
N GLY A 69 1.76 -3.25 7.30
CA GLY A 69 2.52 -2.06 7.61
C GLY A 69 2.00 -0.80 6.96
N GLY A 70 0.71 -0.75 6.63
CA GLY A 70 0.15 0.44 6.03
C GLY A 70 0.23 1.64 6.97
N ILE A 71 0.35 2.82 6.36
CA ILE A 71 0.58 4.04 7.12
C ILE A 71 -0.77 4.61 7.59
N ALA A 72 -1.55 5.15 6.65
CA ALA A 72 -2.87 5.67 7.00
C ALA A 72 -3.95 4.61 6.88
N HIS A 73 -3.74 3.60 6.05
CA HIS A 73 -4.69 2.51 5.84
C HIS A 73 -3.95 1.19 6.00
N GLU A 74 -4.10 0.57 7.16
CA GLU A 74 -3.42 -0.69 7.47
C GLU A 74 -4.43 -1.84 7.52
N ARG A 75 -4.00 -3.01 7.06
CA ARG A 75 -4.79 -4.23 7.12
C ARG A 75 -4.02 -5.30 7.88
N LEU A 76 -4.72 -5.99 8.77
CA LEU A 76 -4.23 -7.20 9.43
C LEU A 76 -5.11 -8.36 8.98
N GLN A 77 -4.56 -9.27 8.18
CA GLN A 77 -5.32 -10.40 7.64
C GLN A 77 -5.21 -11.57 8.60
N LEU A 78 -6.35 -12.08 9.06
CA LEU A 78 -6.42 -12.95 10.21
C LEU A 78 -6.78 -14.38 9.82
N ASN A 79 -6.36 -15.32 10.66
CA ASN A 79 -6.59 -16.74 10.46
C ASN A 79 -6.80 -17.43 11.81
N GLU A 80 -7.74 -18.37 11.84
CA GLU A 80 -7.85 -19.33 12.93
C GLU A 80 -7.69 -20.72 12.33
N ASP A 81 -6.87 -21.56 12.97
CA ASP A 81 -6.38 -22.77 12.32
C ASP A 81 -7.39 -23.92 12.31
N THR A 82 -8.63 -23.69 12.74
CA THR A 82 -9.68 -24.70 12.63
C THR A 82 -10.77 -24.27 11.65
N LEU A 83 -10.56 -23.19 10.90
CA LEU A 83 -11.57 -22.66 9.99
C LEU A 83 -11.28 -23.21 8.59
N TYR A 84 -11.95 -24.31 8.26
CA TYR A 84 -11.92 -24.90 6.93
C TYR A 84 -13.31 -24.82 6.33
N ALA A 85 -13.41 -25.15 5.05
CA ALA A 85 -14.73 -25.26 4.44
C ALA A 85 -15.38 -26.59 4.82
N GLY A 86 -16.69 -26.66 4.63
CA GLY A 86 -17.39 -27.92 4.76
C GLY A 86 -17.66 -28.34 6.20
N GLY A 87 -17.78 -29.65 6.40
CA GLY A 87 -18.07 -30.24 7.68
C GLY A 87 -17.68 -31.70 7.69
N PRO A 88 -18.07 -32.43 8.73
CA PRO A 88 -17.73 -33.86 8.79
C PRO A 88 -18.34 -34.61 7.61
N TYR A 89 -17.54 -35.51 7.03
CA TYR A 89 -18.00 -36.28 5.87
C TYR A 89 -17.21 -37.58 5.79
N ASP A 90 -17.65 -38.44 4.88
CA ASP A 90 -17.03 -39.75 4.63
C ASP A 90 -16.90 -39.91 3.12
N SER A 91 -15.68 -39.70 2.60
CA SER A 91 -15.43 -39.69 1.16
C SER A 91 -15.21 -41.09 0.60
N THR A 92 -15.42 -42.14 1.38
CA THR A 92 -15.13 -43.50 0.91
C THR A 92 -16.02 -43.88 -0.26
N SER A 93 -15.40 -44.43 -1.30
CA SER A 93 -16.15 -44.85 -2.49
C SER A 93 -16.77 -46.22 -2.27
N PRO A 94 -18.09 -46.37 -2.42
CA PRO A 94 -18.72 -47.68 -2.19
C PRO A 94 -18.38 -48.72 -3.25
N ASP A 95 -17.82 -48.32 -4.39
CA ASP A 95 -17.44 -49.26 -5.44
C ASP A 95 -15.99 -49.71 -5.35
N ALA A 96 -15.27 -49.31 -4.30
CA ALA A 96 -13.82 -49.49 -4.28
C ALA A 96 -13.43 -50.93 -4.01
N LEU A 97 -14.01 -51.55 -2.98
CA LEU A 97 -13.59 -52.91 -2.61
C LEU A 97 -13.82 -53.90 -3.74
N ALA A 98 -14.93 -53.75 -4.47
CA ALA A 98 -15.25 -54.70 -5.53
C ALA A 98 -14.26 -54.62 -6.69
N ALA A 99 -13.72 -53.43 -6.96
CA ALA A 99 -12.80 -53.25 -8.09
C ALA A 99 -11.34 -53.43 -7.71
N LEU A 100 -11.03 -53.50 -6.42
CA LEU A 100 -9.64 -53.56 -5.99
C LEU A 100 -8.87 -54.78 -6.52
N PRO A 101 -9.41 -56.00 -6.51
CA PRO A 101 -8.61 -57.14 -7.02
C PRO A 101 -8.21 -57.00 -8.47
N GLN A 102 -9.06 -56.37 -9.30
CA GLN A 102 -8.74 -56.23 -10.71
C GLN A 102 -7.69 -55.15 -10.94
N VAL A 103 -7.73 -54.08 -10.14
CA VAL A 103 -6.66 -53.09 -10.16
C VAL A 103 -5.33 -53.75 -9.81
N ARG A 104 -5.34 -54.63 -8.82
CA ARG A 104 -4.12 -55.31 -8.41
C ARG A 104 -3.61 -56.24 -9.50
N ALA A 105 -4.49 -57.02 -10.10
CA ALA A 105 -4.08 -57.95 -11.15
C ALA A 105 -3.65 -57.22 -12.41
N LEU A 106 -4.24 -56.06 -12.70
CA LEU A 106 -3.83 -55.29 -13.87
C LEU A 106 -2.40 -54.77 -13.71
N ILE A 107 -2.03 -54.38 -12.49
CA ILE A 107 -0.67 -53.90 -12.25
C ILE A 107 0.33 -55.04 -12.36
N PHE A 108 -0.01 -56.21 -11.82
CA PHE A 108 0.88 -57.36 -11.95
C PHE A 108 1.01 -57.81 -13.40
N ALA A 109 0.03 -57.51 -14.23
CA ALA A 109 0.10 -57.81 -15.65
C ALA A 109 0.79 -56.71 -16.46
N GLY A 110 1.28 -55.67 -15.80
CA GLY A 110 1.95 -54.59 -16.50
C GLY A 110 1.04 -53.72 -17.33
N ARG A 111 -0.25 -53.68 -17.01
CA ARG A 111 -1.21 -52.82 -17.68
C ARG A 111 -1.52 -51.62 -16.79
N TYR A 112 -0.50 -50.78 -16.62
CA TYR A 112 -0.53 -49.75 -15.60
C TYR A 112 -1.55 -48.65 -15.91
N ALA A 113 -1.63 -48.23 -17.17
CA ALA A 113 -2.54 -47.15 -17.54
C ALA A 113 -4.00 -47.53 -17.27
N GLU A 114 -4.36 -48.78 -17.54
CA GLU A 114 -5.74 -49.22 -17.32
C GLU A 114 -6.07 -49.35 -15.84
N ALA A 115 -5.08 -49.75 -15.02
CA ALA A 115 -5.31 -49.80 -13.59
C ALA A 115 -5.58 -48.42 -13.02
N GLU A 116 -4.83 -47.42 -13.48
CA GLU A 116 -5.05 -46.04 -13.04
C GLU A 116 -6.46 -45.57 -13.41
N LYS A 117 -6.90 -45.88 -14.63
CA LYS A 117 -8.23 -45.44 -15.07
C LYS A 117 -9.32 -46.12 -14.25
N LEU A 118 -9.19 -47.42 -14.01
CA LEU A 118 -10.18 -48.12 -13.19
C LEU A 118 -10.16 -47.62 -11.76
N ALA A 119 -8.98 -47.29 -11.23
CA ALA A 119 -8.89 -46.75 -9.87
C ALA A 119 -9.60 -45.42 -9.77
N ASP A 120 -9.36 -44.51 -10.71
CA ASP A 120 -10.09 -43.24 -10.72
C ASP A 120 -11.59 -43.46 -10.76
N ALA A 121 -12.04 -44.47 -11.51
CA ALA A 121 -13.46 -44.65 -11.74
C ALA A 121 -14.17 -45.22 -10.53
N LYS A 122 -13.50 -46.10 -9.78
CA LYS A 122 -14.19 -46.85 -8.74
C LYS A 122 -13.51 -46.74 -7.37
N LEU A 123 -12.20 -46.49 -7.34
CA LEU A 123 -11.46 -46.54 -6.09
C LEU A 123 -11.33 -45.19 -5.40
N LEU A 124 -11.22 -44.11 -6.17
CA LEU A 124 -10.92 -42.81 -5.60
C LEU A 124 -12.08 -42.29 -4.75
N SER A 125 -11.76 -41.32 -3.89
CA SER A 125 -12.73 -40.78 -2.96
C SER A 125 -13.79 -39.96 -3.70
N ARG A 126 -14.98 -39.91 -3.10
CA ARG A 126 -16.09 -39.10 -3.61
C ARG A 126 -16.55 -38.21 -2.47
N PRO A 127 -16.35 -36.88 -2.55
CA PRO A 127 -15.82 -36.14 -3.70
C PRO A 127 -14.33 -36.33 -3.95
N LEU A 128 -13.87 -35.89 -5.13
CA LEU A 128 -12.47 -36.05 -5.52
C LEU A 128 -11.53 -35.16 -4.73
N LYS A 129 -12.04 -34.08 -4.13
CA LYS A 129 -11.20 -33.13 -3.43
C LYS A 129 -11.54 -33.11 -1.94
N GLN A 130 -10.58 -32.65 -1.14
CA GLN A 130 -10.77 -32.45 0.28
C GLN A 130 -11.02 -30.97 0.55
N MET A 131 -11.22 -30.64 1.83
CA MET A 131 -11.74 -29.30 2.15
C MET A 131 -10.59 -28.30 2.31
N PRO A 132 -10.80 -27.06 1.87
CA PRO A 132 -9.75 -26.04 1.95
C PRO A 132 -9.74 -25.27 3.25
N TYR A 133 -8.53 -24.89 3.65
CA TYR A 133 -8.32 -23.97 4.77
C TYR A 133 -8.62 -22.54 4.31
N GLN A 134 -9.33 -21.79 5.14
CA GLN A 134 -9.90 -20.53 4.68
C GLN A 134 -9.64 -19.38 5.64
N PRO A 135 -9.50 -18.17 5.13
CA PRO A 135 -9.20 -17.02 6.00
C PRO A 135 -10.39 -16.61 6.84
N LEU A 136 -10.09 -15.97 7.97
CA LEU A 136 -11.13 -15.50 8.87
C LEU A 136 -11.62 -14.12 8.46
N GLY A 137 -10.70 -13.20 8.19
CA GLY A 137 -11.08 -11.86 7.81
C GLY A 137 -9.94 -10.89 8.05
N ASP A 138 -10.20 -9.63 7.72
CA ASP A 138 -9.21 -8.57 7.82
C ASP A 138 -9.67 -7.52 8.82
N LEU A 139 -8.76 -7.10 9.68
CA LEU A 139 -8.96 -5.93 10.52
C LEU A 139 -8.49 -4.70 9.75
N LEU A 140 -9.34 -3.69 9.67
CA LEU A 140 -9.04 -2.46 8.93
C LEU A 140 -8.81 -1.33 9.91
N LEU A 141 -7.61 -0.74 9.87
CA LEU A 141 -7.24 0.38 10.71
C LEU A 141 -6.96 1.58 9.79
N ASP A 142 -7.89 2.53 9.77
CA ASP A 142 -7.83 3.66 8.85
C ASP A 142 -7.70 4.94 9.66
N PHE A 143 -6.52 5.56 9.61
CA PHE A 143 -6.18 6.68 10.47
C PHE A 143 -6.58 8.00 9.82
N ASP A 144 -6.74 9.02 10.65
CA ASP A 144 -7.26 10.29 10.16
C ASP A 144 -6.18 11.24 9.63
N ARG A 145 -4.90 10.96 9.89
CA ARG A 145 -3.81 11.82 9.42
C ARG A 145 -2.53 11.03 9.21
N ALA A 146 -1.79 11.39 8.16
CA ALA A 146 -0.45 10.87 7.87
C ALA A 146 0.34 11.96 7.15
N ASP A 147 0.64 13.03 7.87
CA ASP A 147 1.16 14.26 7.28
C ASP A 147 2.67 14.30 7.39
N GLY A 148 3.34 14.60 6.27
CA GLY A 148 4.79 14.71 6.23
C GLY A 148 5.52 13.54 6.83
N ILE A 149 5.43 12.38 6.18
CA ILE A 149 5.92 11.12 6.74
C ILE A 149 7.41 11.00 6.43
N SER A 150 8.18 10.61 7.45
CA SER A 150 9.61 10.39 7.28
C SER A 150 10.05 9.26 8.21
N ASP A 151 11.25 8.74 7.95
CA ASP A 151 11.91 7.80 8.84
C ASP A 151 11.10 6.51 9.01
N TYR A 152 10.50 6.04 7.92
CA TYR A 152 9.65 4.87 7.98
C TYR A 152 10.46 3.59 8.16
N ARG A 153 9.94 2.68 8.97
CA ARG A 153 10.53 1.36 9.15
C ARG A 153 9.44 0.41 9.63
N ARG A 154 9.28 -0.71 8.94
CA ARG A 154 8.44 -1.79 9.40
C ARG A 154 9.30 -3.03 9.60
N GLN A 155 9.03 -3.78 10.67
CA GLN A 155 9.93 -4.85 11.05
C GLN A 155 9.16 -5.98 11.73
N LEU A 156 9.81 -7.15 11.76
CA LEU A 156 9.37 -8.29 12.55
C LEU A 156 10.57 -8.84 13.30
N ASP A 157 10.48 -8.88 14.63
CA ASP A 157 11.56 -9.38 15.47
C ASP A 157 11.25 -10.81 15.86
N LEU A 158 12.11 -11.75 15.44
CA LEU A 158 11.88 -13.16 15.75
C LEU A 158 12.02 -13.44 17.24
N ASP A 159 12.87 -12.69 17.94
CA ASP A 159 13.04 -12.91 19.37
C ASP A 159 11.85 -12.42 20.20
N THR A 160 11.02 -11.54 19.65
CA THR A 160 9.87 -11.04 20.37
C THR A 160 8.53 -11.40 19.74
N ALA A 161 8.52 -11.85 18.48
CA ALA A 161 7.29 -12.18 17.76
C ALA A 161 6.35 -10.99 17.70
N VAL A 162 6.92 -9.80 17.52
CA VAL A 162 6.15 -8.57 17.39
C VAL A 162 6.42 -7.98 16.01
N ALA A 163 5.36 -7.54 15.34
CA ALA A 163 5.46 -6.79 14.10
C ALA A 163 5.29 -5.31 14.41
N THR A 164 6.34 -4.53 14.19
CA THR A 164 6.37 -3.13 14.56
C THR A 164 6.55 -2.27 13.33
N THR A 165 5.69 -1.26 13.17
CA THR A 165 5.84 -0.24 12.14
C THR A 165 5.94 1.11 12.81
N THR A 166 6.98 1.87 12.45
CA THR A 166 7.28 3.15 13.06
C THR A 166 7.56 4.18 11.97
N PHE A 167 7.17 5.41 12.23
CA PHE A 167 7.49 6.52 11.34
C PHE A 167 7.30 7.83 12.10
N ARG A 168 7.83 8.90 11.52
CA ARG A 168 7.73 10.23 12.10
C ARG A 168 6.80 11.09 11.25
N SER A 169 5.80 11.67 11.89
CA SER A 169 4.90 12.65 11.26
C SER A 169 5.15 13.99 11.92
N GLY A 170 5.63 14.96 11.14
CA GLY A 170 6.01 16.24 11.71
C GLY A 170 7.13 16.02 12.70
N GLY A 171 6.87 16.32 13.97
CA GLY A 171 7.80 16.08 15.05
C GLY A 171 7.40 14.97 16.00
N ALA A 172 6.37 14.19 15.68
CA ALA A 172 5.90 13.12 16.54
C ALA A 172 6.24 11.76 15.94
N VAL A 173 6.46 10.79 16.83
CA VAL A 173 6.78 9.42 16.44
C VAL A 173 5.52 8.58 16.61
N HIS A 174 5.12 7.91 15.54
CA HIS A 174 3.98 6.99 15.58
C HIS A 174 4.50 5.56 15.48
N ARG A 175 3.89 4.67 16.27
CA ARG A 175 4.29 3.27 16.29
C ARG A 175 3.06 2.39 16.41
N ARG A 176 3.09 1.27 15.69
CA ARG A 176 2.03 0.27 15.75
C ARG A 176 2.68 -1.10 15.92
N GLU A 177 2.22 -1.85 16.92
CA GLU A 177 2.78 -3.15 17.25
C GLU A 177 1.68 -4.20 17.28
N VAL A 178 1.99 -5.38 16.73
CA VAL A 178 1.03 -6.48 16.65
C VAL A 178 1.74 -7.77 17.07
N PHE A 179 1.13 -8.50 17.99
CA PHE A 179 1.61 -9.83 18.35
C PHE A 179 0.42 -10.66 18.82
N VAL A 180 0.63 -11.98 18.86
CA VAL A 180 -0.40 -12.93 19.24
C VAL A 180 0.12 -13.73 20.43
N CYS A 181 -0.53 -13.58 21.58
CA CYS A 181 -0.08 -14.22 22.81
C CYS A 181 -0.70 -15.60 22.95
N ALA A 182 0.12 -16.57 23.34
CA ALA A 182 -0.35 -17.93 23.56
C ALA A 182 -0.97 -18.12 24.94
N GLN A 183 -0.67 -17.23 25.89
CA GLN A 183 -1.21 -17.36 27.23
C GLN A 183 -2.61 -16.74 27.32
N ALA A 184 -2.73 -15.46 26.98
CA ALA A 184 -4.03 -14.80 26.93
C ALA A 184 -4.87 -15.23 25.74
N GLN A 185 -4.27 -15.88 24.74
CA GLN A 185 -4.97 -16.35 23.55
C GLN A 185 -5.67 -15.19 22.83
N CYS A 186 -4.91 -14.12 22.62
CA CYS A 186 -5.44 -12.91 21.99
C CYS A 186 -4.42 -12.32 21.04
N ILE A 187 -4.92 -11.68 19.99
CA ILE A 187 -4.11 -10.75 19.21
C ILE A 187 -4.09 -9.42 19.95
N VAL A 188 -2.90 -8.87 20.16
CA VAL A 188 -2.73 -7.58 20.81
C VAL A 188 -2.20 -6.58 19.78
N VAL A 189 -2.90 -5.47 19.63
CA VAL A 189 -2.52 -4.40 18.72
C VAL A 189 -2.36 -3.13 19.55
N ARG A 190 -1.18 -2.52 19.49
CA ARG A 190 -0.91 -1.30 20.24
C ARG A 190 -0.62 -0.17 19.26
N LEU A 191 -1.41 0.90 19.36
CA LEU A 191 -1.22 2.11 18.56
C LEU A 191 -0.74 3.21 19.51
N SER A 192 0.49 3.66 19.32
CA SER A 192 1.13 4.61 20.24
C SER A 192 1.66 5.81 19.47
N CYS A 193 1.88 6.89 20.21
CA CYS A 193 2.46 8.12 19.66
C CYS A 193 3.07 8.92 20.80
N ASP A 194 4.25 9.49 20.54
CA ASP A 194 5.01 10.15 21.60
C ASP A 194 4.50 11.55 21.93
N ARG A 195 3.41 12.00 21.32
CA ARG A 195 2.73 13.23 21.67
C ARG A 195 1.31 12.93 22.15
N PRO A 196 0.76 13.74 23.05
CA PRO A 196 -0.59 13.47 23.55
C PRO A 196 -1.64 13.62 22.45
N GLY A 197 -2.68 12.81 22.55
CA GLY A 197 -3.84 12.92 21.69
C GLY A 197 -3.56 12.76 20.21
N GLY A 198 -2.72 11.80 19.85
CA GLY A 198 -2.32 11.61 18.46
C GLY A 198 -2.88 10.39 17.75
N ILE A 199 -3.83 9.68 18.35
CA ILE A 199 -4.35 8.44 17.79
C ILE A 199 -5.82 8.68 17.43
N SER A 200 -6.08 8.83 16.13
CA SER A 200 -7.43 9.02 15.63
C SER A 200 -7.62 8.14 14.40
N LEU A 201 -8.60 7.23 14.44
CA LEU A 201 -8.79 6.26 13.37
C LEU A 201 -10.17 5.65 13.52
N ARG A 202 -10.50 4.77 12.57
CA ARG A 202 -11.67 3.90 12.68
C ARG A 202 -11.24 2.46 12.46
N VAL A 203 -11.95 1.55 13.13
CA VAL A 203 -11.59 0.13 13.16
C VAL A 203 -12.75 -0.66 12.58
N GLY A 204 -12.48 -1.41 11.50
CA GLY A 204 -13.52 -2.15 10.81
C GLY A 204 -13.11 -3.60 10.61
N ILE A 205 -14.09 -4.38 10.15
CA ILE A 205 -13.91 -5.80 9.87
C ILE A 205 -14.44 -6.09 8.47
N ASP A 206 -13.65 -6.76 7.66
CA ASP A 206 -14.00 -7.12 6.30
C ASP A 206 -13.58 -8.56 6.06
N SER A 207 -14.45 -9.36 5.46
CA SER A 207 -14.17 -10.79 5.32
C SER A 207 -14.88 -11.35 4.11
N PRO A 208 -14.29 -12.34 3.44
CA PRO A 208 -15.01 -13.10 2.42
C PRO A 208 -15.90 -14.20 2.99
N GLN A 209 -15.89 -14.39 4.30
CA GLN A 209 -16.78 -15.34 4.95
C GLN A 209 -18.14 -14.69 5.20
N THR A 210 -19.19 -15.51 5.19
CA THR A 210 -20.52 -15.02 5.47
C THR A 210 -20.69 -14.74 6.96
N GLY A 211 -21.76 -14.04 7.30
CA GLY A 211 -22.08 -13.71 8.66
C GLY A 211 -22.54 -12.27 8.76
N GLU A 212 -22.60 -11.77 10.00
CA GLU A 212 -23.00 -10.39 10.25
C GLU A 212 -22.11 -9.80 11.34
N VAL A 213 -21.77 -8.52 11.17
CA VAL A 213 -20.96 -7.78 12.12
C VAL A 213 -21.86 -6.86 12.91
N THR A 214 -21.74 -6.88 14.24
CA THR A 214 -22.45 -5.96 15.10
C THR A 214 -21.45 -5.05 15.79
N ALA A 215 -21.86 -3.81 16.03
CA ALA A 215 -20.93 -2.78 16.49
C ALA A 215 -21.53 -1.98 17.64
N GLU A 216 -20.72 -1.80 18.68
CA GLU A 216 -21.03 -0.97 19.84
C GLU A 216 -19.83 -0.09 20.14
N PRO A 217 -19.99 0.93 20.96
CA PRO A 217 -18.80 1.59 21.52
C PRO A 217 -17.92 0.62 22.31
N GLY A 218 -18.50 -0.44 22.85
CA GLY A 218 -17.78 -1.42 23.64
C GLY A 218 -16.99 -2.44 22.85
N GLY A 219 -17.21 -2.55 21.55
CA GLY A 219 -16.42 -3.46 20.74
C GLY A 219 -17.20 -3.96 19.53
N LEU A 220 -16.54 -4.85 18.80
CA LEU A 220 -17.09 -5.44 17.58
C LEU A 220 -17.22 -6.95 17.75
N LEU A 221 -18.21 -7.52 17.04
CA LEU A 221 -18.38 -8.96 16.97
C LEU A 221 -18.70 -9.34 15.53
N PHE A 222 -18.00 -10.34 15.02
CA PHE A 222 -18.25 -10.91 13.71
C PHE A 222 -18.56 -12.40 13.89
N SER A 223 -19.82 -12.77 13.70
CA SER A 223 -20.27 -14.14 13.87
C SER A 223 -20.90 -14.63 12.58
N GLY A 224 -20.55 -15.85 12.19
CA GLY A 224 -21.11 -16.41 10.97
C GLY A 224 -20.82 -17.89 10.87
N ARG A 225 -21.15 -18.45 9.71
CA ARG A 225 -20.93 -19.85 9.40
C ARG A 225 -20.03 -19.97 8.18
N ASN A 226 -19.31 -21.08 8.10
CA ASN A 226 -18.47 -21.34 6.94
C ASN A 226 -19.35 -21.74 5.75
N GLY A 227 -18.70 -21.97 4.60
CA GLY A 227 -19.38 -22.35 3.39
C GLY A 227 -19.09 -23.78 2.98
N SER A 228 -19.72 -24.18 1.88
CA SER A 228 -19.59 -25.53 1.37
C SER A 228 -18.49 -25.62 0.31
N PHE A 229 -18.02 -26.83 0.08
CA PHE A 229 -17.01 -27.10 -0.94
C PHE A 229 -17.16 -28.53 -1.42
N ALA A 230 -17.21 -28.71 -2.73
CA ALA A 230 -17.28 -30.02 -3.37
C ALA A 230 -18.45 -30.85 -2.83
N GLY A 231 -19.61 -30.19 -2.69
CA GLY A 231 -20.81 -30.85 -2.26
C GLY A 231 -20.93 -31.10 -0.76
N ILE A 232 -19.91 -30.76 0.02
CA ILE A 232 -19.94 -30.95 1.47
C ILE A 232 -20.36 -29.64 2.12
N GLU A 233 -21.51 -29.66 2.79
CA GLU A 233 -22.07 -28.47 3.40
C GLU A 233 -21.18 -27.93 4.51
N GLY A 234 -21.24 -26.61 4.72
CA GLY A 234 -20.51 -25.98 5.78
C GLY A 234 -21.24 -26.05 7.11
N ARG A 235 -20.64 -26.75 8.09
CA ARG A 235 -21.28 -26.97 9.37
C ARG A 235 -20.53 -26.33 10.54
N LEU A 236 -19.57 -25.46 10.26
CA LEU A 236 -18.84 -24.76 11.30
C LEU A 236 -19.43 -23.37 11.52
N ARG A 237 -19.33 -22.91 12.77
CA ARG A 237 -19.63 -21.53 13.13
C ARG A 237 -18.36 -20.89 13.69
N PHE A 238 -18.19 -19.60 13.42
CA PHE A 238 -17.00 -18.88 13.87
C PHE A 238 -17.40 -17.56 14.52
N ALA A 239 -16.48 -17.02 15.31
CA ALA A 239 -16.69 -15.76 16.01
C ALA A 239 -15.37 -14.99 16.04
N LEU A 240 -15.45 -13.68 15.80
CA LEU A 240 -14.31 -12.78 15.89
C LEU A 240 -14.74 -11.56 16.68
N ARG A 241 -14.07 -11.32 17.81
CA ARG A 241 -14.40 -10.22 18.70
C ARG A 241 -13.25 -9.24 18.79
N VAL A 242 -13.59 -7.96 18.85
CA VAL A 242 -12.61 -6.87 18.97
C VAL A 242 -12.97 -6.02 20.17
N LEU A 243 -12.06 -5.94 21.14
CA LEU A 243 -12.29 -5.17 22.36
C LEU A 243 -11.33 -3.99 22.38
N PRO A 244 -11.82 -2.74 22.32
CA PRO A 244 -10.92 -1.59 22.40
C PRO A 244 -10.63 -1.16 23.83
N GLN A 245 -9.40 -0.70 24.02
CA GLN A 245 -8.93 -0.15 25.30
C GLN A 245 -8.28 1.20 24.98
N VAL A 246 -8.99 2.29 25.26
CA VAL A 246 -8.62 3.61 24.81
C VAL A 246 -8.22 4.46 26.00
N SER A 247 -7.00 4.99 25.96
CA SER A 247 -6.50 5.93 26.95
C SER A 247 -6.65 7.34 26.39
N GLY A 248 -7.52 8.13 27.00
CA GLY A 248 -7.80 9.46 26.51
C GLY A 248 -8.72 9.45 25.30
N GLY A 249 -8.85 10.62 24.70
CA GLY A 249 -9.66 10.76 23.50
C GLY A 249 -11.14 10.45 23.73
N LYS A 250 -11.82 10.18 22.62
CA LYS A 250 -13.24 9.85 22.63
C LYS A 250 -13.46 8.57 21.84
N LEU A 251 -14.25 7.66 22.39
CA LEU A 251 -14.49 6.34 21.80
C LEU A 251 -15.95 6.23 21.42
N SER A 252 -16.22 6.06 20.12
CA SER A 252 -17.58 6.05 19.60
C SER A 252 -17.73 4.90 18.61
N GLN A 253 -18.95 4.76 18.09
CA GLN A 253 -19.26 3.75 17.08
C GLN A 253 -20.05 4.39 15.95
N VAL A 254 -19.56 4.22 14.72
CA VAL A 254 -20.24 4.71 13.52
C VAL A 254 -20.35 3.55 12.54
N ARG A 255 -21.58 3.24 12.13
CA ARG A 255 -21.86 2.15 11.18
C ARG A 255 -21.31 0.86 11.77
N ASP A 256 -20.55 0.06 11.03
CA ASP A 256 -20.00 -1.19 11.52
C ASP A 256 -18.61 -1.04 12.12
N ARG A 257 -18.22 0.18 12.46
CA ARG A 257 -16.84 0.46 12.85
C ARG A 257 -16.78 1.20 14.17
N LEU A 258 -15.66 1.03 14.87
CA LEU A 258 -15.32 1.86 16.01
C LEU A 258 -14.67 3.15 15.54
N ARG A 259 -14.88 4.22 16.29
CA ARG A 259 -14.28 5.52 15.99
C ARG A 259 -13.56 6.02 17.23
N ILE A 260 -12.28 6.34 17.09
CA ILE A 260 -11.46 6.86 18.17
C ILE A 260 -10.90 8.20 17.74
N ASP A 261 -11.11 9.23 18.55
CA ASP A 261 -10.71 10.59 18.22
C ASP A 261 -9.76 11.12 19.27
N ALA A 262 -8.52 11.41 18.86
CA ALA A 262 -7.55 12.16 19.66
C ALA A 262 -7.20 11.46 20.97
N ALA A 263 -6.91 10.16 20.87
CA ALA A 263 -6.52 9.38 22.03
C ALA A 263 -5.00 9.45 22.25
N ASP A 264 -4.60 9.19 23.49
CA ASP A 264 -3.17 9.09 23.80
C ASP A 264 -2.59 7.76 23.34
N GLU A 265 -3.36 6.69 23.51
CA GLU A 265 -2.89 5.34 23.21
C GLU A 265 -4.11 4.44 23.03
N VAL A 266 -3.98 3.46 22.13
CA VAL A 266 -5.06 2.52 21.85
C VAL A 266 -4.48 1.11 21.86
N VAL A 267 -5.15 0.20 22.57
CA VAL A 267 -4.84 -1.22 22.53
C VAL A 267 -6.11 -1.95 22.10
N LEU A 268 -6.01 -2.72 21.01
CA LEU A 268 -7.09 -3.56 20.55
C LEU A 268 -6.80 -5.00 20.92
N LEU A 269 -7.76 -5.66 21.55
CA LEU A 269 -7.68 -7.08 21.86
C LEU A 269 -8.61 -7.85 20.93
N LEU A 270 -8.12 -8.93 20.35
CA LEU A 270 -8.87 -9.72 19.38
C LEU A 270 -8.81 -11.19 19.76
N SER A 271 -9.98 -11.83 19.77
CA SER A 271 -10.07 -13.27 20.01
C SER A 271 -10.94 -13.88 18.92
N ALA A 272 -10.72 -15.17 18.65
CA ALA A 272 -11.43 -15.85 17.59
C ALA A 272 -11.42 -17.36 17.86
N ALA A 273 -12.46 -18.04 17.38
CA ALA A 273 -12.57 -19.48 17.54
C ALA A 273 -13.68 -19.98 16.62
N THR A 274 -13.78 -21.31 16.51
CA THR A 274 -14.84 -21.98 15.77
C THR A 274 -15.56 -22.95 16.70
N SER A 275 -16.61 -23.58 16.17
CA SER A 275 -17.33 -24.63 16.89
C SER A 275 -16.68 -26.00 16.74
N TYR A 276 -15.54 -26.07 16.06
CA TYR A 276 -14.88 -27.35 15.80
C TYR A 276 -14.39 -27.96 17.11
N GLN A 277 -14.68 -29.26 17.29
CA GLN A 277 -14.22 -30.01 18.46
C GLN A 277 -13.33 -31.18 18.07
N ARG A 278 -13.74 -31.96 17.07
CA ARG A 278 -12.89 -32.97 16.44
C ARG A 278 -13.48 -33.26 15.06
N PHE A 279 -12.92 -34.26 14.38
CA PHE A 279 -13.33 -34.52 13.00
C PHE A 279 -14.80 -34.92 12.89
N ASP A 280 -15.40 -35.42 13.98
CA ASP A 280 -16.80 -35.82 13.96
C ASP A 280 -17.67 -35.03 14.93
N ALA A 281 -17.20 -33.90 15.44
CA ALA A 281 -17.95 -33.11 16.41
C ALA A 281 -17.73 -31.63 16.13
N VAL A 282 -18.84 -30.91 15.90
CA VAL A 282 -18.77 -29.48 15.57
C VAL A 282 -19.75 -28.71 16.45
N ASP A 283 -19.73 -28.98 17.76
CA ASP A 283 -20.70 -28.41 18.69
C ASP A 283 -20.04 -27.46 19.69
N GLY A 284 -18.94 -26.82 19.31
CA GLY A 284 -18.31 -25.87 20.20
C GLY A 284 -19.10 -24.58 20.34
N ASP A 285 -18.61 -23.71 21.23
CA ASP A 285 -19.24 -22.43 21.53
C ASP A 285 -18.22 -21.33 21.32
N PRO A 286 -17.95 -20.94 20.07
CA PRO A 286 -16.98 -19.87 19.82
C PRO A 286 -17.43 -18.52 20.36
N LEU A 287 -18.73 -18.26 20.41
CA LEU A 287 -19.21 -16.99 20.96
C LEU A 287 -18.79 -16.82 22.41
N ALA A 288 -18.94 -17.88 23.21
CA ALA A 288 -18.56 -17.81 24.62
C ALA A 288 -17.05 -17.89 24.82
N LEU A 289 -16.36 -18.66 23.98
CA LEU A 289 -14.91 -18.80 24.13
C LEU A 289 -14.21 -17.47 23.91
N THR A 290 -14.59 -16.75 22.86
CA THR A 290 -13.96 -15.46 22.56
C THR A 290 -14.28 -14.42 23.63
N ALA A 291 -15.50 -14.47 24.17
CA ALA A 291 -15.89 -13.51 25.20
C ALA A 291 -15.13 -13.78 26.50
N ALA A 292 -14.96 -15.06 26.85
CA ALA A 292 -14.25 -15.40 28.08
C ALA A 292 -12.77 -15.06 27.98
N ARG A 293 -12.18 -15.24 26.80
CA ARG A 293 -10.78 -14.88 26.62
C ARG A 293 -10.57 -13.37 26.70
N LEU A 294 -11.52 -12.60 26.17
CA LEU A 294 -11.38 -11.14 26.15
C LEU A 294 -11.48 -10.56 27.55
N ARG A 295 -12.52 -10.94 28.30
CA ARG A 295 -12.71 -10.38 29.63
C ARG A 295 -11.61 -10.80 30.59
N LYS A 296 -11.02 -11.98 30.37
CA LYS A 296 -9.88 -12.40 31.18
C LYS A 296 -8.66 -11.54 30.87
N ALA A 297 -8.39 -11.31 29.59
CA ALA A 297 -7.21 -10.53 29.20
C ALA A 297 -7.38 -9.05 29.51
N ALA A 298 -8.62 -8.55 29.50
CA ALA A 298 -8.85 -7.13 29.76
C ALA A 298 -8.53 -6.73 31.18
N LYS A 299 -8.45 -7.69 32.11
CA LYS A 299 -8.11 -7.37 33.50
C LYS A 299 -6.65 -7.00 33.68
N LEU A 300 -5.82 -7.15 32.65
CA LEU A 300 -4.38 -6.93 32.78
C LEU A 300 -3.96 -5.67 32.04
N ASP A 301 -2.75 -5.22 32.37
CA ASP A 301 -2.12 -4.07 31.74
C ASP A 301 -1.33 -4.50 30.51
N PHE A 302 -1.04 -3.55 29.63
CA PHE A 302 -0.25 -3.89 28.45
C PHE A 302 1.16 -4.35 28.80
N PRO A 303 1.90 -3.71 29.72
CA PRO A 303 3.20 -4.30 30.12
C PRO A 303 3.05 -5.69 30.69
N ALA A 304 1.96 -5.97 31.40
CA ALA A 304 1.74 -7.31 31.92
C ALA A 304 1.41 -8.29 30.80
N LEU A 305 0.61 -7.86 29.83
CA LEU A 305 0.35 -8.69 28.65
C LEU A 305 1.65 -8.98 27.90
N LEU A 306 2.46 -7.93 27.67
CA LEU A 306 3.70 -8.11 26.91
C LEU A 306 4.69 -8.98 27.67
N ARG A 307 4.81 -8.79 28.98
CA ARG A 307 5.73 -9.61 29.78
C ARG A 307 5.36 -11.08 29.69
N ALA A 308 4.07 -11.39 29.81
CA ALA A 308 3.63 -12.78 29.74
C ALA A 308 3.88 -13.37 28.36
N HIS A 309 3.60 -12.61 27.30
CA HIS A 309 3.83 -13.12 25.94
C HIS A 309 5.32 -13.33 25.69
N LEU A 310 6.15 -12.36 26.07
CA LEU A 310 7.58 -12.48 25.84
C LEU A 310 8.17 -13.68 26.58
N ALA A 311 7.70 -13.93 27.80
CA ALA A 311 8.20 -15.07 28.57
C ALA A 311 7.86 -16.39 27.88
N ASP A 312 6.63 -16.52 27.40
CA ASP A 312 6.20 -17.79 26.79
C ASP A 312 6.90 -18.02 25.46
N HIS A 313 7.00 -16.97 24.63
CA HIS A 313 7.61 -17.16 23.30
C HIS A 313 9.11 -17.41 23.42
N GLN A 314 9.81 -16.63 24.24
CA GLN A 314 11.25 -16.78 24.36
C GLN A 314 11.64 -18.03 25.13
N ARG A 315 10.72 -18.63 25.87
CA ARG A 315 10.98 -19.92 26.50
C ARG A 315 11.24 -21.00 25.45
N LEU A 316 10.63 -20.87 24.28
CA LEU A 316 10.85 -21.81 23.19
C LEU A 316 11.89 -21.31 22.19
N PHE A 317 11.84 -20.02 21.84
CA PHE A 317 12.67 -19.52 20.75
C PHE A 317 14.15 -19.45 21.15
N ARG A 318 14.43 -19.09 22.40
CA ARG A 318 15.81 -18.85 22.83
C ARG A 318 16.56 -20.12 23.22
N ARG A 319 15.99 -21.30 22.96
CA ARG A 319 16.69 -22.54 23.28
C ARG A 319 17.88 -22.78 22.36
N VAL A 320 17.85 -22.23 21.15
CA VAL A 320 18.86 -22.48 20.13
C VAL A 320 19.44 -21.16 19.66
N ALA A 321 20.77 -21.11 19.55
CA ALA A 321 21.48 -19.96 18.99
C ALA A 321 22.38 -20.45 17.87
N ILE A 322 22.41 -19.69 16.77
CA ILE A 322 23.24 -20.04 15.62
C ILE A 322 23.94 -18.79 15.12
N ASP A 323 25.21 -18.93 14.78
CA ASP A 323 26.05 -17.82 14.34
C ASP A 323 26.90 -18.32 13.18
N LEU A 324 26.66 -17.78 11.99
CA LEU A 324 27.36 -18.21 10.78
C LEU A 324 28.28 -17.13 10.23
N GLY A 325 28.46 -16.04 10.94
CA GLY A 325 29.24 -14.90 10.47
C GLY A 325 28.37 -13.66 10.32
N SER A 326 29.06 -12.54 10.14
CA SER A 326 28.41 -11.24 10.02
C SER A 326 29.10 -10.41 8.95
N SER A 327 28.43 -9.34 8.55
CA SER A 327 28.95 -8.40 7.55
C SER A 327 28.08 -7.15 7.62
N GLU A 328 28.46 -6.14 6.83
CA GLU A 328 27.66 -4.92 6.75
C GLU A 328 26.28 -5.16 6.16
N ALA A 329 26.09 -6.29 5.47
CA ALA A 329 24.83 -6.57 4.79
C ALA A 329 23.67 -6.72 5.77
N VAL A 330 23.94 -6.93 7.06
CA VAL A 330 22.88 -6.98 8.05
C VAL A 330 22.16 -5.65 8.15
N GLN A 331 22.78 -4.56 7.72
CA GLN A 331 22.14 -3.25 7.71
C GLN A 331 21.12 -3.08 6.60
N LEU A 332 21.15 -3.96 5.58
CA LEU A 332 20.27 -3.81 4.43
C LEU A 332 18.86 -4.30 4.76
N PRO A 333 17.84 -3.76 4.09
CA PRO A 333 16.50 -4.31 4.23
C PRO A 333 16.44 -5.75 3.73
N THR A 334 15.52 -6.53 4.30
CA THR A 334 15.50 -7.97 4.07
C THR A 334 15.23 -8.30 2.61
N ASP A 335 14.38 -7.50 1.94
CA ASP A 335 14.10 -7.77 0.54
C ASP A 335 15.35 -7.64 -0.32
N GLU A 336 16.17 -6.64 -0.05
CA GLU A 336 17.41 -6.46 -0.81
C GLU A 336 18.41 -7.56 -0.50
N ARG A 337 18.43 -8.05 0.75
CA ARG A 337 19.36 -9.11 1.12
C ARG A 337 19.08 -10.38 0.33
N VAL A 338 17.81 -10.70 0.10
CA VAL A 338 17.45 -11.87 -0.69
C VAL A 338 17.95 -11.72 -2.13
N GLN A 339 17.82 -10.51 -2.67
CA GLN A 339 18.28 -10.27 -4.04
C GLN A 339 19.80 -10.31 -4.15
N ARG A 340 20.52 -9.99 -3.07
CA ARG A 340 21.97 -9.87 -3.12
C ARG A 340 22.69 -10.99 -2.40
N PHE A 341 21.97 -12.04 -1.98
CA PHE A 341 22.59 -13.14 -1.25
C PHE A 341 23.61 -13.89 -2.10
N ALA A 342 23.40 -13.92 -3.43
CA ALA A 342 24.33 -14.62 -4.31
C ALA A 342 25.69 -13.94 -4.37
N GLU A 343 25.80 -12.70 -3.91
CA GLU A 343 27.08 -12.01 -3.92
C GLU A 343 28.09 -12.62 -2.95
N GLY A 344 27.62 -13.42 -2.00
CA GLY A 344 28.52 -14.08 -1.07
C GLY A 344 29.04 -13.22 0.05
N ASN A 345 28.40 -12.09 0.35
CA ASN A 345 28.84 -11.17 1.38
C ASN A 345 27.84 -11.06 2.53
N ASP A 346 26.90 -12.00 2.64
CA ASP A 346 25.86 -11.96 3.66
C ASP A 346 25.64 -13.36 4.22
N PRO A 347 26.59 -13.86 5.03
CA PRO A 347 26.41 -15.20 5.60
C PRO A 347 25.35 -15.24 6.68
N ALA A 348 25.07 -14.11 7.34
CA ALA A 348 24.09 -14.10 8.42
C ALA A 348 22.66 -14.31 7.93
N LEU A 349 22.41 -14.11 6.62
CA LEU A 349 21.07 -14.35 6.10
C LEU A 349 20.67 -15.81 6.25
N ALA A 350 21.62 -16.73 6.11
CA ALA A 350 21.31 -18.14 6.31
C ALA A 350 20.89 -18.42 7.74
N ALA A 351 21.57 -17.80 8.71
CA ALA A 351 21.19 -17.97 10.10
C ALA A 351 19.82 -17.35 10.39
N LEU A 352 19.54 -16.19 9.78
CA LEU A 352 18.21 -15.60 9.91
C LEU A 352 17.15 -16.50 9.30
N TYR A 353 17.44 -17.09 8.13
CA TYR A 353 16.52 -18.03 7.50
C TYR A 353 16.29 -19.24 8.39
N HIS A 354 17.37 -19.78 8.98
CA HIS A 354 17.23 -20.92 9.87
C HIS A 354 16.31 -20.62 11.04
N GLN A 355 16.53 -19.48 11.70
CA GLN A 355 15.70 -19.13 12.85
C GLN A 355 14.28 -18.75 12.44
N TYR A 356 14.10 -18.28 11.20
CA TYR A 356 12.76 -18.03 10.70
C TYR A 356 11.93 -19.31 10.71
N GLY A 357 12.54 -20.44 10.36
CA GLY A 357 11.83 -21.70 10.39
C GLY A 357 11.44 -22.11 11.80
N ARG A 358 12.34 -21.91 12.76
CA ARG A 358 11.98 -22.17 14.15
C ARG A 358 10.86 -21.25 14.61
N TYR A 359 10.93 -19.97 14.22
CA TYR A 359 9.87 -19.02 14.53
C TYR A 359 8.54 -19.47 13.95
N LEU A 360 8.53 -19.94 12.71
CA LEU A 360 7.28 -20.29 12.04
C LEU A 360 6.65 -21.53 12.67
N LEU A 361 7.45 -22.48 13.11
CA LEU A 361 6.90 -23.65 13.78
C LEU A 361 6.30 -23.28 15.13
N ILE A 362 6.99 -22.44 15.89
CA ILE A 362 6.46 -21.98 17.17
C ILE A 362 5.14 -21.26 16.97
N CYS A 363 5.04 -20.45 15.92
CA CYS A 363 3.88 -19.61 15.70
C CYS A 363 2.77 -20.31 14.93
N SER A 364 2.96 -21.55 14.51
CA SER A 364 1.93 -22.27 13.77
C SER A 364 1.60 -23.65 14.33
N SER A 365 2.29 -24.09 15.39
CA SER A 365 2.05 -25.41 15.93
C SER A 365 2.42 -25.51 17.41
N ARG A 366 1.51 -25.11 18.27
CA ARG A 366 1.64 -25.28 19.71
C ARG A 366 0.76 -26.42 20.19
N PRO A 367 1.06 -27.01 21.35
CA PRO A 367 0.20 -28.07 21.88
C PRO A 367 -1.24 -27.59 22.02
N GLY A 368 -2.18 -28.42 21.57
CA GLY A 368 -3.58 -28.09 21.59
C GLY A 368 -4.10 -27.42 20.32
N THR A 369 -3.22 -27.01 19.43
CA THR A 369 -3.61 -26.39 18.16
C THR A 369 -3.56 -27.42 17.04
N GLN A 370 -3.98 -27.00 15.86
CA GLN A 370 -3.90 -27.86 14.70
C GLN A 370 -2.47 -27.90 14.16
N PRO A 371 -2.09 -28.97 13.47
CA PRO A 371 -0.74 -29.03 12.89
C PRO A 371 -0.56 -27.98 11.80
N ALA A 372 0.70 -27.66 11.53
CA ALA A 372 1.03 -26.72 10.46
C ALA A 372 0.64 -27.30 9.12
N ASN A 373 -0.30 -26.63 8.42
CA ASN A 373 -0.71 -27.10 7.11
C ASN A 373 0.25 -26.61 6.03
N LEU A 374 -0.17 -26.68 4.76
CA LEU A 374 0.71 -26.28 3.67
C LEU A 374 1.21 -24.85 3.79
N GLN A 375 0.47 -23.99 4.48
CA GLN A 375 0.84 -22.58 4.63
C GLN A 375 1.00 -22.19 6.10
N GLY A 376 1.28 -23.14 6.98
CA GLY A 376 1.39 -22.87 8.39
C GLY A 376 0.03 -22.63 9.03
N ILE A 377 -0.29 -21.36 9.27
CA ILE A 377 -1.63 -20.97 9.67
C ILE A 377 -2.04 -19.74 8.87
N TRP A 378 -1.20 -19.31 7.93
CA TRP A 378 -1.37 -18.04 7.25
C TRP A 378 -1.91 -18.27 5.84
N ASN A 379 -3.12 -17.77 5.58
CA ASN A 379 -3.76 -17.96 4.29
C ASN A 379 -4.89 -16.95 4.14
N ASP A 380 -4.93 -16.28 2.99
CA ASP A 380 -5.93 -15.25 2.72
C ASP A 380 -6.88 -15.64 1.58
N LEU A 381 -6.84 -16.88 1.11
CA LEU A 381 -7.61 -17.33 -0.03
C LEU A 381 -8.69 -18.31 0.39
N MET A 382 -9.90 -18.12 -0.13
CA MET A 382 -10.98 -19.07 0.11
C MET A 382 -10.69 -20.40 -0.59
N GLN A 383 -10.07 -20.35 -1.77
CA GLN A 383 -9.69 -21.53 -2.54
C GLN A 383 -8.17 -21.50 -2.73
N PRO A 384 -7.41 -21.86 -1.70
CA PRO A 384 -5.94 -21.78 -1.78
C PRO A 384 -5.38 -22.92 -2.61
N PRO A 385 -4.13 -22.81 -3.04
CA PRO A 385 -3.51 -23.89 -3.81
C PRO A 385 -3.52 -25.21 -3.03
N TRP A 386 -4.04 -26.25 -3.69
CA TRP A 386 -4.14 -27.60 -3.12
C TRP A 386 -4.81 -27.58 -1.74
N GLU A 387 -5.74 -26.65 -1.56
CA GLU A 387 -6.62 -26.53 -0.39
C GLU A 387 -5.87 -26.17 0.89
N SER A 388 -4.57 -25.89 0.81
CA SER A 388 -3.76 -25.54 1.99
C SER A 388 -3.97 -26.52 3.14
N LYS A 389 -4.08 -27.81 2.78
CA LYS A 389 -4.34 -28.85 3.78
C LYS A 389 -3.04 -29.54 4.19
N TYR A 390 -3.07 -30.87 4.29
CA TYR A 390 -1.93 -31.65 4.74
C TYR A 390 -1.61 -32.71 3.69
N THR A 391 -0.61 -32.43 2.85
CA THR A 391 -0.14 -33.40 1.88
C THR A 391 1.01 -34.19 2.50
N ILE A 392 0.80 -35.49 2.67
CA ILE A 392 1.70 -36.29 3.49
C ILE A 392 2.51 -37.27 2.66
N ASN A 393 2.79 -36.93 1.41
CA ASN A 393 3.77 -37.67 0.63
C ASN A 393 5.10 -36.93 0.51
N ILE A 394 5.29 -35.87 1.32
CA ILE A 394 6.58 -35.24 1.60
C ILE A 394 6.36 -34.01 2.48
N ASN A 395 5.30 -33.25 2.20
CA ASN A 395 5.23 -31.86 2.63
C ASN A 395 5.04 -31.73 4.13
N THR A 396 4.03 -32.40 4.70
CA THR A 396 3.81 -32.29 6.14
C THR A 396 4.96 -32.90 6.92
N GLU A 397 5.58 -33.96 6.39
CA GLU A 397 6.79 -34.50 7.00
C GLU A 397 7.89 -33.44 7.07
N MET A 398 8.11 -32.73 5.96
CA MET A 398 9.15 -31.70 5.94
C MET A 398 8.85 -30.59 6.93
N ASN A 399 7.57 -30.27 7.14
CA ASN A 399 7.20 -29.25 8.12
C ASN A 399 7.80 -29.55 9.49
N TYR A 400 7.81 -30.82 9.89
CA TYR A 400 8.20 -31.20 11.24
C TYR A 400 9.58 -31.82 11.31
N TRP A 401 10.29 -31.94 10.19
CA TRP A 401 11.69 -32.37 10.19
C TRP A 401 12.55 -31.62 11.20
N PRO A 402 12.59 -30.28 11.22
CA PRO A 402 13.55 -29.60 12.10
C PRO A 402 13.21 -29.65 13.58
N SER A 403 12.12 -30.32 13.97
CA SER A 403 11.55 -30.13 15.30
C SER A 403 12.53 -30.55 16.41
N GLU A 404 13.08 -31.76 16.31
CA GLU A 404 13.79 -32.33 17.44
C GLU A 404 15.18 -31.71 17.61
N ALA A 405 15.97 -31.65 16.54
CA ALA A 405 17.33 -31.13 16.65
C ALA A 405 17.33 -29.68 17.10
N ASN A 406 16.31 -28.91 16.72
CA ASN A 406 16.22 -27.49 17.07
C ASN A 406 15.42 -27.26 18.35
N ALA A 407 15.25 -28.30 19.18
CA ALA A 407 14.74 -28.15 20.56
C ALA A 407 13.32 -27.63 20.60
N LEU A 408 12.46 -28.14 19.72
CA LEU A 408 11.06 -27.72 19.66
C LEU A 408 10.13 -28.92 19.59
N HIS A 409 10.43 -29.95 20.37
CA HIS A 409 9.63 -31.19 20.32
C HIS A 409 8.20 -30.97 20.78
N GLU A 410 7.95 -29.95 21.60
CA GLU A 410 6.57 -29.68 22.03
C GLU A 410 5.67 -29.35 20.85
N CYS A 411 6.24 -28.76 19.79
CA CYS A 411 5.47 -28.43 18.59
C CYS A 411 5.00 -29.66 17.83
N VAL A 412 5.49 -30.85 18.18
CA VAL A 412 5.07 -32.08 17.51
C VAL A 412 3.70 -32.56 18.01
N GLU A 413 3.30 -32.14 19.21
CA GLU A 413 2.03 -32.56 19.81
C GLU A 413 0.83 -32.52 18.86
N PRO A 414 0.60 -31.46 18.07
CA PRO A 414 -0.53 -31.50 17.13
C PRO A 414 -0.42 -32.61 16.09
N LEU A 415 0.80 -32.93 15.64
CA LEU A 415 0.96 -34.03 14.71
C LEU A 415 0.61 -35.36 15.38
N GLU A 416 1.06 -35.56 16.62
CA GLU A 416 0.69 -36.76 17.36
C GLU A 416 -0.82 -36.85 17.55
N ALA A 417 -1.45 -35.72 17.87
CA ALA A 417 -2.90 -35.71 18.03
C ALA A 417 -3.60 -36.04 16.72
N MET A 418 -3.11 -35.48 15.60
CA MET A 418 -3.68 -35.81 14.31
C MET A 418 -3.50 -37.28 13.98
N LEU A 419 -2.36 -37.86 14.35
CA LEU A 419 -2.11 -39.27 14.10
C LEU A 419 -3.06 -40.16 14.90
N PHE A 420 -3.49 -39.70 16.08
CA PHE A 420 -4.49 -40.45 16.84
C PHE A 420 -5.86 -40.39 16.16
N ASP A 421 -6.18 -39.26 15.53
CA ASP A 421 -7.40 -39.18 14.73
C ASP A 421 -7.32 -40.12 13.54
N LEU A 422 -6.19 -40.09 12.82
CA LEU A 422 -6.05 -40.86 11.59
C LEU A 422 -6.08 -42.36 11.83
N ALA A 423 -5.72 -42.82 13.03
CA ALA A 423 -5.86 -44.24 13.34
C ALA A 423 -7.33 -44.66 13.37
N GLN A 424 -8.22 -43.72 13.69
CA GLN A 424 -9.65 -44.03 13.71
C GLN A 424 -10.24 -44.01 12.31
N THR A 425 -10.11 -42.87 11.60
CA THR A 425 -10.63 -42.79 10.25
C THR A 425 -9.86 -43.70 9.29
N GLY A 426 -8.55 -43.89 9.53
CA GLY A 426 -7.80 -44.82 8.71
C GLY A 426 -8.21 -46.26 8.91
N THR A 427 -8.75 -46.58 10.08
CA THR A 427 -9.31 -47.92 10.29
C THR A 427 -10.55 -48.13 9.43
N HIS A 428 -11.44 -47.13 9.37
CA HIS A 428 -12.60 -47.21 8.49
C HIS A 428 -12.18 -47.34 7.03
N THR A 429 -11.18 -46.54 6.62
CA THR A 429 -10.70 -46.61 5.25
C THR A 429 -10.10 -47.98 4.93
N ALA A 430 -9.34 -48.53 5.88
CA ALA A 430 -8.75 -49.85 5.67
C ALA A 430 -9.81 -50.92 5.51
N ARG A 431 -10.88 -50.83 6.31
CA ARG A 431 -11.94 -51.84 6.25
C ARG A 431 -12.82 -51.65 5.03
N ALA A 432 -13.11 -50.41 4.66
CA ALA A 432 -14.07 -50.15 3.59
C ALA A 432 -13.45 -50.28 2.21
N ILE A 433 -12.17 -49.95 2.06
CA ILE A 433 -11.51 -50.03 0.76
C ILE A 433 -10.86 -51.39 0.56
N TYR A 434 -10.11 -51.86 1.56
CA TYR A 434 -9.28 -53.05 1.41
C TYR A 434 -9.83 -54.28 2.12
N ASP A 435 -10.86 -54.13 2.94
CA ASP A 435 -11.33 -55.20 3.82
C ASP A 435 -10.16 -55.81 4.59
N ALA A 436 -9.38 -54.94 5.20
CA ALA A 436 -8.18 -55.29 5.95
C ALA A 436 -8.23 -54.67 7.33
N PRO A 437 -7.59 -55.28 8.32
CA PRO A 437 -7.52 -54.69 9.66
C PRO A 437 -6.48 -53.57 9.70
N GLY A 438 -6.29 -53.01 10.88
CA GLY A 438 -5.33 -51.93 11.00
C GLY A 438 -5.89 -50.62 10.46
N TRP A 439 -4.98 -49.70 10.16
CA TRP A 439 -5.36 -48.39 9.65
C TRP A 439 -4.39 -47.95 8.56
N VAL A 440 -4.91 -47.18 7.62
CA VAL A 440 -4.16 -46.74 6.45
C VAL A 440 -4.54 -45.30 6.12
N VAL A 441 -3.56 -44.52 5.67
CA VAL A 441 -3.81 -43.19 5.13
C VAL A 441 -3.04 -43.04 3.83
N HIS A 442 -3.61 -42.30 2.89
CA HIS A 442 -2.93 -42.11 1.61
C HIS A 442 -2.16 -40.79 1.63
N ASN A 443 -2.25 -39.98 0.58
CA ASN A 443 -1.29 -38.89 0.44
C ASN A 443 -1.83 -37.52 0.88
N ASN A 444 -3.05 -37.46 1.42
CA ASN A 444 -3.62 -36.16 1.76
C ASN A 444 -4.65 -36.33 2.87
N THR A 445 -4.75 -35.33 3.75
CA THR A 445 -5.80 -35.29 4.75
C THR A 445 -6.16 -33.83 5.02
N ASP A 446 -7.31 -33.63 5.66
CA ASP A 446 -7.76 -32.27 5.99
C ASP A 446 -8.18 -32.16 7.44
N LEU A 447 -8.88 -31.07 7.77
CA LEU A 447 -9.39 -30.88 9.13
C LEU A 447 -10.32 -32.02 9.54
N TRP A 448 -11.01 -32.63 8.57
CA TRP A 448 -11.95 -33.71 8.84
C TRP A 448 -11.30 -35.08 8.78
N ARG A 449 -9.97 -35.11 8.61
CA ARG A 449 -9.16 -36.31 8.85
C ARG A 449 -9.53 -37.46 7.91
N GLN A 450 -9.85 -37.14 6.66
CA GLN A 450 -10.06 -38.17 5.67
C GLN A 450 -8.74 -38.87 5.36
N ALA A 451 -8.84 -40.16 5.02
CA ALA A 451 -7.64 -40.98 4.83
C ALA A 451 -7.64 -41.74 3.50
N GLY A 452 -8.51 -41.37 2.56
CA GLY A 452 -8.56 -42.04 1.28
C GLY A 452 -7.81 -41.29 0.20
N PRO A 453 -7.58 -41.94 -0.94
CA PRO A 453 -6.92 -41.26 -2.05
C PRO A 453 -7.87 -40.32 -2.79
N ILE A 454 -7.31 -39.21 -3.26
CA ILE A 454 -8.10 -38.13 -3.83
C ILE A 454 -7.40 -37.63 -5.10
N ASP A 455 -8.02 -36.65 -5.75
CA ASP A 455 -7.47 -35.94 -6.90
C ASP A 455 -7.28 -36.84 -8.12
N GLY A 456 -6.43 -37.87 -8.00
CA GLY A 456 -6.13 -38.76 -9.10
C GLY A 456 -5.21 -39.89 -8.70
N ALA A 457 -5.38 -41.06 -9.31
CA ALA A 457 -4.60 -42.22 -8.90
C ALA A 457 -3.12 -42.05 -9.21
N GLN A 458 -2.78 -41.29 -10.26
CA GLN A 458 -1.39 -41.10 -10.63
C GLN A 458 -0.64 -40.19 -9.65
N TRP A 459 -1.33 -39.60 -8.67
CA TRP A 459 -0.69 -38.84 -7.62
C TRP A 459 -0.93 -39.39 -6.22
N SER A 460 -2.05 -40.07 -5.99
CA SER A 460 -2.53 -40.32 -4.64
C SER A 460 -2.65 -41.79 -4.26
N LEU A 461 -2.78 -42.71 -5.21
CA LEU A 461 -2.92 -44.12 -4.87
C LEU A 461 -1.63 -44.63 -4.24
N TRP A 462 -1.50 -44.47 -2.93
CA TRP A 462 -0.25 -44.62 -2.21
C TRP A 462 -0.55 -44.77 -0.71
N PRO A 463 -0.38 -45.96 -0.14
CA PRO A 463 -0.91 -46.21 1.22
C PRO A 463 0.10 -45.99 2.34
N MET A 464 1.06 -45.09 2.15
CA MET A 464 2.16 -44.94 3.09
C MET A 464 2.10 -43.64 3.89
N GLY A 465 0.95 -42.96 3.90
CA GLY A 465 0.89 -41.66 4.56
C GLY A 465 1.10 -41.74 6.06
N GLY A 466 0.36 -42.62 6.73
CA GLY A 466 0.52 -42.76 8.16
C GLY A 466 1.88 -43.33 8.55
N VAL A 467 2.43 -44.22 7.72
CA VAL A 467 3.73 -44.82 8.02
C VAL A 467 4.81 -43.75 8.05
N TRP A 468 4.80 -42.83 7.09
CA TRP A 468 5.81 -41.78 7.05
C TRP A 468 5.62 -40.78 8.19
N LEU A 469 4.36 -40.45 8.50
CA LEU A 469 4.10 -39.53 9.60
C LEU A 469 4.52 -40.11 10.94
N LEU A 470 4.46 -41.44 11.08
CA LEU A 470 4.85 -42.07 12.34
C LEU A 470 6.35 -41.95 12.61
N GLN A 471 7.16 -41.72 11.56
CA GLN A 471 8.61 -41.58 11.76
C GLN A 471 8.93 -40.43 12.70
N GLN A 472 8.14 -39.35 12.66
CA GLN A 472 8.36 -38.23 13.57
C GLN A 472 8.15 -38.66 15.02
N LEU A 473 7.18 -39.54 15.26
CA LEU A 473 6.92 -40.01 16.63
C LEU A 473 8.05 -40.89 17.13
N TRP A 474 8.66 -41.68 16.24
CA TRP A 474 9.83 -42.46 16.64
C TRP A 474 11.00 -41.55 17.02
N ASP A 475 11.17 -40.45 16.28
CA ASP A 475 12.21 -39.49 16.64
C ASP A 475 11.92 -38.85 18.00
N ARG A 476 10.64 -38.65 18.33
CA ARG A 476 10.30 -38.18 19.67
C ARG A 476 10.76 -39.18 20.73
N TRP A 477 10.58 -40.47 20.46
CA TRP A 477 11.08 -41.48 21.38
C TRP A 477 12.61 -41.48 21.40
N ASP A 478 13.23 -41.48 20.22
CA ASP A 478 14.68 -41.61 20.14
C ASP A 478 15.40 -40.41 20.75
N TYR A 479 14.80 -39.22 20.66
CA TYR A 479 15.42 -38.03 21.23
C TYR A 479 15.15 -37.91 22.72
N GLY A 480 13.94 -38.25 23.16
CA GLY A 480 13.55 -38.06 24.54
C GLY A 480 13.70 -39.27 25.43
N ARG A 481 13.54 -40.47 24.86
CA ARG A 481 13.63 -41.74 25.58
C ARG A 481 12.61 -41.85 26.71
N ASP A 482 11.50 -41.11 26.60
CA ASP A 482 10.42 -41.21 27.58
C ASP A 482 9.68 -42.53 27.38
N ARG A 483 9.82 -43.44 28.35
CA ARG A 483 9.24 -44.77 28.20
C ARG A 483 7.72 -44.73 28.18
N ALA A 484 7.13 -43.84 29.00
CA ALA A 484 5.67 -43.70 28.99
C ALA A 484 5.17 -43.18 27.65
N TYR A 485 5.99 -42.42 26.94
CA TYR A 485 5.61 -41.97 25.59
C TYR A 485 5.60 -43.14 24.61
N LEU A 486 6.58 -44.04 24.73
CA LEU A 486 6.61 -45.21 23.84
C LEU A 486 5.39 -46.10 24.06
N SER A 487 4.97 -46.27 25.32
CA SER A 487 3.76 -47.04 25.60
C SER A 487 2.54 -46.37 24.99
N LYS A 488 2.49 -45.03 25.01
CA LYS A 488 1.34 -44.32 24.49
C LYS A 488 1.23 -44.45 22.98
N VAL A 489 2.37 -44.36 22.26
CA VAL A 489 2.34 -44.36 20.81
C VAL A 489 2.44 -45.74 20.20
N TYR A 490 2.76 -46.78 20.97
CA TYR A 490 2.89 -48.12 20.41
C TYR A 490 1.64 -48.61 19.69
N PRO A 491 0.42 -48.44 20.22
CA PRO A 491 -0.76 -48.92 19.47
C PRO A 491 -0.85 -48.36 18.06
N LEU A 492 -0.39 -47.13 17.84
CA LEU A 492 -0.39 -46.58 16.49
C LEU A 492 0.55 -47.35 15.56
N PHE A 493 1.74 -47.69 16.05
CA PHE A 493 2.68 -48.44 15.22
C PHE A 493 2.21 -49.86 14.99
N LYS A 494 1.61 -50.49 16.00
CA LYS A 494 1.06 -51.83 15.83
C LYS A 494 -0.06 -51.84 14.80
N GLY A 495 -0.96 -50.86 14.86
CA GLY A 495 -2.07 -50.83 13.92
C GLY A 495 -1.62 -50.66 12.48
N ALA A 496 -0.57 -49.86 12.26
CA ALA A 496 -0.06 -49.69 10.90
C ALA A 496 0.57 -50.97 10.38
N ALA A 497 1.34 -51.65 11.22
CA ALA A 497 1.94 -52.93 10.80
C ALA A 497 0.87 -53.97 10.52
N GLU A 498 -0.22 -53.95 11.28
CA GLU A 498 -1.29 -54.92 11.10
C GLU A 498 -1.94 -54.78 9.72
N PHE A 499 -2.09 -53.54 9.24
CA PHE A 499 -2.69 -53.34 7.93
C PHE A 499 -1.81 -53.89 6.82
N PHE A 500 -0.50 -53.75 6.94
CA PHE A 500 0.38 -54.18 5.87
C PHE A 500 0.68 -55.67 5.95
N VAL A 501 0.61 -56.27 7.13
CA VAL A 501 0.61 -57.72 7.23
C VAL A 501 -0.50 -58.31 6.37
N ALA A 502 -1.65 -57.63 6.35
CA ALA A 502 -2.84 -58.14 5.68
C ALA A 502 -2.93 -57.75 4.21
N THR A 503 -2.16 -56.76 3.76
CA THR A 503 -2.26 -56.31 2.38
C THR A 503 -1.05 -56.63 1.52
N LEU A 504 0.11 -56.92 2.11
CA LEU A 504 1.28 -57.24 1.32
C LEU A 504 1.04 -58.51 0.51
N MET A 505 1.53 -58.52 -0.73
CA MET A 505 1.30 -59.62 -1.66
C MET A 505 2.61 -60.10 -2.24
N ARG A 506 2.63 -61.37 -2.65
CA ARG A 506 3.79 -61.94 -3.32
C ARG A 506 3.80 -61.51 -4.78
N ASP A 507 4.88 -60.88 -5.20
CA ASP A 507 5.00 -60.39 -6.56
C ASP A 507 5.35 -61.56 -7.48
N PRO A 508 4.51 -61.88 -8.47
CA PRO A 508 4.78 -63.07 -9.31
C PRO A 508 5.96 -62.92 -10.24
N GLN A 509 6.43 -61.69 -10.49
CA GLN A 509 7.60 -61.50 -11.33
C GLN A 509 8.90 -61.48 -10.52
N THR A 510 8.87 -60.85 -9.34
CA THR A 510 10.08 -60.67 -8.55
C THR A 510 10.16 -61.57 -7.32
N GLY A 511 9.03 -62.04 -6.80
CA GLY A 511 9.05 -62.94 -5.67
C GLY A 511 9.14 -62.29 -4.31
N ALA A 512 9.06 -60.97 -4.23
CA ALA A 512 9.09 -60.28 -2.96
C ALA A 512 7.66 -60.01 -2.48
N MET A 513 7.55 -59.60 -1.21
CA MET A 513 6.27 -59.17 -0.65
C MET A 513 6.14 -57.67 -0.87
N VAL A 514 5.13 -57.27 -1.64
CA VAL A 514 5.07 -55.90 -2.16
C VAL A 514 3.72 -55.28 -1.84
N THR A 515 3.70 -53.94 -1.90
CA THR A 515 2.46 -53.19 -1.87
C THR A 515 1.85 -53.15 -3.27
N ASN A 516 0.52 -53.24 -3.32
CA ASN A 516 -0.21 -53.24 -4.58
C ASN A 516 -1.68 -52.94 -4.28
N PRO A 517 -2.23 -51.82 -4.78
CA PRO A 517 -1.60 -50.84 -5.67
C PRO A 517 -0.82 -49.75 -4.95
N SER A 518 0.22 -49.22 -5.60
CA SER A 518 1.00 -48.14 -5.02
C SER A 518 1.67 -47.36 -6.15
N MET A 519 2.64 -46.53 -5.80
CA MET A 519 3.31 -45.64 -6.73
C MET A 519 4.49 -44.99 -6.01
N SER A 520 5.42 -44.46 -6.79
CA SER A 520 6.49 -43.65 -6.24
C SER A 520 6.09 -42.19 -6.38
N PRO A 521 5.75 -41.50 -5.29
CA PRO A 521 5.24 -40.13 -5.42
C PRO A 521 6.28 -39.19 -6.01
N GLU A 522 5.89 -38.47 -7.05
CA GLU A 522 4.74 -38.85 -7.88
C GLU A 522 5.25 -38.90 -9.31
N ASN A 523 6.11 -39.87 -9.55
CA ASN A 523 6.92 -39.97 -10.75
C ASN A 523 6.33 -40.98 -11.72
N GLN A 524 6.29 -40.61 -13.00
CA GLN A 524 5.88 -41.56 -14.03
C GLN A 524 7.01 -42.55 -14.29
N HIS A 525 6.68 -43.83 -14.34
CA HIS A 525 7.63 -44.85 -14.74
C HIS A 525 7.62 -44.94 -16.27
N PRO A 526 8.58 -45.66 -16.87
CA PRO A 526 8.69 -45.66 -18.34
C PRO A 526 7.51 -46.27 -19.07
N PHE A 527 6.44 -46.70 -18.39
CA PHE A 527 5.39 -47.42 -19.07
C PHE A 527 4.02 -46.78 -18.90
N GLY A 528 3.95 -45.48 -19.17
CA GLY A 528 2.67 -44.80 -19.36
C GLY A 528 1.83 -44.57 -18.13
N ALA A 529 2.42 -44.60 -16.93
CA ALA A 529 1.66 -44.37 -15.71
C ALA A 529 2.64 -44.18 -14.56
N ALA A 530 2.09 -44.02 -13.37
CA ALA A 530 2.86 -43.98 -12.13
C ALA A 530 2.54 -45.13 -11.18
N VAL A 531 1.33 -45.70 -11.26
CA VAL A 531 0.99 -46.82 -10.39
C VAL A 531 1.81 -48.03 -10.79
N CYS A 532 2.17 -48.83 -9.78
CA CYS A 532 3.05 -49.98 -9.95
C CYS A 532 2.93 -50.81 -8.67
N ALA A 533 3.80 -51.81 -8.54
CA ALA A 533 3.85 -52.68 -7.38
C ALA A 533 5.15 -52.49 -6.63
N GLY A 534 5.06 -52.42 -5.31
CA GLY A 534 6.21 -52.31 -4.42
C GLY A 534 7.28 -51.32 -4.84
N PRO A 535 6.93 -50.03 -4.92
CA PRO A 535 7.96 -49.03 -5.20
C PRO A 535 8.98 -48.96 -4.07
N SER A 536 10.17 -48.46 -4.41
CA SER A 536 11.30 -48.50 -3.48
C SER A 536 10.98 -47.77 -2.18
N MET A 537 10.26 -46.65 -2.27
CA MET A 537 9.92 -45.90 -1.06
C MET A 537 9.08 -46.74 -0.11
N ASP A 538 8.13 -47.51 -0.65
CA ASP A 538 7.31 -48.37 0.20
C ASP A 538 8.15 -49.40 0.93
N ALA A 539 9.14 -49.97 0.25
CA ALA A 539 10.01 -50.95 0.90
C ALA A 539 10.86 -50.31 1.99
N GLN A 540 11.35 -49.09 1.75
CA GLN A 540 12.15 -48.40 2.76
C GLN A 540 11.31 -48.01 3.97
N LEU A 541 10.10 -47.49 3.72
CA LEU A 541 9.24 -47.08 4.83
C LEU A 541 8.84 -48.28 5.68
N LEU A 542 8.59 -49.43 5.05
CA LEU A 542 8.19 -50.61 5.80
C LEU A 542 9.36 -51.28 6.50
N ARG A 543 10.57 -51.18 5.92
CA ARG A 543 11.76 -51.65 6.63
C ARG A 543 11.96 -50.88 7.93
N ASP A 544 11.76 -49.55 7.88
CA ASP A 544 11.86 -48.75 9.10
C ASP A 544 10.71 -49.04 10.05
N LEU A 545 9.49 -49.16 9.52
CA LEU A 545 8.32 -49.39 10.37
C LEU A 545 8.42 -50.73 11.07
N PHE A 546 8.88 -51.77 10.36
CA PHE A 546 8.95 -53.10 10.96
C PHE A 546 10.07 -53.17 12.00
N ALA A 547 11.21 -52.52 11.71
CA ALA A 547 12.27 -52.46 12.71
C ALA A 547 11.83 -51.71 13.96
N GLN A 548 10.96 -50.69 13.79
CA GLN A 548 10.47 -49.94 14.94
C GLN A 548 9.49 -50.77 15.75
N CYS A 549 8.57 -51.47 15.08
CA CYS A 549 7.61 -52.30 15.80
C CYS A 549 8.31 -53.44 16.53
N ILE A 550 9.35 -54.01 15.92
CA ILE A 550 10.09 -55.09 16.58
C ILE A 550 10.83 -54.56 17.80
N ALA A 551 11.49 -53.40 17.66
CA ALA A 551 12.24 -52.83 18.77
C ALA A 551 11.32 -52.40 19.91
N MET A 552 10.13 -51.91 19.59
CA MET A 552 9.19 -51.55 20.64
C MET A 552 8.63 -52.80 21.34
N SER A 553 8.49 -53.90 20.59
CA SER A 553 8.11 -55.16 21.22
C SER A 553 9.12 -55.60 22.26
N LYS A 554 10.41 -55.44 21.95
CA LYS A 554 11.45 -55.81 22.91
C LYS A 554 11.54 -54.84 24.06
N LEU A 555 11.17 -53.57 23.85
CA LEU A 555 11.25 -52.58 24.90
C LEU A 555 10.04 -52.58 25.82
N LEU A 556 8.89 -53.07 25.35
CA LEU A 556 7.67 -53.07 26.15
C LEU A 556 7.28 -54.47 26.63
N GLY A 557 8.02 -55.50 26.23
CA GLY A 557 7.71 -56.86 26.68
C GLY A 557 6.31 -57.31 26.32
N ILE A 558 5.81 -56.91 25.15
CA ILE A 558 4.45 -57.20 24.74
C ILE A 558 4.49 -57.73 23.31
N ASP A 559 3.44 -58.47 22.96
CA ASP A 559 3.34 -59.17 21.67
C ASP A 559 4.50 -60.16 21.50
N LEU A 562 2.39 -60.07 16.40
CA LEU A 562 3.59 -60.72 16.90
C LEU A 562 4.83 -60.24 16.14
N ALA A 563 5.88 -59.87 16.88
CA ALA A 563 7.10 -59.37 16.27
C ALA A 563 7.88 -60.46 15.54
N GLN A 564 7.59 -61.73 15.83
CA GLN A 564 8.28 -62.82 15.14
C GLN A 564 8.01 -62.79 13.64
N GLN A 565 6.74 -62.62 13.26
CA GLN A 565 6.38 -62.65 11.85
C GLN A 565 6.72 -61.36 11.12
N LEU A 566 6.81 -60.24 11.86
CA LEU A 566 7.26 -59.01 11.24
C LEU A 566 8.72 -59.11 10.81
N ALA A 567 9.52 -59.92 11.51
CA ALA A 567 10.92 -60.10 11.14
C ALA A 567 11.05 -60.87 9.83
N ALA A 568 10.28 -61.95 9.68
CA ALA A 568 10.33 -62.72 8.45
C ALA A 568 9.73 -61.94 7.28
N LEU A 569 8.63 -61.24 7.52
CA LEU A 569 8.01 -60.44 6.47
C LEU A 569 8.93 -59.31 6.02
N ARG A 570 9.64 -58.69 6.97
CA ARG A 570 10.57 -57.62 6.62
C ARG A 570 11.67 -58.11 5.70
N GLU A 571 12.17 -59.33 5.93
CA GLU A 571 13.24 -59.88 5.10
C GLU A 571 12.78 -60.13 3.67
N GLN A 572 11.48 -60.21 3.42
CA GLN A 572 10.95 -60.47 2.09
C GLN A 572 10.72 -59.21 1.27
N LEU A 573 10.94 -58.04 1.85
CA LEU A 573 10.68 -56.79 1.14
C LEU A 573 11.66 -56.63 -0.02
N PRO A 574 11.26 -55.91 -1.08
CA PRO A 574 12.18 -55.63 -2.18
C PRO A 574 13.44 -54.97 -1.68
N PRO A 575 14.61 -55.52 -1.98
CA PRO A 575 15.86 -54.99 -1.41
C PRO A 575 16.23 -53.65 -2.04
N ASN A 576 17.17 -52.97 -1.40
CA ASN A 576 17.84 -51.85 -2.03
C ASN A 576 18.75 -52.38 -3.13
N ARG A 577 18.56 -51.89 -4.35
CA ARG A 577 19.29 -52.41 -5.49
C ARG A 577 19.97 -51.28 -6.26
N ILE A 578 21.12 -51.58 -6.82
CA ILE A 578 21.91 -50.65 -7.61
C ILE A 578 21.78 -51.03 -9.07
N GLY A 579 21.37 -50.06 -9.90
CA GLY A 579 21.05 -50.31 -11.29
C GLY A 579 22.26 -50.25 -12.21
N LYS A 580 21.96 -50.25 -13.52
CA LYS A 580 23.00 -50.29 -14.53
C LYS A 580 23.85 -49.03 -14.54
N ALA A 581 23.27 -47.90 -14.16
CA ALA A 581 23.99 -46.63 -14.12
C ALA A 581 24.69 -46.38 -12.79
N GLY A 582 24.79 -47.41 -11.95
CA GLY A 582 25.31 -47.21 -10.60
C GLY A 582 24.37 -46.47 -9.68
N GLN A 583 23.10 -46.32 -10.07
CA GLN A 583 22.12 -45.54 -9.34
C GLN A 583 21.26 -46.44 -8.46
N LEU A 584 20.81 -45.88 -7.34
CA LEU A 584 19.79 -46.53 -6.55
C LEU A 584 18.47 -46.53 -7.32
N GLN A 585 17.79 -47.67 -7.35
CA GLN A 585 16.63 -47.84 -8.22
C GLN A 585 15.37 -47.33 -7.53
N GLU A 586 14.59 -46.52 -8.26
CA GLU A 586 13.34 -46.02 -7.70
C GLU A 586 12.26 -47.09 -7.70
N TRP A 587 12.36 -48.06 -8.61
CA TRP A 587 11.39 -49.15 -8.70
C TRP A 587 12.10 -50.48 -8.53
N GLN A 588 11.30 -51.54 -8.45
CA GLN A 588 11.86 -52.88 -8.34
C GLN A 588 12.76 -53.22 -9.53
N GLN A 589 12.33 -52.83 -10.73
CA GLN A 589 13.09 -53.05 -11.94
C GLN A 589 14.01 -51.86 -12.21
N ASP A 590 15.05 -52.12 -13.02
CA ASP A 590 16.01 -51.08 -13.39
C ASP A 590 15.38 -50.20 -14.46
N TRP A 591 14.60 -49.22 -14.00
CA TRP A 591 13.82 -48.34 -14.87
C TRP A 591 14.28 -46.89 -14.84
N ASP A 592 15.26 -46.55 -13.99
CA ASP A 592 15.53 -45.15 -13.70
C ASP A 592 15.96 -44.38 -14.95
N MET A 593 16.82 -44.97 -15.77
CA MET A 593 17.35 -44.26 -16.92
C MET A 593 16.37 -44.16 -18.09
N GLN A 594 15.19 -44.75 -17.98
CA GLN A 594 14.18 -44.67 -19.03
C GLN A 594 12.93 -43.93 -18.58
N ALA A 595 12.98 -43.22 -17.46
CA ALA A 595 11.83 -42.49 -16.98
C ALA A 595 11.62 -41.21 -17.79
N PRO A 596 10.37 -40.81 -18.01
CA PRO A 596 10.11 -39.63 -18.86
C PRO A 596 10.73 -38.34 -18.33
N GLU A 597 10.60 -38.08 -17.04
CA GLU A 597 11.09 -36.83 -16.42
C GLU A 597 12.29 -37.19 -15.54
N ILE A 598 13.49 -37.06 -16.10
CA ILE A 598 14.70 -37.43 -15.39
C ILE A 598 14.99 -36.48 -14.23
N ASN A 599 14.44 -35.27 -14.26
CA ASN A 599 14.66 -34.31 -13.18
C ASN A 599 13.37 -34.10 -12.38
N HIS A 600 12.73 -35.19 -12.00
CA HIS A 600 11.47 -35.12 -11.27
C HIS A 600 11.68 -34.41 -9.93
N ARG A 601 10.68 -33.62 -9.53
CA ARG A 601 10.81 -32.82 -8.30
C ARG A 601 10.92 -33.72 -7.07
N HIS A 602 10.20 -34.84 -7.08
CA HIS A 602 10.28 -35.79 -5.97
C HIS A 602 11.53 -36.65 -6.09
N VAL A 603 12.15 -36.95 -4.95
CA VAL A 603 13.21 -37.94 -4.87
C VAL A 603 12.81 -38.97 -3.83
N SER A 604 11.66 -39.61 -4.07
CA SER A 604 11.02 -40.42 -3.03
C SER A 604 11.90 -41.61 -2.62
N HIS A 605 12.57 -42.23 -3.58
CA HIS A 605 13.36 -43.42 -3.28
C HIS A 605 14.69 -43.10 -2.59
N LEU A 606 15.01 -41.83 -2.38
CA LEU A 606 16.16 -41.44 -1.57
C LEU A 606 15.79 -41.27 -0.09
N TYR A 607 14.56 -41.64 0.29
CA TYR A 607 14.14 -41.53 1.68
C TYR A 607 15.09 -42.25 2.62
N ALA A 608 15.68 -43.37 2.17
CA ALA A 608 16.55 -44.15 3.03
C ALA A 608 17.83 -43.39 3.39
N LEU A 609 18.29 -42.49 2.52
CA LEU A 609 19.47 -41.69 2.82
C LEU A 609 19.10 -40.47 3.66
N HIS A 610 17.93 -39.88 3.40
CA HIS A 610 17.35 -38.82 4.22
C HIS A 610 15.88 -38.73 3.85
N PRO A 611 14.96 -38.58 4.83
CA PRO A 611 15.20 -38.34 6.27
C PRO A 611 15.63 -39.56 7.07
N SER A 612 15.51 -40.76 6.51
CA SER A 612 15.97 -41.95 7.21
C SER A 612 17.50 -42.02 7.18
N SER A 613 18.04 -42.85 8.06
CA SER A 613 19.46 -43.21 8.02
C SER A 613 19.65 -44.66 7.63
N GLN A 614 18.60 -45.31 7.10
CA GLN A 614 18.69 -46.68 6.64
C GLN A 614 19.86 -46.88 5.69
N ILE A 615 20.16 -45.88 4.88
CA ILE A 615 21.36 -45.84 4.04
C ILE A 615 22.19 -44.64 4.49
N ASN A 616 23.47 -44.87 4.74
CA ASN A 616 24.37 -43.80 5.15
C ASN A 616 25.78 -44.13 4.70
N LEU A 617 26.66 -43.13 4.78
CA LEU A 617 28.02 -43.29 4.27
C LEU A 617 28.82 -44.32 5.05
N ARG A 618 28.54 -44.48 6.35
CA ARG A 618 29.35 -45.35 7.19
C ARG A 618 28.95 -46.81 7.05
N ASP A 619 27.66 -47.11 7.23
CA ASP A 619 27.24 -48.50 7.34
C ASP A 619 27.02 -49.13 5.96
N THR A 620 26.50 -48.37 4.99
CA THR A 620 26.22 -48.86 3.65
C THR A 620 26.95 -47.97 2.65
N PRO A 621 28.26 -48.14 2.49
CA PRO A 621 29.00 -47.26 1.58
C PRO A 621 28.57 -47.39 0.12
N GLU A 622 28.33 -48.61 -0.35
CA GLU A 622 27.96 -48.81 -1.75
C GLU A 622 26.58 -48.21 -2.04
N LEU A 623 25.61 -48.49 -1.17
CA LEU A 623 24.27 -47.94 -1.37
C LEU A 623 24.27 -46.42 -1.22
N ALA A 624 25.17 -45.88 -0.42
CA ALA A 624 25.24 -44.43 -0.25
C ALA A 624 25.85 -43.77 -1.48
N ALA A 625 26.84 -44.40 -2.10
CA ALA A 625 27.37 -43.89 -3.36
C ALA A 625 26.34 -44.00 -4.48
N ALA A 626 25.48 -45.02 -4.42
CA ALA A 626 24.43 -45.15 -5.43
C ALA A 626 23.35 -44.10 -5.25
N ALA A 627 23.07 -43.70 -4.01
CA ALA A 627 22.12 -42.62 -3.79
C ALA A 627 22.69 -41.28 -4.25
N ARG A 628 24.00 -41.10 -4.14
CA ARG A 628 24.62 -39.90 -4.67
C ARG A 628 24.48 -39.84 -6.19
N ARG A 629 24.68 -40.98 -6.86
CA ARG A 629 24.51 -41.03 -8.31
C ARG A 629 23.07 -40.71 -8.71
N SER A 630 22.10 -41.30 -7.98
CA SER A 630 20.70 -41.00 -8.23
C SER A 630 20.42 -39.51 -8.06
N LEU A 631 20.96 -38.92 -6.98
CA LEU A 631 20.78 -37.49 -6.74
C LEU A 631 21.43 -36.64 -7.81
N GLU A 632 22.58 -37.08 -8.33
CA GLU A 632 23.25 -36.32 -9.39
C GLU A 632 22.51 -36.40 -10.70
N ILE A 633 21.82 -37.51 -10.96
CA ILE A 633 21.05 -37.65 -12.20
C ILE A 633 19.78 -36.81 -12.12
N ARG A 634 19.17 -36.71 -10.94
CA ARG A 634 17.96 -35.90 -10.78
C ARG A 634 18.26 -34.42 -10.99
N GLY A 635 19.40 -33.95 -10.50
CA GLY A 635 19.74 -32.55 -10.57
C GLY A 635 19.38 -31.80 -9.30
N ASP A 636 19.73 -30.52 -9.29
CA ASP A 636 19.61 -29.69 -8.10
C ASP A 636 18.36 -28.82 -8.07
N ASN A 637 17.81 -28.45 -9.23
CA ASN A 637 16.70 -27.51 -9.29
C ASN A 637 15.37 -28.24 -9.15
N ALA A 638 14.44 -27.61 -8.44
CA ALA A 638 13.09 -28.13 -8.23
C ALA A 638 12.27 -27.07 -7.53
N THR A 639 11.12 -27.48 -6.99
CA THR A 639 10.30 -26.63 -6.15
C THR A 639 11.08 -26.19 -4.91
N GLY A 640 10.49 -25.28 -4.14
CA GLY A 640 11.09 -24.88 -2.88
C GLY A 640 11.30 -26.05 -1.93
N TRP A 641 10.29 -26.91 -1.80
CA TRP A 641 10.44 -28.08 -0.93
C TRP A 641 11.37 -29.11 -1.54
N GLY A 642 11.37 -29.24 -2.88
CA GLY A 642 12.29 -30.17 -3.52
C GLY A 642 13.73 -29.76 -3.34
N ILE A 643 14.01 -28.46 -3.39
CA ILE A 643 15.36 -27.96 -3.12
C ILE A 643 15.73 -28.21 -1.66
N GLY A 644 14.77 -28.03 -0.76
CA GLY A 644 15.06 -28.27 0.65
C GLY A 644 15.39 -29.72 0.96
N TRP A 645 14.73 -30.65 0.27
CA TRP A 645 15.05 -32.06 0.45
C TRP A 645 16.44 -32.39 -0.08
N ARG A 646 16.78 -31.86 -1.26
CA ARG A 646 18.12 -32.06 -1.80
C ARG A 646 19.18 -31.44 -0.91
N LEU A 647 18.85 -30.36 -0.21
CA LEU A 647 19.80 -29.75 0.72
C LEU A 647 20.13 -30.72 1.86
N ASN A 648 19.11 -31.33 2.45
CA ASN A 648 19.34 -32.28 3.53
C ASN A 648 20.08 -33.51 3.02
N LEU A 649 19.77 -33.95 1.81
CA LEU A 649 20.40 -35.15 1.26
C LEU A 649 21.90 -34.93 1.03
N TRP A 650 22.27 -33.77 0.47
CA TRP A 650 23.69 -33.50 0.26
C TRP A 650 24.41 -33.24 1.58
N ALA A 651 23.71 -32.70 2.57
CA ALA A 651 24.29 -32.58 3.90
C ALA A 651 24.63 -33.95 4.47
N ARG A 652 23.73 -34.92 4.32
CA ARG A 652 23.97 -36.26 4.81
C ARG A 652 25.11 -36.95 4.07
N LEU A 653 25.40 -36.54 2.83
CA LEU A 653 26.53 -37.07 2.09
C LEU A 653 27.83 -36.36 2.41
N ALA A 654 27.84 -35.52 3.46
CA ALA A 654 29.04 -34.84 3.95
C ALA A 654 29.70 -34.00 2.87
N ASP A 655 28.92 -33.41 1.98
CA ASP A 655 29.42 -32.58 0.88
C ASP A 655 28.98 -31.14 1.15
N GLY A 656 29.85 -30.38 1.81
CA GLY A 656 29.47 -29.03 2.22
C GLY A 656 29.27 -28.09 1.05
N GLU A 657 30.13 -28.17 0.04
CA GLU A 657 30.05 -27.24 -1.07
C GLU A 657 28.81 -27.51 -1.93
N HIS A 658 28.44 -28.78 -2.11
CA HIS A 658 27.21 -29.07 -2.83
C HIS A 658 25.99 -28.67 -2.02
N ALA A 659 26.02 -28.90 -0.69
CA ALA A 659 24.94 -28.44 0.16
C ALA A 659 24.78 -26.93 0.10
N TYR A 660 25.90 -26.20 0.07
CA TYR A 660 25.82 -24.74 -0.01
C TYR A 660 25.30 -24.28 -1.37
N ARG A 661 25.64 -25.02 -2.43
CA ARG A 661 25.09 -24.68 -3.74
C ARG A 661 23.57 -24.84 -3.76
N ILE A 662 23.06 -25.87 -3.07
CA ILE A 662 21.62 -26.05 -2.96
C ILE A 662 21.00 -24.89 -2.18
N LEU A 663 21.66 -24.48 -1.09
CA LEU A 663 21.12 -23.40 -0.27
C LEU A 663 21.03 -22.10 -1.05
N GLN A 664 21.99 -21.85 -1.94
CA GLN A 664 21.90 -20.67 -2.79
C GLN A 664 20.71 -20.76 -3.75
N LEU A 665 20.32 -21.99 -4.12
CA LEU A 665 19.10 -22.15 -4.91
C LEU A 665 17.87 -21.85 -4.07
N LEU A 666 17.88 -22.21 -2.79
CA LEU A 666 16.72 -22.02 -1.94
C LEU A 666 16.55 -20.56 -1.53
N ILE A 667 17.61 -19.95 -1.01
CA ILE A 667 17.58 -18.54 -0.59
C ILE A 667 17.98 -17.74 -1.83
N SER A 668 16.98 -17.37 -2.62
CA SER A 668 17.21 -16.73 -3.91
C SER A 668 15.92 -16.01 -4.33
N PRO A 669 16.01 -15.04 -5.25
CA PRO A 669 14.80 -14.39 -5.74
C PRO A 669 13.84 -15.32 -6.47
N GLU A 670 14.30 -16.52 -6.85
CA GLU A 670 13.46 -17.47 -7.55
C GLU A 670 12.63 -18.34 -6.61
N ARG A 671 13.07 -18.52 -5.35
CA ARG A 671 12.43 -19.46 -4.45
C ARG A 671 12.13 -18.87 -3.07
N THR A 672 12.35 -17.57 -2.87
CA THR A 672 12.09 -16.94 -1.57
C THR A 672 11.45 -15.58 -1.79
N TYR A 673 10.34 -15.34 -1.10
CA TYR A 673 9.61 -14.09 -1.19
C TYR A 673 10.28 -13.02 -0.34
N PRO A 674 9.90 -11.74 -0.52
CA PRO A 674 10.54 -10.68 0.27
C PRO A 674 10.37 -10.83 1.78
N ASN A 675 9.31 -11.50 2.24
CA ASN A 675 9.12 -11.76 3.67
C ASN A 675 9.76 -13.07 4.11
N LEU A 676 10.69 -13.60 3.32
CA LEU A 676 11.43 -14.84 3.56
C LEU A 676 10.56 -16.09 3.44
N PHE A 677 9.31 -15.96 3.00
CA PHE A 677 8.48 -17.14 2.76
C PHE A 677 9.05 -17.98 1.62
N ASP A 678 8.96 -19.30 1.76
CA ASP A 678 9.42 -20.20 0.72
C ASP A 678 8.42 -20.23 -0.43
N ALA A 679 8.94 -20.38 -1.64
CA ALA A 679 8.13 -20.38 -2.85
C ALA A 679 8.14 -21.76 -3.48
N HIS A 680 6.94 -22.30 -3.74
CA HIS A 680 6.84 -23.50 -4.56
C HIS A 680 7.23 -23.22 -6.01
N PRO A 681 6.70 -22.17 -6.68
CA PRO A 681 5.70 -21.16 -6.30
C PRO A 681 4.27 -21.68 -6.46
N PRO A 682 3.29 -21.08 -5.76
CA PRO A 682 3.38 -19.92 -4.85
C PRO A 682 3.85 -20.29 -3.44
N PHE A 683 3.39 -19.54 -2.44
CA PHE A 683 3.86 -19.76 -1.07
C PHE A 683 3.53 -21.16 -0.60
N GLN A 684 4.55 -21.88 -0.15
CA GLN A 684 4.40 -23.15 0.54
C GLN A 684 5.42 -23.16 1.67
N ILE A 685 4.96 -23.45 2.90
CA ILE A 685 5.84 -23.32 4.06
C ILE A 685 6.82 -24.47 4.20
N ASP A 686 6.63 -25.56 3.45
CA ASP A 686 7.50 -26.73 3.61
C ASP A 686 8.96 -26.37 3.41
N GLY A 687 9.27 -25.55 2.41
CA GLY A 687 10.66 -25.23 2.11
C GLY A 687 11.35 -24.49 3.24
N ASN A 688 10.63 -23.59 3.92
CA ASN A 688 11.19 -22.92 5.09
C ASN A 688 11.65 -23.94 6.12
N PHE A 689 10.79 -24.92 6.43
CA PHE A 689 11.13 -25.91 7.44
C PHE A 689 12.21 -26.86 6.96
N GLY A 690 12.19 -27.21 5.66
CA GLY A 690 13.27 -28.00 5.11
C GLY A 690 14.60 -27.26 5.09
N GLY A 691 14.55 -25.95 4.89
CA GLY A 691 15.77 -25.16 4.92
C GLY A 691 16.37 -25.10 6.32
N THR A 692 15.53 -24.85 7.32
CA THR A 692 16.00 -24.89 8.71
C THR A 692 16.58 -26.26 9.05
N ALA A 693 15.95 -27.33 8.57
CA ALA A 693 16.44 -28.67 8.85
C ALA A 693 17.75 -28.95 8.13
N GLY A 694 17.88 -28.47 6.89
CA GLY A 694 19.09 -28.74 6.14
C GLY A 694 20.30 -27.99 6.66
N ILE A 695 20.12 -26.72 7.02
CA ILE A 695 21.20 -25.96 7.65
C ILE A 695 21.65 -26.65 8.93
N THR A 696 20.69 -27.17 9.70
CA THR A 696 21.03 -27.93 10.91
C THR A 696 21.83 -29.17 10.56
N GLU A 697 21.39 -29.92 9.54
CA GLU A 697 22.07 -31.16 9.18
C GLU A 697 23.48 -30.90 8.68
N MET A 698 23.73 -29.74 8.07
CA MET A 698 25.09 -29.40 7.65
C MET A 698 26.02 -29.24 8.83
N LEU A 699 25.50 -28.75 9.97
CA LEU A 699 26.35 -28.44 11.11
C LEU A 699 26.43 -29.57 12.12
N LEU A 700 25.37 -30.37 12.26
CA LEU A 700 25.34 -31.43 13.27
C LEU A 700 24.40 -32.53 12.80
N GLN A 701 24.84 -33.78 12.91
CA GLN A 701 24.03 -34.92 12.52
C GLN A 701 24.00 -35.94 13.65
N SER A 702 22.87 -36.63 13.79
CA SER A 702 22.65 -37.58 14.88
C SER A 702 21.92 -38.80 14.31
N TRP A 703 22.67 -39.86 14.05
CA TRP A 703 22.10 -41.12 13.58
C TRP A 703 23.13 -42.21 13.82
N GLY A 704 22.71 -43.45 13.57
CA GLY A 704 23.53 -44.53 14.06
C GLY A 704 23.60 -44.45 15.58
N GLY A 705 24.75 -44.82 16.12
CA GLY A 705 24.98 -44.63 17.54
C GLY A 705 25.86 -43.43 17.82
N SER A 706 25.98 -42.55 16.83
CA SER A 706 27.03 -41.53 16.85
C SER A 706 26.44 -40.14 16.66
N VAL A 707 27.30 -39.14 16.89
CA VAL A 707 27.00 -37.73 16.69
C VAL A 707 28.12 -37.15 15.85
N PHE A 708 27.78 -36.63 14.67
CA PHE A 708 28.77 -36.16 13.71
C PHE A 708 28.84 -34.64 13.74
N LEU A 709 30.04 -34.11 13.91
CA LEU A 709 30.26 -32.68 14.09
C LEU A 709 30.73 -32.05 12.79
N LEU A 710 30.08 -30.96 12.40
CA LEU A 710 30.39 -30.21 11.18
C LEU A 710 30.59 -31.11 9.95
N PRO A 711 29.67 -32.03 9.68
CA PRO A 711 29.90 -32.99 8.58
C PRO A 711 29.77 -32.38 7.20
N ALA A 712 29.03 -31.29 7.04
CA ALA A 712 28.83 -30.65 5.74
C ALA A 712 29.06 -29.15 5.85
N LEU A 713 30.19 -28.76 6.44
CA LEU A 713 30.50 -27.35 6.62
C LEU A 713 31.01 -26.76 5.32
N PRO A 714 30.41 -25.67 4.83
CA PRO A 714 30.91 -25.03 3.62
C PRO A 714 31.99 -24.00 3.91
N LYS A 715 32.77 -23.69 2.86
CA LYS A 715 33.79 -22.67 2.97
C LYS A 715 33.19 -21.29 3.23
N ALA A 716 31.89 -21.11 2.96
CA ALA A 716 31.26 -19.82 3.17
C ALA A 716 31.04 -19.49 4.64
N TRP A 717 31.15 -20.49 5.53
CA TRP A 717 30.99 -20.30 6.97
C TRP A 717 32.29 -20.71 7.66
N PRO A 718 33.35 -19.91 7.52
CA PRO A 718 34.65 -20.31 8.08
C PRO A 718 34.70 -20.27 9.60
N ARG A 719 33.87 -19.45 10.24
CA ARG A 719 33.84 -19.36 11.69
C ARG A 719 32.41 -19.15 12.14
N GLY A 720 32.13 -19.56 13.37
CA GLY A 720 30.81 -19.40 13.92
C GLY A 720 30.57 -20.34 15.09
N SER A 721 29.31 -20.46 15.47
CA SER A 721 28.95 -21.24 16.64
C SER A 721 27.48 -21.64 16.54
N VAL A 722 27.12 -22.65 17.31
CA VAL A 722 25.73 -23.07 17.49
C VAL A 722 25.61 -23.75 18.84
N ARG A 723 24.55 -23.44 19.57
CA ARG A 723 24.38 -23.95 20.92
C ARG A 723 22.92 -24.31 21.16
N GLY A 724 22.70 -25.35 21.94
CA GLY A 724 21.37 -25.77 22.32
C GLY A 724 20.74 -26.82 21.43
N LEU A 725 21.45 -27.31 20.42
CA LEU A 725 20.89 -28.32 19.54
C LEU A 725 20.76 -29.65 20.29
N ARG A 726 19.70 -30.39 19.96
CA ARG A 726 19.41 -31.66 20.61
C ARG A 726 19.90 -32.81 19.75
N VAL A 727 20.38 -33.86 20.41
CA VAL A 727 20.77 -35.09 19.74
C VAL A 727 20.01 -36.24 20.37
N ARG A 728 19.94 -37.35 19.64
CA ARG A 728 19.30 -38.55 20.16
C ARG A 728 20.03 -39.05 21.41
N GLY A 729 19.28 -39.65 22.32
CA GLY A 729 19.84 -40.11 23.57
C GLY A 729 19.75 -39.13 24.72
N GLY A 730 18.92 -38.10 24.61
CA GLY A 730 18.70 -37.17 25.69
C GLY A 730 19.88 -36.26 25.99
N ALA A 731 20.46 -35.65 24.96
CA ALA A 731 21.63 -34.82 25.13
C ALA A 731 21.54 -33.59 24.23
N SER A 732 22.32 -32.58 24.58
CA SER A 732 22.44 -31.36 23.79
C SER A 732 23.91 -31.11 23.48
N VAL A 733 24.14 -30.32 22.43
CA VAL A 733 25.48 -30.07 21.90
C VAL A 733 25.67 -28.59 21.68
N ASP A 734 26.84 -28.08 22.06
CA ASP A 734 27.29 -26.73 21.70
C ASP A 734 28.53 -26.86 20.83
N LEU A 735 28.63 -26.02 19.81
CA LEU A 735 29.65 -26.16 18.78
C LEU A 735 30.27 -24.81 18.47
N GLU A 736 31.58 -24.81 18.19
CA GLU A 736 32.31 -23.61 17.81
C GLU A 736 33.40 -23.99 16.82
N TRP A 737 33.51 -23.22 15.74
CA TRP A 737 34.52 -23.49 14.72
C TRP A 737 35.16 -22.18 14.27
N GLU A 738 36.41 -22.29 13.84
CA GLU A 738 37.18 -21.14 13.35
C GLU A 738 38.18 -21.64 12.33
N GLY A 739 38.37 -20.86 11.26
CA GLY A 739 39.27 -21.28 10.20
C GLY A 739 38.80 -22.52 9.47
N GLY A 740 37.48 -22.74 9.41
CA GLY A 740 36.93 -23.93 8.80
C GLY A 740 37.12 -25.20 9.59
N ARG A 741 37.64 -25.12 10.81
CA ARG A 741 37.98 -26.30 11.59
C ARG A 741 37.35 -26.23 12.97
N LEU A 742 37.01 -27.39 13.51
CA LEU A 742 36.36 -27.48 14.81
C LEU A 742 37.25 -26.88 15.89
N GLN A 743 36.68 -25.98 16.68
CA GLN A 743 37.38 -25.32 17.78
C GLN A 743 37.05 -25.91 19.14
N GLN A 744 35.78 -26.21 19.38
CA GLN A 744 35.33 -26.74 20.66
C GLN A 744 33.92 -27.29 20.49
N ALA A 745 33.61 -28.35 21.25
CA ALA A 745 32.27 -28.89 21.33
C ALA A 745 31.98 -29.29 22.77
N ARG A 746 30.73 -29.09 23.21
CA ARG A 746 30.32 -29.44 24.56
C ARG A 746 29.08 -30.33 24.47
N LEU A 747 29.19 -31.54 25.00
CA LEU A 747 28.09 -32.50 25.03
C LEU A 747 27.57 -32.60 26.46
N HIS A 748 26.32 -32.22 26.66
CA HIS A 748 25.66 -32.33 27.97
C HIS A 748 24.61 -33.43 27.90
N SER A 749 24.74 -34.43 28.76
CA SER A 749 23.78 -35.52 28.85
C SER A 749 22.80 -35.24 29.98
N ASP A 750 21.51 -35.41 29.70
CA ASP A 750 20.49 -35.04 30.68
C ASP A 750 20.36 -36.06 31.79
N ARG A 751 20.41 -37.36 31.46
CA ARG A 751 20.32 -38.41 32.46
C ARG A 751 21.38 -39.49 32.28
N GLY A 752 22.46 -39.19 31.58
CA GLY A 752 23.55 -40.11 31.42
C GLY A 752 23.38 -41.04 30.23
N GLY A 753 24.46 -41.79 29.95
CA GLY A 753 24.48 -42.71 28.84
C GLY A 753 25.77 -42.65 28.06
N ARG A 754 25.98 -43.58 27.14
CA ARG A 754 27.17 -43.60 26.30
C ARG A 754 26.88 -42.95 24.96
N TYR A 755 27.85 -42.20 24.46
CA TYR A 755 27.74 -41.51 23.19
C TYR A 755 29.05 -41.64 22.43
N GLN A 756 29.00 -41.40 21.13
CA GLN A 756 30.21 -41.36 20.30
C GLN A 756 30.17 -40.11 19.44
N LEU A 757 31.21 -39.29 19.58
CA LEU A 757 31.38 -38.13 18.71
C LEU A 757 32.28 -38.50 17.54
N SER A 758 31.97 -37.95 16.37
CA SER A 758 32.75 -38.20 15.17
C SER A 758 32.98 -36.88 14.44
N TYR A 759 34.25 -36.57 14.17
CA TYR A 759 34.63 -35.37 13.44
C TYR A 759 35.63 -35.74 12.36
N ALA A 760 35.24 -35.55 11.10
CA ALA A 760 36.12 -35.78 9.96
C ALA A 760 36.72 -37.19 9.98
N GLY A 761 35.88 -38.17 10.33
CA GLY A 761 36.30 -39.56 10.33
C GLY A 761 36.98 -40.05 11.59
N GLN A 762 37.29 -39.15 12.52
CA GLN A 762 37.87 -39.52 13.81
C GLN A 762 36.77 -39.63 14.86
N THR A 763 36.85 -40.65 15.68
CA THR A 763 35.81 -40.93 16.67
C THR A 763 36.36 -40.82 18.08
N LEU A 764 35.45 -40.65 19.04
CA LEU A 764 35.80 -40.50 20.45
C LEU A 764 34.63 -41.02 21.27
N ASP A 765 34.84 -42.13 21.97
CA ASP A 765 33.81 -42.76 22.78
C ASP A 765 33.79 -42.13 24.17
N LEU A 766 32.63 -41.64 24.58
CA LEU A 766 32.46 -40.99 25.87
C LEU A 766 31.33 -41.66 26.65
N GLU A 767 31.42 -41.57 27.98
CA GLU A 767 30.38 -42.05 28.88
C GLU A 767 30.13 -40.97 29.92
N LEU A 768 28.96 -40.33 29.86
CA LEU A 768 28.62 -39.22 30.71
C LEU A 768 27.60 -39.64 31.76
N GLY A 769 27.73 -39.08 32.96
CA GLY A 769 26.72 -39.25 33.97
C GLY A 769 25.57 -38.29 33.79
N ALA A 770 24.52 -38.50 34.59
CA ALA A 770 23.33 -37.67 34.52
C ALA A 770 23.67 -36.22 34.83
N GLY A 771 23.28 -35.31 33.93
CA GLY A 771 23.47 -33.89 34.15
C GLY A 771 24.88 -33.39 34.02
N ARG A 772 25.77 -34.15 33.38
CA ARG A 772 27.18 -33.78 33.26
C ARG A 772 27.52 -33.39 31.84
N THR A 773 28.59 -32.61 31.69
CA THR A 773 28.99 -32.02 30.43
C THR A 773 30.43 -32.42 30.11
N GLN A 774 30.69 -32.72 28.84
CA GLN A 774 32.03 -33.09 28.38
C GLN A 774 32.43 -32.17 27.24
N GLN A 775 33.53 -31.44 27.41
CA GLN A 775 34.08 -30.60 26.37
C GLN A 775 35.14 -31.39 25.58
N VAL A 776 35.08 -31.27 24.25
CA VAL A 776 36.05 -31.90 23.37
C VAL A 776 36.65 -30.83 22.46
N GLY A 777 37.78 -31.16 21.86
CA GLY A 777 38.47 -30.23 21.01
C GLY A 777 39.46 -30.92 20.10
N LEU A 778 40.36 -30.12 19.52
CA LEU A 778 41.36 -30.59 18.57
C LEU A 778 42.75 -30.43 19.15
N ASN A 779 43.58 -31.46 18.99
CA ASN A 779 44.99 -31.41 19.39
C ASN A 779 45.79 -32.10 18.30
N ASN A 780 46.61 -31.33 17.58
CA ASN A 780 47.37 -31.83 16.44
C ASN A 780 46.46 -32.57 15.47
N ASN A 781 45.31 -31.94 15.17
CA ASN A 781 44.29 -32.49 14.27
C ASN A 781 43.68 -33.78 14.79
N ARG A 782 43.66 -33.94 16.12
CA ARG A 782 43.08 -35.11 16.75
C ARG A 782 41.94 -34.71 17.66
N LEU A 783 40.83 -35.42 17.56
CA LEU A 783 39.67 -35.18 18.42
C LEU A 783 39.95 -35.77 19.80
N VAL A 784 40.09 -34.90 20.80
CA VAL A 784 40.41 -35.31 22.16
C VAL A 784 39.38 -34.72 23.11
N THR A 785 39.39 -35.22 24.34
CA THR A 785 38.54 -34.70 25.39
C THR A 785 39.23 -33.54 26.11
N GLN A 786 38.41 -32.74 26.79
CA GLN A 786 38.93 -31.58 27.51
C GLN A 786 38.18 -31.35 28.81
N LEU B 32 -9.23 19.00 -33.59
CA LEU B 32 -8.83 18.68 -32.23
C LEU B 32 -7.65 17.70 -32.18
N PRO B 33 -6.53 18.06 -32.80
CA PRO B 33 -5.42 17.11 -32.90
C PRO B 33 -4.71 16.99 -31.56
N PRO B 34 -4.04 15.86 -31.32
CA PRO B 34 -3.30 15.70 -30.06
C PRO B 34 -2.24 16.79 -29.90
N VAL B 35 -1.89 17.07 -28.64
CA VAL B 35 -0.99 18.17 -28.33
C VAL B 35 0.42 17.69 -27.96
N ALA B 36 0.67 16.39 -28.00
CA ALA B 36 2.00 15.81 -27.76
C ALA B 36 1.88 14.30 -27.96
N ALA B 37 3.03 13.65 -28.00
CA ALA B 37 3.07 12.20 -28.04
C ALA B 37 2.36 11.61 -26.82
N ALA B 38 1.81 10.41 -27.00
CA ALA B 38 1.07 9.78 -25.90
C ALA B 38 1.95 9.60 -24.67
N GLU B 39 3.23 9.28 -24.87
CA GLU B 39 4.14 9.05 -23.74
C GLU B 39 4.45 10.33 -23.00
N ALA B 40 4.46 11.48 -23.68
CA ALA B 40 4.94 12.73 -23.10
C ALA B 40 3.94 13.40 -22.18
N LEU B 41 2.73 12.86 -22.02
CA LEU B 41 1.71 13.50 -21.20
C LEU B 41 1.11 12.50 -20.20
N GLN B 42 1.87 11.48 -19.82
CA GLN B 42 1.42 10.49 -18.86
C GLN B 42 2.31 10.50 -17.63
N LEU B 43 1.69 10.46 -16.46
CA LEU B 43 2.37 10.19 -15.21
C LEU B 43 2.26 8.70 -14.93
N TRP B 44 3.37 8.04 -14.61
CA TRP B 44 3.32 6.60 -14.43
C TRP B 44 4.35 6.17 -13.39
N TYR B 45 4.08 5.01 -12.78
CA TYR B 45 4.85 4.50 -11.66
C TYR B 45 4.89 2.98 -11.71
N ARG B 46 5.93 2.40 -11.13
CA ARG B 46 6.13 0.95 -11.15
C ARG B 46 5.51 0.24 -9.96
N GLU B 47 4.93 0.97 -9.01
CA GLU B 47 4.40 0.39 -7.79
C GLU B 47 3.13 1.11 -7.39
N PRO B 48 2.25 0.45 -6.64
CA PRO B 48 1.07 1.15 -6.11
C PRO B 48 1.46 2.26 -5.14
N ALA B 49 0.51 3.16 -4.91
CA ALA B 49 0.75 4.27 -3.99
C ALA B 49 0.76 3.78 -2.54
N ASN B 50 1.65 4.35 -1.75
CA ASN B 50 1.68 4.13 -0.31
C ASN B 50 1.14 5.30 0.50
N GLU B 51 1.02 6.48 -0.12
CA GLU B 51 0.50 7.66 0.54
C GLU B 51 -0.46 8.38 -0.39
N TRP B 52 -1.28 9.24 0.20
CA TRP B 52 -2.22 10.04 -0.57
C TRP B 52 -1.51 10.89 -1.62
N VAL B 53 -0.31 11.38 -1.30
CA VAL B 53 0.42 12.28 -2.18
C VAL B 53 1.11 11.49 -3.29
N GLU B 54 0.85 10.18 -3.33
CA GLU B 54 1.27 9.36 -4.46
C GLU B 54 0.10 8.91 -5.32
N ALA B 55 -1.14 9.03 -4.83
CA ALA B 55 -2.31 8.69 -5.62
C ALA B 55 -2.53 9.71 -6.73
N LEU B 56 -3.32 9.31 -7.72
CA LEU B 56 -3.46 10.15 -8.89
C LEU B 56 -4.87 10.73 -8.99
N PRO B 57 -5.01 12.00 -9.39
CA PRO B 57 -6.31 12.65 -9.36
C PRO B 57 -7.07 12.58 -10.68
N VAL B 58 -8.38 12.38 -10.56
CA VAL B 58 -9.32 12.54 -11.67
C VAL B 58 -10.49 13.37 -11.17
N GLY B 59 -11.16 14.04 -12.10
CA GLY B 59 -12.28 14.88 -11.72
C GLY B 59 -12.93 15.49 -12.94
N ASN B 60 -14.17 15.95 -12.74
CA ASN B 60 -14.93 16.61 -13.80
C ASN B 60 -15.27 18.06 -13.45
N GLY B 61 -14.57 18.64 -12.48
CA GLY B 61 -14.83 19.97 -12.00
C GLY B 61 -15.55 20.01 -10.66
N ARG B 62 -16.42 19.04 -10.39
CA ARG B 62 -17.16 18.99 -9.14
C ARG B 62 -17.12 17.64 -8.45
N LEU B 63 -16.79 16.56 -9.15
CA LEU B 63 -16.71 15.22 -8.60
C LEU B 63 -15.31 14.68 -8.82
N GLY B 64 -14.64 14.26 -7.74
CA GLY B 64 -13.23 13.95 -7.81
C GLY B 64 -12.89 12.63 -7.15
N ALA B 65 -11.76 12.06 -7.58
CA ALA B 65 -11.28 10.79 -7.04
C ALA B 65 -9.76 10.78 -7.05
N MET B 66 -9.18 10.22 -5.99
CA MET B 66 -7.75 9.95 -5.91
C MET B 66 -7.56 8.44 -6.00
N VAL B 67 -6.76 8.00 -6.98
CA VAL B 67 -6.63 6.59 -7.32
C VAL B 67 -5.27 6.10 -6.83
N TRP B 68 -5.28 5.07 -5.98
CA TRP B 68 -4.05 4.55 -5.40
C TRP B 68 -3.39 3.46 -6.24
N GLY B 69 -4.15 2.76 -7.08
CA GLY B 69 -3.57 1.72 -7.91
C GLY B 69 -3.25 0.44 -7.18
N GLY B 70 -3.97 0.15 -6.09
CA GLY B 70 -3.73 -1.09 -5.37
C GLY B 70 -4.05 -2.31 -6.22
N ILE B 71 -3.36 -3.41 -5.90
CA ILE B 71 -3.45 -4.63 -6.70
C ILE B 71 -4.61 -5.48 -6.22
N ALA B 72 -4.51 -6.00 -5.01
CA ALA B 72 -5.61 -6.78 -4.44
C ALA B 72 -6.60 -5.93 -3.67
N HIS B 73 -6.15 -4.84 -3.08
CA HIS B 73 -6.99 -3.95 -2.28
C HIS B 73 -6.79 -2.52 -2.79
N GLU B 74 -7.74 -2.04 -3.57
CA GLU B 74 -7.68 -0.71 -4.16
C GLU B 74 -8.64 0.22 -3.43
N ARG B 75 -8.23 1.48 -3.26
CA ARG B 75 -9.03 2.51 -2.62
C ARG B 75 -9.15 3.71 -3.54
N LEU B 76 -10.38 4.18 -3.74
CA LEU B 76 -10.66 5.39 -4.50
C LEU B 76 -11.26 6.41 -3.54
N GLN B 77 -10.50 7.47 -3.24
CA GLN B 77 -10.91 8.48 -2.27
C GLN B 77 -11.65 9.60 -2.99
N LEU B 78 -12.89 9.86 -2.57
CA LEU B 78 -13.83 10.63 -3.35
C LEU B 78 -14.14 11.98 -2.71
N ASN B 79 -14.56 12.92 -3.54
CA ASN B 79 -14.94 14.26 -3.11
C ASN B 79 -16.07 14.78 -3.98
N GLU B 80 -16.97 15.55 -3.36
CA GLU B 80 -17.91 16.40 -4.07
C GLU B 80 -17.69 17.82 -3.59
N ASP B 81 -17.58 18.77 -4.53
CA ASP B 81 -16.99 20.06 -4.24
C ASP B 81 -17.91 21.02 -3.49
N THR B 82 -19.06 20.57 -3.00
CA THR B 82 -19.88 21.38 -2.11
C THR B 82 -20.01 20.77 -0.73
N LEU B 83 -19.23 19.73 -0.42
CA LEU B 83 -19.29 19.05 0.87
C LEU B 83 -18.35 19.77 1.83
N TYR B 84 -18.89 20.75 2.54
CA TYR B 84 -18.20 21.43 3.62
C TYR B 84 -18.96 21.18 4.92
N ALA B 85 -18.29 21.43 6.04
CA ALA B 85 -18.94 21.33 7.34
C ALA B 85 -19.80 22.56 7.59
N GLY B 86 -20.73 22.42 8.54
CA GLY B 86 -21.52 23.55 8.99
C GLY B 86 -22.72 23.85 8.11
N GLY B 87 -23.15 25.11 8.19
CA GLY B 87 -24.27 25.60 7.41
C GLY B 87 -24.22 27.10 7.26
N PRO B 88 -25.28 27.70 6.74
CA PRO B 88 -25.33 29.17 6.62
C PRO B 88 -25.19 29.82 7.99
N TYR B 89 -24.34 30.85 8.07
CA TYR B 89 -24.09 31.53 9.33
C TYR B 89 -23.62 32.95 9.05
N ASP B 90 -23.53 33.73 10.14
CA ASP B 90 -23.11 35.12 10.10
C ASP B 90 -22.08 35.32 11.20
N SER B 91 -20.80 35.39 10.81
CA SER B 91 -19.70 35.50 11.77
C SER B 91 -19.38 36.94 12.15
N THR B 92 -20.21 37.89 11.74
CA THR B 92 -19.96 39.30 12.06
C THR B 92 -19.96 39.50 13.57
N SER B 93 -18.94 40.21 14.05
CA SER B 93 -18.88 40.55 15.47
C SER B 93 -19.78 41.75 15.75
N PRO B 94 -20.71 41.64 16.69
CA PRO B 94 -21.55 42.80 17.02
C PRO B 94 -20.79 43.94 17.68
N ASP B 95 -19.54 43.72 18.08
CA ASP B 95 -18.73 44.74 18.74
C ASP B 95 -17.81 45.49 17.77
N ALA B 96 -17.81 45.12 16.48
CA ALA B 96 -16.77 45.60 15.57
C ALA B 96 -16.92 47.08 15.27
N LEU B 97 -18.12 47.51 14.86
CA LEU B 97 -18.31 48.90 14.46
C LEU B 97 -18.05 49.85 15.62
N ALA B 98 -18.28 49.41 16.86
CA ALA B 98 -18.06 50.29 18.00
C ALA B 98 -16.58 50.55 18.24
N ALA B 99 -15.74 49.52 18.10
CA ALA B 99 -14.32 49.63 18.39
C ALA B 99 -13.49 50.05 17.18
N LEU B 100 -14.12 50.21 16.01
CA LEU B 100 -13.36 50.56 14.80
C LEU B 100 -12.68 51.93 14.89
N PRO B 101 -13.34 53.00 15.35
CA PRO B 101 -12.64 54.30 15.38
C PRO B 101 -11.41 54.31 16.28
N GLN B 102 -11.40 53.50 17.35
CA GLN B 102 -10.26 53.48 18.24
C GLN B 102 -9.07 52.72 17.63
N VAL B 103 -9.36 51.64 16.90
CA VAL B 103 -8.31 50.93 16.19
C VAL B 103 -7.66 51.84 15.16
N ARG B 104 -8.48 52.60 14.43
CA ARG B 104 -7.96 53.51 13.41
C ARG B 104 -7.08 54.59 14.04
N ALA B 105 -7.53 55.17 15.16
CA ALA B 105 -6.78 56.23 15.81
C ALA B 105 -5.49 55.70 16.42
N LEU B 106 -5.48 54.46 16.93
CA LEU B 106 -4.27 53.89 17.47
C LEU B 106 -3.23 53.65 16.38
N ILE B 107 -3.68 53.22 15.20
CA ILE B 107 -2.76 52.98 14.09
C ILE B 107 -2.15 54.30 13.62
N PHE B 108 -2.97 55.34 13.47
CA PHE B 108 -2.47 56.65 13.09
C PHE B 108 -1.55 57.25 14.15
N ALA B 109 -1.68 56.81 15.40
CA ALA B 109 -0.77 57.21 16.46
C ALA B 109 0.47 56.33 16.55
N GLY B 110 0.58 55.31 15.70
CA GLY B 110 1.74 54.45 15.71
C GLY B 110 1.77 53.41 16.80
N ARG B 111 0.62 53.08 17.37
CA ARG B 111 0.54 52.07 18.44
C ARG B 111 -0.12 50.81 17.86
N TYR B 112 0.62 50.15 16.96
CA TYR B 112 0.06 49.06 16.19
C TYR B 112 -0.21 47.82 17.04
N ALA B 113 0.62 47.56 18.05
CA ALA B 113 0.41 46.39 18.90
C ALA B 113 -0.89 46.50 19.67
N GLU B 114 -1.21 47.69 20.18
CA GLU B 114 -2.48 47.88 20.87
C GLU B 114 -3.67 47.78 19.92
N ALA B 115 -3.50 48.23 18.68
CA ALA B 115 -4.60 48.16 17.73
C ALA B 115 -4.89 46.72 17.32
N GLU B 116 -3.84 45.90 17.14
CA GLU B 116 -4.04 44.49 16.82
C GLU B 116 -4.73 43.78 17.97
N LYS B 117 -4.26 44.01 19.20
CA LYS B 117 -4.88 43.42 20.37
C LYS B 117 -6.36 43.79 20.45
N LEU B 118 -6.66 45.07 20.24
CA LEU B 118 -8.06 45.51 20.28
C LEU B 118 -8.86 44.91 19.12
N ALA B 119 -8.24 44.79 17.94
CA ALA B 119 -8.93 44.22 16.79
C ALA B 119 -9.31 42.76 17.04
N ASP B 120 -8.36 41.97 17.54
CA ASP B 120 -8.66 40.58 17.88
C ASP B 120 -9.79 40.50 18.90
N ALA B 121 -9.82 41.44 19.85
CA ALA B 121 -10.84 41.41 20.89
C ALA B 121 -12.22 41.77 20.35
N LYS B 122 -12.29 42.71 19.41
CA LYS B 122 -13.58 43.29 19.06
C LYS B 122 -13.90 43.22 17.57
N LEU B 123 -12.88 43.30 16.72
CA LEU B 123 -13.13 43.38 15.28
C LEU B 123 -13.32 42.02 14.63
N LEU B 124 -12.56 41.01 15.06
CA LEU B 124 -12.50 39.75 14.34
C LEU B 124 -13.82 39.00 14.40
N SER B 125 -14.00 38.10 13.44
CA SER B 125 -15.24 37.36 13.29
C SER B 125 -15.45 36.39 14.45
N ARG B 126 -16.71 36.06 14.69
CA ARG B 126 -17.11 35.11 15.73
C ARG B 126 -18.07 34.10 15.11
N PRO B 127 -17.66 32.83 14.93
CA PRO B 127 -16.39 32.21 15.37
C PRO B 127 -15.15 32.70 14.63
N LEU B 128 -13.97 32.38 15.18
CA LEU B 128 -12.73 32.84 14.61
C LEU B 128 -12.36 32.13 13.31
N LYS B 129 -12.96 30.98 13.03
CA LYS B 129 -12.59 30.17 11.89
C LYS B 129 -13.78 30.00 10.94
N GLN B 130 -13.46 29.75 9.68
CA GLN B 130 -14.45 29.43 8.66
C GLN B 130 -14.52 27.91 8.48
N MET B 131 -15.42 27.46 7.57
CA MET B 131 -15.74 26.04 7.53
C MET B 131 -14.82 25.28 6.58
N PRO B 132 -14.51 24.03 6.92
CA PRO B 132 -13.57 23.24 6.11
C PRO B 132 -14.24 22.42 5.02
N TYR B 133 -13.50 22.28 3.92
CA TYR B 133 -13.84 21.32 2.87
C TYR B 133 -13.51 19.91 3.35
N GLN B 134 -14.41 18.97 3.10
CA GLN B 134 -14.30 17.65 3.71
C GLN B 134 -14.48 16.55 2.68
N PRO B 135 -13.91 15.37 2.94
CA PRO B 135 -14.04 14.26 1.98
C PRO B 135 -15.41 13.61 2.04
N LEU B 136 -15.78 13.00 0.91
CA LEU B 136 -17.03 12.26 0.82
C LEU B 136 -16.90 10.86 1.38
N GLY B 137 -15.89 10.12 0.93
CA GLY B 137 -15.70 8.75 1.35
C GLY B 137 -14.77 8.04 0.39
N ASP B 138 -14.57 6.76 0.66
CA ASP B 138 -13.68 5.92 -0.12
C ASP B 138 -14.42 4.70 -0.67
N LEU B 139 -14.20 4.41 -1.94
CA LEU B 139 -14.69 3.17 -2.55
C LEU B 139 -13.62 2.09 -2.39
N LEU B 140 -14.00 0.96 -1.81
CA LEU B 140 -13.08 -0.13 -1.50
C LEU B 140 -13.29 -1.26 -2.50
N LEU B 141 -12.21 -1.66 -3.18
CA LEU B 141 -12.23 -2.74 -4.15
C LEU B 141 -11.24 -3.80 -3.70
N ASP B 142 -11.75 -4.93 -3.22
CA ASP B 142 -10.93 -5.98 -2.64
C ASP B 142 -11.10 -7.25 -3.46
N PHE B 143 -10.10 -7.55 -4.29
CA PHE B 143 -10.09 -8.77 -5.10
C PHE B 143 -9.56 -9.93 -4.26
N ASP B 144 -10.14 -11.12 -4.47
CA ASP B 144 -9.85 -12.25 -3.61
C ASP B 144 -8.61 -13.04 -4.02
N ARG B 145 -7.87 -12.60 -5.04
CA ARG B 145 -6.65 -13.29 -5.44
C ARG B 145 -5.82 -12.40 -6.36
N ALA B 146 -4.50 -12.48 -6.19
CA ALA B 146 -3.56 -11.81 -7.08
C ALA B 146 -2.23 -12.56 -7.08
N ASP B 147 -2.15 -13.66 -7.84
CA ASP B 147 -1.01 -14.56 -7.78
C ASP B 147 -0.02 -14.28 -8.89
N GLY B 148 1.26 -14.34 -8.56
CA GLY B 148 2.34 -14.17 -9.52
C GLY B 148 2.24 -12.89 -10.33
N ILE B 149 2.41 -11.74 -9.67
CA ILE B 149 2.22 -10.46 -10.32
C ILE B 149 3.50 -10.06 -11.04
N SER B 150 3.35 -9.58 -12.28
CA SER B 150 4.46 -9.11 -13.07
C SER B 150 3.99 -7.95 -13.95
N ASP B 151 4.95 -7.14 -14.39
CA ASP B 151 4.72 -6.12 -15.41
C ASP B 151 3.71 -5.06 -14.95
N TYR B 152 3.87 -4.58 -13.72
CA TYR B 152 2.94 -3.63 -13.15
C TYR B 152 3.17 -2.22 -13.71
N ARG B 153 2.07 -1.51 -13.94
CA ARG B 153 2.14 -0.11 -14.35
C ARG B 153 0.83 0.58 -13.98
N ARG B 154 0.91 1.65 -13.21
CA ARG B 154 -0.20 2.54 -12.97
C ARG B 154 0.12 3.90 -13.57
N GLN B 155 -0.89 4.55 -14.16
CA GLN B 155 -0.63 5.74 -14.95
C GLN B 155 -1.82 6.68 -14.87
N LEU B 156 -1.55 7.95 -15.18
CA LEU B 156 -2.57 8.96 -15.44
C LEU B 156 -2.23 9.67 -16.74
N ASP B 157 -3.13 9.62 -17.70
CA ASP B 157 -2.95 10.25 -19.01
C ASP B 157 -3.70 11.58 -19.02
N LEU B 158 -2.94 12.68 -19.13
CA LEU B 158 -3.57 13.99 -19.12
C LEU B 158 -4.46 14.21 -20.33
N ASP B 159 -4.15 13.56 -21.45
CA ASP B 159 -4.95 13.74 -22.67
C ASP B 159 -6.32 13.08 -22.55
N THR B 160 -6.45 12.03 -21.74
CA THR B 160 -7.70 11.29 -21.61
C THR B 160 -8.35 11.44 -20.24
N ALA B 161 -7.66 11.99 -19.26
CA ALA B 161 -8.17 12.11 -17.88
C ALA B 161 -8.57 10.75 -17.32
N VAL B 162 -7.86 9.69 -17.72
CA VAL B 162 -8.12 8.33 -17.26
C VAL B 162 -6.94 7.88 -16.42
N ALA B 163 -7.22 7.31 -15.24
CA ALA B 163 -6.23 6.66 -14.42
C ALA B 163 -6.32 5.15 -14.67
N THR B 164 -5.25 4.56 -15.18
CA THR B 164 -5.24 3.15 -15.57
C THR B 164 -4.17 2.41 -14.77
N THR B 165 -4.55 1.25 -14.23
CA THR B 165 -3.63 0.34 -13.56
C THR B 165 -3.67 -1.01 -14.27
N THR B 166 -2.49 -1.55 -14.59
CA THR B 166 -2.39 -2.76 -15.39
C THR B 166 -1.27 -3.64 -14.86
N PHE B 167 -1.50 -4.96 -14.84
CA PHE B 167 -0.46 -5.89 -14.45
C PHE B 167 -0.78 -7.26 -15.06
N ARG B 168 0.21 -8.15 -14.97
CA ARG B 168 0.09 -9.53 -15.43
C ARG B 168 -0.04 -10.45 -14.23
N SER B 169 -1.06 -11.30 -14.24
CA SER B 169 -1.27 -12.29 -13.19
C SER B 169 -1.54 -13.63 -13.84
N GLY B 170 -0.65 -14.60 -13.61
CA GLY B 170 -0.74 -15.88 -14.29
C GLY B 170 -0.51 -15.71 -15.78
N GLY B 171 -1.53 -15.99 -16.58
CA GLY B 171 -1.50 -15.73 -18.00
C GLY B 171 -2.38 -14.59 -18.44
N ALA B 172 -2.98 -13.85 -17.52
CA ALA B 172 -3.98 -12.84 -17.82
C ALA B 172 -3.43 -11.44 -17.62
N VAL B 173 -3.94 -10.51 -18.41
CA VAL B 173 -3.70 -9.08 -18.22
C VAL B 173 -4.92 -8.51 -17.52
N HIS B 174 -4.71 -7.89 -16.36
CA HIS B 174 -5.76 -7.25 -15.60
C HIS B 174 -5.63 -5.73 -15.71
N ARG B 175 -6.76 -5.05 -15.87
CA ARG B 175 -6.78 -3.62 -16.09
C ARG B 175 -7.92 -3.00 -15.29
N ARG B 176 -7.65 -1.84 -14.69
CA ARG B 176 -8.65 -1.05 -13.99
C ARG B 176 -8.53 0.39 -14.44
N GLU B 177 -9.64 0.98 -14.87
CA GLU B 177 -9.67 2.34 -15.39
C GLU B 177 -10.68 3.17 -14.64
N VAL B 178 -10.28 4.39 -14.28
CA VAL B 178 -11.14 5.32 -13.54
C VAL B 178 -11.11 6.67 -14.25
N PHE B 179 -12.29 7.24 -14.49
CA PHE B 179 -12.39 8.61 -14.96
C PHE B 179 -13.71 9.19 -14.49
N VAL B 180 -13.80 10.52 -14.55
CA VAL B 180 -14.98 11.25 -14.11
C VAL B 180 -15.47 12.09 -15.28
N CYS B 181 -16.69 11.83 -15.72
CA CYS B 181 -17.25 12.46 -16.91
C CYS B 181 -18.09 13.67 -16.52
N ALA B 182 -17.87 14.78 -17.20
CA ALA B 182 -18.68 15.98 -17.00
C ALA B 182 -20.03 15.88 -17.71
N GLN B 183 -20.14 15.03 -18.73
CA GLN B 183 -21.42 14.84 -19.42
C GLN B 183 -22.35 13.95 -18.59
N ALA B 184 -21.91 12.73 -18.27
CA ALA B 184 -22.73 11.83 -17.48
C ALA B 184 -22.78 12.22 -16.01
N GLN B 185 -21.85 13.07 -15.56
CA GLN B 185 -21.75 13.46 -14.15
C GLN B 185 -21.63 12.22 -13.25
N CYS B 186 -20.73 11.32 -13.64
CA CYS B 186 -20.48 10.10 -12.89
C CYS B 186 -19.00 9.77 -12.93
N ILE B 187 -18.53 9.14 -11.85
CA ILE B 187 -17.24 8.45 -11.87
C ILE B 187 -17.45 7.08 -12.51
N VAL B 188 -16.65 6.76 -13.52
CA VAL B 188 -16.75 5.49 -14.24
C VAL B 188 -15.54 4.65 -13.87
N VAL B 189 -15.79 3.45 -13.37
CA VAL B 189 -14.75 2.49 -13.00
C VAL B 189 -14.98 1.22 -13.78
N ARG B 190 -13.99 0.78 -14.55
CA ARG B 190 -14.08 -0.41 -15.38
C ARG B 190 -13.01 -1.39 -14.96
N LEU B 191 -13.42 -2.61 -14.60
CA LEU B 191 -12.51 -3.70 -14.26
C LEU B 191 -12.56 -4.71 -15.40
N SER B 192 -11.44 -4.85 -16.12
CA SER B 192 -11.36 -5.71 -17.28
C SER B 192 -10.23 -6.72 -17.13
N CYS B 193 -10.32 -7.79 -17.92
CA CYS B 193 -9.30 -8.83 -17.95
C CYS B 193 -9.42 -9.58 -19.27
N ASP B 194 -8.28 -9.90 -19.88
CA ASP B 194 -8.28 -10.51 -21.20
C ASP B 194 -8.55 -12.01 -21.18
N ARG B 195 -8.91 -12.57 -20.02
CA ARG B 195 -9.38 -13.95 -19.91
C ARG B 195 -10.76 -13.97 -19.27
N PRO B 196 -11.63 -14.88 -19.68
CA PRO B 196 -13.00 -14.90 -19.14
C PRO B 196 -13.03 -15.26 -17.67
N GLY B 197 -14.06 -14.77 -16.99
CA GLY B 197 -14.31 -15.14 -15.59
C GLY B 197 -13.22 -14.75 -14.63
N GLY B 198 -12.52 -13.63 -14.88
CA GLY B 198 -11.40 -13.23 -14.06
C GLY B 198 -11.62 -12.04 -13.16
N ILE B 199 -12.87 -11.60 -12.96
CA ILE B 199 -13.17 -10.43 -12.14
C ILE B 199 -13.95 -10.91 -10.93
N SER B 200 -13.28 -10.99 -9.78
CA SER B 200 -13.91 -11.42 -8.53
C SER B 200 -13.43 -10.50 -7.41
N LEU B 201 -14.38 -9.87 -6.73
CA LEU B 201 -14.05 -8.88 -5.70
C LEU B 201 -15.32 -8.58 -4.92
N ARG B 202 -15.17 -7.76 -3.88
CA ARG B 202 -16.30 -7.14 -3.22
C ARG B 202 -16.10 -5.62 -3.21
N VAL B 203 -17.22 -4.89 -3.11
CA VAL B 203 -17.25 -3.46 -3.28
C VAL B 203 -17.95 -2.85 -2.07
N GLY B 204 -17.25 -1.95 -1.37
CA GLY B 204 -17.79 -1.32 -0.17
C GLY B 204 -17.49 0.16 -0.14
N ILE B 205 -18.05 0.82 0.88
CA ILE B 205 -17.90 2.26 1.08
C ILE B 205 -17.42 2.50 2.50
N ASP B 206 -16.37 3.31 2.65
CA ASP B 206 -15.81 3.69 3.93
C ASP B 206 -15.71 5.21 3.98
N SER B 207 -16.10 5.81 5.10
CA SER B 207 -16.17 7.27 5.15
C SER B 207 -15.97 7.77 6.57
N PRO B 208 -15.35 8.94 6.73
CA PRO B 208 -15.35 9.60 8.05
C PRO B 208 -16.61 10.39 8.33
N GLN B 209 -17.51 10.52 7.35
CA GLN B 209 -18.77 11.22 7.55
C GLN B 209 -19.79 10.29 8.20
N THR B 210 -20.67 10.88 9.00
CA THR B 210 -21.79 10.13 9.54
C THR B 210 -22.77 9.78 8.41
N GLY B 211 -23.67 8.85 8.71
CA GLY B 211 -24.69 8.45 7.77
C GLY B 211 -24.94 6.97 7.84
N GLU B 212 -25.72 6.46 6.88
CA GLU B 212 -26.05 5.06 6.80
C GLU B 212 -25.80 4.54 5.39
N VAL B 213 -25.24 3.34 5.30
CA VAL B 213 -25.05 2.64 4.04
C VAL B 213 -26.13 1.57 3.93
N THR B 214 -26.82 1.55 2.79
CA THR B 214 -27.75 0.48 2.47
C THR B 214 -27.26 -0.26 1.24
N ALA B 215 -27.34 -1.58 1.28
CA ALA B 215 -26.69 -2.43 0.29
C ALA B 215 -27.68 -3.47 -0.25
N GLU B 216 -27.75 -3.57 -1.56
CA GLU B 216 -28.53 -4.56 -2.29
C GLU B 216 -27.66 -5.17 -3.36
N PRO B 217 -28.09 -6.27 -3.98
CA PRO B 217 -27.43 -6.68 -5.23
C PRO B 217 -27.47 -5.60 -6.30
N GLY B 218 -28.49 -4.74 -6.27
CA GLY B 218 -28.62 -3.70 -7.28
C GLY B 218 -27.69 -2.53 -7.12
N GLY B 219 -27.12 -2.34 -5.94
CA GLY B 219 -26.14 -1.29 -5.74
C GLY B 219 -26.10 -0.83 -4.31
N LEU B 220 -25.27 0.18 -4.08
CA LEU B 220 -25.05 0.77 -2.77
C LEU B 220 -25.59 2.20 -2.72
N LEU B 221 -25.97 2.63 -1.52
CA LEU B 221 -26.33 4.01 -1.26
C LEU B 221 -25.74 4.42 0.09
N PHE B 222 -25.07 5.57 0.11
CA PHE B 222 -24.54 6.15 1.34
C PHE B 222 -25.19 7.51 1.52
N SER B 223 -26.05 7.64 2.53
CA SER B 223 -26.81 8.86 2.77
C SER B 223 -26.55 9.34 4.19
N GLY B 224 -26.30 10.63 4.35
CA GLY B 224 -26.05 11.17 5.67
C GLY B 224 -26.04 12.67 5.67
N ARG B 225 -25.57 13.23 6.79
CA ARG B 225 -25.45 14.66 6.98
C ARG B 225 -24.02 15.02 7.35
N ASN B 226 -23.63 16.25 7.01
CA ASN B 226 -22.32 16.73 7.41
C ASN B 226 -22.32 17.06 8.90
N GLY B 227 -21.14 17.44 9.42
CA GLY B 227 -20.97 17.71 10.83
C GLY B 227 -20.76 19.19 11.12
N SER B 228 -20.58 19.48 12.41
CA SER B 228 -20.36 20.83 12.88
C SER B 228 -18.87 21.16 12.91
N PHE B 229 -18.58 22.45 12.99
CA PHE B 229 -17.20 22.92 13.10
C PHE B 229 -17.21 24.32 13.69
N ALA B 230 -16.38 24.55 14.70
CA ALA B 230 -16.28 25.84 15.39
C ALA B 230 -17.65 26.31 15.86
N GLY B 231 -18.46 25.39 16.37
CA GLY B 231 -19.76 25.72 16.90
C GLY B 231 -20.83 26.01 15.88
N ILE B 232 -20.55 25.83 14.59
CA ILE B 232 -21.53 26.04 13.53
C ILE B 232 -22.04 24.67 13.11
N GLU B 233 -23.30 24.37 13.46
CA GLU B 233 -23.82 23.02 13.31
C GLU B 233 -24.00 22.65 11.84
N GLY B 234 -23.94 21.35 11.57
CA GLY B 234 -24.05 20.86 10.21
C GLY B 234 -25.47 20.81 9.71
N ARG B 235 -25.73 21.46 8.58
CA ARG B 235 -27.08 21.53 8.01
C ARG B 235 -27.10 21.06 6.56
N LEU B 236 -26.10 20.30 6.13
CA LEU B 236 -26.07 19.72 4.79
C LEU B 236 -26.45 18.26 4.83
N ARG B 237 -27.05 17.78 3.74
CA ARG B 237 -27.28 16.37 3.50
C ARG B 237 -26.54 15.97 2.24
N PHE B 238 -26.07 14.73 2.18
CA PHE B 238 -25.30 14.25 1.04
C PHE B 238 -25.74 12.84 0.67
N ALA B 239 -25.43 12.46 -0.57
CA ALA B 239 -25.77 11.13 -1.06
C ALA B 239 -24.71 10.67 -2.05
N LEU B 240 -24.30 9.41 -1.90
CA LEU B 240 -23.36 8.77 -2.81
C LEU B 240 -23.93 7.43 -3.23
N ARG B 241 -24.00 7.19 -4.54
CA ARG B 241 -24.62 5.99 -5.10
C ARG B 241 -23.61 5.23 -5.94
N VAL B 242 -23.66 3.90 -5.86
CA VAL B 242 -22.76 3.00 -6.58
C VAL B 242 -23.61 1.98 -7.32
N LEU B 243 -23.53 1.99 -8.66
CA LEU B 243 -24.34 1.11 -9.48
C LEU B 243 -23.46 0.12 -10.23
N PRO B 244 -23.62 -1.18 -10.04
CA PRO B 244 -22.84 -2.17 -10.79
C PRO B 244 -23.50 -2.59 -12.09
N GLN B 245 -22.67 -2.75 -13.11
CA GLN B 245 -23.06 -3.30 -14.41
C GLN B 245 -22.14 -4.48 -14.70
N VAL B 246 -22.65 -5.69 -14.55
CA VAL B 246 -21.83 -6.91 -14.55
C VAL B 246 -22.13 -7.72 -15.79
N SER B 247 -21.08 -8.07 -16.54
CA SER B 247 -21.16 -9.03 -17.63
C SER B 247 -20.59 -10.35 -17.13
N GLY B 248 -21.45 -11.37 -17.05
CA GLY B 248 -21.04 -12.67 -16.58
C GLY B 248 -21.03 -12.77 -15.06
N GLY B 249 -20.69 -13.97 -14.58
CA GLY B 249 -20.59 -14.23 -13.16
C GLY B 249 -21.90 -14.05 -12.41
N LYS B 250 -21.78 -13.93 -11.10
CA LYS B 250 -22.91 -13.73 -10.21
C LYS B 250 -22.74 -12.43 -9.44
N LEU B 251 -23.84 -11.69 -9.30
CA LEU B 251 -23.84 -10.42 -8.56
C LEU B 251 -24.75 -10.59 -7.35
N SER B 252 -24.16 -10.56 -6.16
CA SER B 252 -24.91 -10.68 -4.93
C SER B 252 -24.50 -9.58 -3.95
N GLN B 253 -25.03 -9.64 -2.72
CA GLN B 253 -24.74 -8.64 -1.71
C GLN B 253 -24.51 -9.35 -0.37
N VAL B 254 -23.42 -8.99 0.29
CA VAL B 254 -23.08 -9.55 1.59
C VAL B 254 -22.75 -8.40 2.53
N ARG B 255 -23.51 -8.31 3.62
CA ARG B 255 -23.37 -7.23 4.63
C ARG B 255 -23.51 -5.89 3.90
N ASP B 256 -22.57 -4.96 4.05
CA ASP B 256 -22.69 -3.65 3.44
C ASP B 256 -21.99 -3.57 2.08
N ARG B 257 -21.75 -4.70 1.42
CA ARG B 257 -20.90 -4.73 0.24
C ARG B 257 -21.56 -5.52 -0.89
N LEU B 258 -21.21 -5.13 -2.12
CA LEU B 258 -21.52 -5.94 -3.29
C LEU B 258 -20.50 -7.06 -3.42
N ARG B 259 -20.94 -8.19 -3.97
CA ARG B 259 -20.06 -9.32 -4.23
C ARG B 259 -20.21 -9.73 -5.70
N ILE B 260 -19.08 -9.97 -6.35
CA ILE B 260 -19.04 -10.38 -7.75
C ILE B 260 -18.10 -11.58 -7.86
N ASP B 261 -18.62 -12.70 -8.37
CA ASP B 261 -17.87 -13.93 -8.50
C ASP B 261 -17.62 -14.24 -9.97
N ALA B 262 -16.34 -14.29 -10.35
CA ALA B 262 -15.91 -14.80 -11.66
C ALA B 262 -16.68 -14.14 -12.81
N ALA B 263 -16.71 -12.81 -12.81
CA ALA B 263 -17.34 -12.09 -13.90
C ALA B 263 -16.36 -11.89 -15.05
N ASP B 264 -16.91 -11.53 -16.20
CA ASP B 264 -16.09 -11.23 -17.38
C ASP B 264 -15.62 -9.78 -17.41
N GLU B 265 -16.49 -8.85 -17.02
CA GLU B 265 -16.15 -7.44 -16.96
C GLU B 265 -17.12 -6.75 -16.03
N VAL B 266 -16.63 -5.75 -15.31
CA VAL B 266 -17.44 -4.98 -14.36
C VAL B 266 -17.25 -3.50 -14.65
N VAL B 267 -18.36 -2.76 -14.69
CA VAL B 267 -18.33 -1.30 -14.78
C VAL B 267 -19.14 -0.74 -13.62
N LEU B 268 -18.47 0.00 -12.74
CA LEU B 268 -19.13 0.67 -11.63
C LEU B 268 -19.36 2.13 -11.99
N LEU B 269 -20.58 2.60 -11.79
CA LEU B 269 -20.93 4.00 -11.99
C LEU B 269 -21.28 4.63 -10.65
N LEU B 270 -20.70 5.79 -10.36
CA LEU B 270 -20.85 6.45 -9.08
C LEU B 270 -21.27 7.90 -9.31
N SER B 271 -22.28 8.34 -8.58
CA SER B 271 -22.74 9.72 -8.59
C SER B 271 -22.85 10.24 -7.17
N ALA B 272 -22.70 11.55 -7.02
CA ALA B 272 -22.70 12.17 -5.70
C ALA B 272 -23.28 13.57 -5.79
N ALA B 273 -23.80 14.04 -4.66
CA ALA B 273 -24.37 15.39 -4.56
C ALA B 273 -24.64 15.71 -3.10
N THR B 274 -24.82 16.99 -2.83
CA THR B 274 -25.28 17.48 -1.53
C THR B 274 -26.57 18.27 -1.71
N SER B 275 -27.14 18.69 -0.59
CA SER B 275 -28.35 19.51 -0.61
C SER B 275 -28.05 20.99 -0.82
N TYR B 276 -26.78 21.34 -1.03
CA TYR B 276 -26.39 22.74 -1.13
C TYR B 276 -26.93 23.36 -2.41
N GLN B 277 -27.54 24.53 -2.28
CA GLN B 277 -28.02 25.32 -3.40
C GLN B 277 -27.38 26.70 -3.47
N ARG B 278 -27.24 27.37 -2.33
CA ARG B 278 -26.65 28.70 -2.26
C ARG B 278 -26.05 28.87 -0.87
N PHE B 279 -25.33 29.97 -0.67
CA PHE B 279 -24.70 30.21 0.63
C PHE B 279 -25.73 30.37 1.73
N ASP B 280 -26.99 30.63 1.39
CA ASP B 280 -28.07 30.76 2.37
C ASP B 280 -29.20 29.77 2.14
N ALA B 281 -29.01 28.76 1.29
CA ALA B 281 -30.09 27.85 0.91
C ALA B 281 -29.53 26.45 0.77
N VAL B 282 -30.03 25.52 1.58
CA VAL B 282 -29.54 24.14 1.59
C VAL B 282 -30.71 23.17 1.45
N ASP B 283 -31.60 23.44 0.50
CA ASP B 283 -32.80 22.63 0.31
C ASP B 283 -32.73 21.76 -0.93
N GLY B 284 -31.53 21.28 -1.27
CA GLY B 284 -31.39 20.39 -2.40
C GLY B 284 -31.85 18.98 -2.11
N ASP B 285 -31.95 18.17 -3.16
CA ASP B 285 -32.38 16.78 -3.08
C ASP B 285 -31.28 15.89 -3.65
N PRO B 286 -30.20 15.67 -2.88
CA PRO B 286 -29.10 14.84 -3.40
C PRO B 286 -29.50 13.40 -3.66
N LEU B 287 -30.49 12.88 -2.92
CA LEU B 287 -30.97 11.53 -3.17
C LEU B 287 -31.53 11.41 -4.58
N ALA B 288 -32.36 12.38 -4.98
CA ALA B 288 -32.99 12.32 -6.30
C ALA B 288 -31.99 12.64 -7.40
N LEU B 289 -31.12 13.64 -7.18
CA LEU B 289 -30.19 14.06 -8.23
C LEU B 289 -29.23 12.94 -8.59
N THR B 290 -28.75 12.19 -7.59
CA THR B 290 -27.82 11.09 -7.88
C THR B 290 -28.53 9.95 -8.60
N ALA B 291 -29.76 9.63 -8.19
CA ALA B 291 -30.51 8.58 -8.85
C ALA B 291 -30.85 8.97 -10.28
N ALA B 292 -31.18 10.24 -10.50
CA ALA B 292 -31.50 10.70 -11.86
C ALA B 292 -30.29 10.57 -12.78
N ARG B 293 -29.10 10.92 -12.29
CA ARG B 293 -27.90 10.81 -13.12
C ARG B 293 -27.55 9.36 -13.40
N LEU B 294 -27.83 8.46 -12.45
CA LEU B 294 -27.45 7.06 -12.63
C LEU B 294 -28.30 6.39 -13.70
N ARG B 295 -29.63 6.43 -13.54
CA ARG B 295 -30.50 5.79 -14.54
C ARG B 295 -30.36 6.45 -15.90
N LYS B 296 -30.06 7.75 -15.93
CA LYS B 296 -29.80 8.42 -17.21
C LYS B 296 -28.53 7.89 -17.85
N ALA B 297 -27.45 7.78 -17.06
CA ALA B 297 -26.18 7.29 -17.58
C ALA B 297 -26.17 5.78 -17.77
N ALA B 298 -26.95 5.05 -16.98
CA ALA B 298 -27.00 3.60 -17.11
C ALA B 298 -27.61 3.16 -18.43
N LYS B 299 -28.30 4.06 -19.13
CA LYS B 299 -28.85 3.76 -20.45
C LYS B 299 -27.79 3.68 -21.53
N LEU B 300 -26.53 3.92 -21.19
CA LEU B 300 -25.46 4.03 -22.18
C LEU B 300 -24.51 2.84 -22.10
N ASP B 301 -23.65 2.75 -23.10
CA ASP B 301 -22.65 1.70 -23.25
C ASP B 301 -21.28 2.28 -22.94
N PHE B 302 -20.34 1.43 -22.50
CA PHE B 302 -19.04 1.96 -22.08
C PHE B 302 -18.28 2.62 -23.22
N PRO B 303 -18.16 2.04 -24.42
CA PRO B 303 -17.61 2.81 -25.53
C PRO B 303 -18.33 4.14 -25.76
N ALA B 304 -19.65 4.17 -25.57
CA ALA B 304 -20.40 5.42 -25.70
C ALA B 304 -20.15 6.36 -24.54
N LEU B 305 -20.01 5.82 -23.32
CA LEU B 305 -19.59 6.64 -22.18
C LEU B 305 -18.22 7.25 -22.43
N LEU B 306 -17.29 6.43 -22.94
CA LEU B 306 -15.91 6.88 -23.10
C LEU B 306 -15.80 7.95 -24.18
N ARG B 307 -16.50 7.77 -25.31
CA ARG B 307 -16.43 8.75 -26.38
C ARG B 307 -16.95 10.11 -25.94
N ALA B 308 -18.02 10.12 -25.13
CA ALA B 308 -18.56 11.38 -24.64
C ALA B 308 -17.59 12.06 -23.68
N HIS B 309 -16.98 11.30 -22.78
CA HIS B 309 -16.04 11.88 -21.83
C HIS B 309 -14.81 12.42 -22.55
N LEU B 310 -14.26 11.64 -23.48
CA LEU B 310 -13.07 12.07 -24.21
C LEU B 310 -13.35 13.34 -25.02
N ALA B 311 -14.54 13.43 -25.62
CA ALA B 311 -14.87 14.59 -26.44
C ALA B 311 -14.95 15.85 -25.59
N ASP B 312 -15.65 15.79 -24.46
CA ASP B 312 -15.79 16.96 -23.61
C ASP B 312 -14.46 17.37 -23.02
N HIS B 313 -13.69 16.41 -22.51
CA HIS B 313 -12.41 16.75 -21.89
C HIS B 313 -11.42 17.28 -22.91
N GLN B 314 -11.34 16.65 -24.09
CA GLN B 314 -10.31 17.03 -25.05
C GLN B 314 -10.62 18.32 -25.80
N ARG B 315 -11.88 18.74 -25.86
CA ARG B 315 -12.18 20.03 -26.47
C ARG B 315 -11.53 21.16 -25.70
N LEU B 316 -11.32 20.98 -24.39
CA LEU B 316 -10.66 21.98 -23.57
C LEU B 316 -9.16 21.71 -23.43
N PHE B 317 -8.77 20.45 -23.22
CA PHE B 317 -7.36 20.17 -22.95
C PHE B 317 -6.49 20.37 -24.19
N ARG B 318 -6.99 19.97 -25.36
CA ARG B 318 -6.18 20.02 -26.58
C ARG B 318 -6.10 21.42 -27.17
N ARG B 319 -6.59 22.44 -26.47
CA ARG B 319 -6.53 23.80 -27.00
C ARG B 319 -5.10 24.34 -27.03
N VAL B 320 -4.23 23.84 -26.15
CA VAL B 320 -2.87 24.35 -26.01
C VAL B 320 -1.89 23.19 -26.15
N ALA B 321 -0.84 23.41 -26.95
CA ALA B 321 0.24 22.44 -27.12
C ALA B 321 1.56 23.13 -26.81
N ILE B 322 2.42 22.45 -26.06
CA ILE B 322 3.69 23.02 -25.63
C ILE B 322 4.78 21.96 -25.78
N ASP B 323 5.92 22.38 -26.31
CA ASP B 323 7.07 21.50 -26.53
C ASP B 323 8.31 22.25 -26.09
N LEU B 324 8.96 21.78 -25.02
CA LEU B 324 10.16 22.40 -24.50
C LEU B 324 11.40 21.56 -24.73
N GLY B 325 11.28 20.49 -25.50
CA GLY B 325 12.39 19.57 -25.72
C GLY B 325 12.07 18.17 -25.25
N SER B 326 12.77 17.18 -25.80
CA SER B 326 12.56 15.79 -25.45
C SER B 326 13.88 15.14 -25.09
N SER B 327 13.83 14.19 -24.15
CA SER B 327 15.00 13.49 -23.69
C SER B 327 14.65 12.04 -23.45
N GLU B 328 15.68 11.22 -23.20
CA GLU B 328 15.46 9.83 -22.84
C GLU B 328 14.78 9.71 -21.48
N ALA B 329 14.86 10.75 -20.65
CA ALA B 329 14.27 10.73 -19.32
C ALA B 329 12.75 10.62 -19.33
N VAL B 330 12.11 10.82 -20.49
CA VAL B 330 10.67 10.61 -20.59
C VAL B 330 10.31 9.16 -20.30
N GLN B 331 11.26 8.23 -20.50
CA GLN B 331 11.00 6.82 -20.22
C GLN B 331 10.99 6.51 -18.73
N LEU B 332 11.54 7.41 -17.90
CA LEU B 332 11.61 7.15 -16.46
C LEU B 332 10.26 7.37 -15.80
N PRO B 333 9.97 6.67 -14.70
CA PRO B 333 8.73 6.93 -13.96
C PRO B 333 8.75 8.34 -13.37
N THR B 334 7.55 8.87 -13.15
CA THR B 334 7.41 10.29 -12.83
C THR B 334 8.11 10.64 -11.52
N ASP B 335 8.08 9.74 -10.54
CA ASP B 335 8.72 10.03 -9.26
C ASP B 335 10.23 10.20 -9.43
N GLU B 336 10.85 9.33 -10.24
CA GLU B 336 12.28 9.48 -10.49
C GLU B 336 12.59 10.75 -11.26
N ARG B 337 11.68 11.18 -12.15
CA ARG B 337 11.90 12.40 -12.90
C ARG B 337 11.97 13.61 -11.98
N VAL B 338 11.11 13.66 -10.97
CA VAL B 338 11.15 14.76 -10.01
C VAL B 338 12.45 14.75 -9.23
N GLN B 339 12.91 13.57 -8.83
CA GLN B 339 14.15 13.47 -8.07
C GLN B 339 15.36 13.88 -8.89
N ARG B 340 15.31 13.69 -10.21
CA ARG B 340 16.47 13.88 -11.07
C ARG B 340 16.34 15.08 -11.99
N PHE B 341 15.32 15.91 -11.82
CA PHE B 341 15.13 17.04 -12.73
C PHE B 341 16.27 18.04 -12.63
N ALA B 342 16.92 18.14 -11.47
CA ALA B 342 18.03 19.06 -11.30
C ALA B 342 19.26 18.69 -12.13
N GLU B 343 19.27 17.50 -12.73
CA GLU B 343 20.40 17.10 -13.57
C GLU B 343 20.44 17.86 -14.90
N GLY B 344 19.39 18.58 -15.25
CA GLY B 344 19.36 19.31 -16.50
C GLY B 344 19.25 18.43 -17.73
N ASN B 345 18.68 17.23 -17.60
CA ASN B 345 18.60 16.27 -18.69
C ASN B 345 17.17 15.86 -18.99
N ASP B 346 16.18 16.62 -18.54
CA ASP B 346 14.77 16.27 -18.72
C ASP B 346 13.97 17.55 -18.95
N PRO B 347 14.08 18.14 -20.14
CA PRO B 347 13.30 19.36 -20.42
C PRO B 347 11.81 19.12 -20.48
N ALA B 348 11.38 17.92 -20.84
CA ALA B 348 9.96 17.65 -21.02
C ALA B 348 9.18 17.67 -19.70
N LEU B 349 9.86 17.48 -18.56
CA LEU B 349 9.15 17.51 -17.28
C LEU B 349 8.55 18.89 -17.02
N ALA B 350 9.21 19.95 -17.48
CA ALA B 350 8.63 21.29 -17.35
C ALA B 350 7.37 21.42 -18.17
N ALA B 351 7.37 20.87 -19.40
CA ALA B 351 6.17 20.90 -20.22
C ALA B 351 5.06 20.05 -19.60
N LEU B 352 5.43 18.91 -19.01
CA LEU B 352 4.44 18.08 -18.33
C LEU B 352 3.84 18.80 -17.13
N TYR B 353 4.69 19.47 -16.34
CA TYR B 353 4.19 20.26 -15.21
C TYR B 353 3.24 21.36 -15.68
N HIS B 354 3.57 22.01 -16.81
CA HIS B 354 2.70 23.03 -17.36
C HIS B 354 1.31 22.48 -17.67
N GLN B 355 1.26 21.36 -18.39
CA GLN B 355 -0.02 20.78 -18.76
C GLN B 355 -0.74 20.17 -17.58
N TYR B 356 -0.01 19.79 -16.53
CA TYR B 356 -0.66 19.29 -15.32
C TYR B 356 -1.50 20.37 -14.66
N GLY B 357 -1.02 21.62 -14.68
CA GLY B 357 -1.82 22.71 -14.14
C GLY B 357 -3.06 22.99 -14.97
N ARG B 358 -2.92 22.99 -16.30
CA ARG B 358 -4.09 23.11 -17.16
C ARG B 358 -5.07 21.96 -16.91
N TYR B 359 -4.54 20.75 -16.76
CA TYR B 359 -5.37 19.58 -16.45
C TYR B 359 -6.11 19.78 -15.14
N LEU B 360 -5.38 20.18 -14.08
CA LEU B 360 -6.00 20.29 -12.76
C LEU B 360 -7.07 21.38 -12.73
N LEU B 361 -6.88 22.47 -13.48
CA LEU B 361 -7.91 23.51 -13.54
C LEU B 361 -9.16 22.99 -14.24
N ILE B 362 -8.99 22.24 -15.33
CA ILE B 362 -10.12 21.63 -16.02
C ILE B 362 -10.88 20.71 -15.09
N CYS B 363 -10.16 19.93 -14.29
CA CYS B 363 -10.76 18.89 -13.46
C CYS B 363 -11.26 19.39 -12.11
N SER B 364 -11.00 20.66 -11.76
CA SER B 364 -11.42 21.20 -10.47
C SER B 364 -12.30 22.44 -10.58
N SER B 365 -12.52 22.98 -11.77
CA SER B 365 -13.29 24.21 -11.91
C SER B 365 -13.94 24.34 -13.28
N ARG B 366 -15.09 23.71 -13.47
CA ARG B 366 -15.88 23.83 -14.67
C ARG B 366 -17.04 24.79 -14.45
N PRO B 367 -17.64 25.32 -15.51
CA PRO B 367 -18.82 26.18 -15.33
C PRO B 367 -19.91 25.47 -14.55
N GLY B 368 -20.47 26.18 -13.56
CA GLY B 368 -21.50 25.62 -12.72
C GLY B 368 -21.02 24.88 -11.50
N THR B 369 -19.70 24.70 -11.35
CA THR B 369 -19.13 24.05 -10.18
C THR B 369 -18.55 25.09 -9.23
N GLN B 370 -18.08 24.63 -8.08
CA GLN B 370 -17.43 25.53 -7.14
C GLN B 370 -16.02 25.86 -7.62
N PRO B 371 -15.47 27.02 -7.24
CA PRO B 371 -14.11 27.35 -7.65
C PRO B 371 -13.08 26.43 -7.01
N ALA B 372 -11.92 26.38 -7.64
CA ALA B 372 -10.82 25.57 -7.12
C ALA B 372 -10.35 26.14 -5.78
N ASN B 373 -10.53 25.38 -4.71
CA ASN B 373 -10.11 25.83 -3.38
C ASN B 373 -8.62 25.56 -3.19
N LEU B 374 -8.16 25.62 -1.94
CA LEU B 374 -6.74 25.43 -1.65
C LEU B 374 -6.20 24.11 -2.17
N GLN B 375 -7.06 23.10 -2.34
CA GLN B 375 -6.63 21.79 -2.81
C GLN B 375 -7.38 21.35 -4.07
N GLY B 376 -7.88 22.31 -4.86
CA GLY B 376 -8.64 21.98 -6.03
C GLY B 376 -10.01 21.42 -5.69
N ILE B 377 -10.13 20.09 -5.69
CA ILE B 377 -11.32 19.41 -5.20
C ILE B 377 -10.91 18.15 -4.44
N TRP B 378 -9.61 17.90 -4.37
CA TRP B 378 -9.09 16.64 -3.85
C TRP B 378 -8.64 16.83 -2.40
N ASN B 379 -9.32 16.13 -1.48
CA ASN B 379 -9.06 16.30 -0.05
C ASN B 379 -9.62 15.10 0.69
N ASP B 380 -8.80 14.47 1.53
CA ASP B 380 -9.19 13.30 2.30
C ASP B 380 -9.23 13.56 3.80
N LEU B 381 -9.19 14.82 4.22
CA LEU B 381 -9.10 15.17 5.64
C LEU B 381 -10.35 15.93 6.07
N MET B 382 -10.92 15.53 7.21
CA MET B 382 -12.06 16.25 7.77
C MET B 382 -11.66 17.62 8.28
N GLN B 383 -10.42 17.75 8.78
CA GLN B 383 -9.87 19.03 9.24
C GLN B 383 -8.59 19.28 8.45
N PRO B 384 -8.72 19.74 7.21
CA PRO B 384 -7.54 19.92 6.35
C PRO B 384 -6.76 21.16 6.74
N PRO B 385 -5.52 21.29 6.28
CA PRO B 385 -4.76 22.52 6.56
C PRO B 385 -5.49 23.77 6.10
N TRP B 386 -5.67 24.70 7.04
CA TRP B 386 -6.31 25.99 6.77
C TRP B 386 -7.68 25.81 6.13
N GLU B 387 -8.36 24.72 6.48
CA GLU B 387 -9.73 24.39 6.09
C GLU B 387 -9.88 24.12 4.59
N SER B 388 -8.80 24.19 3.81
CA SER B 388 -8.85 23.90 2.37
C SER B 388 -9.93 24.72 1.68
N LYS B 389 -10.11 25.96 2.13
CA LYS B 389 -11.12 26.85 1.53
C LYS B 389 -10.50 27.82 0.54
N TYR B 390 -10.88 29.09 0.62
CA TYR B 390 -10.42 30.09 -0.34
C TYR B 390 -9.69 31.21 0.41
N THR B 391 -8.36 31.14 0.42
CA THR B 391 -7.52 32.21 0.94
C THR B 391 -7.19 33.17 -0.19
N ILE B 392 -7.66 34.41 -0.07
CA ILE B 392 -7.66 35.32 -1.20
C ILE B 392 -6.74 36.52 -1.00
N ASN B 393 -5.65 36.32 -0.25
CA ASN B 393 -4.57 37.31 -0.25
C ASN B 393 -3.36 36.82 -1.04
N ILE B 394 -3.54 35.78 -1.88
CA ILE B 394 -2.64 35.40 -2.96
C ILE B 394 -3.14 34.10 -3.61
N ASN B 395 -3.59 33.15 -2.78
CA ASN B 395 -3.65 31.75 -3.21
C ASN B 395 -4.74 31.51 -4.23
N THR B 396 -5.96 31.95 -3.97
CA THR B 396 -7.04 31.73 -4.93
C THR B 396 -6.80 32.50 -6.23
N GLU B 397 -6.20 33.69 -6.12
CA GLU B 397 -5.83 34.43 -7.32
C GLU B 397 -4.84 33.64 -8.17
N MET B 398 -3.82 33.06 -7.52
CA MET B 398 -2.85 32.24 -8.24
C MET B 398 -3.50 31.06 -8.93
N ASN B 399 -4.55 30.49 -8.32
CA ASN B 399 -5.25 29.37 -8.94
C ASN B 399 -5.73 29.71 -10.34
N TYR B 400 -6.20 30.93 -10.55
CA TYR B 400 -6.81 31.33 -11.80
C TYR B 400 -5.91 32.18 -12.68
N TRP B 401 -4.67 32.43 -12.25
CA TRP B 401 -3.69 33.12 -13.10
C TRP B 401 -3.53 32.47 -14.48
N PRO B 402 -3.32 31.16 -14.62
CA PRO B 402 -3.08 30.60 -15.95
C PRO B 402 -4.30 30.53 -16.85
N SER B 403 -5.48 30.96 -16.38
CA SER B 403 -6.72 30.66 -17.09
C SER B 403 -6.73 31.24 -18.50
N GLU B 404 -6.47 32.54 -18.64
CA GLU B 404 -6.73 33.21 -19.91
C GLU B 404 -5.68 32.88 -20.97
N ALA B 405 -4.40 32.97 -20.61
CA ALA B 405 -3.35 32.72 -21.59
C ALA B 405 -3.33 31.26 -22.04
N ASN B 406 -3.78 30.34 -21.19
CA ASN B 406 -3.82 28.93 -21.51
C ASN B 406 -5.19 28.48 -22.04
N ALA B 407 -6.01 29.43 -22.51
CA ALA B 407 -7.21 29.14 -23.29
C ALA B 407 -8.26 28.36 -22.48
N LEU B 408 -8.43 28.72 -21.22
CA LEU B 408 -9.40 28.05 -20.35
C LEU B 408 -10.24 29.07 -19.59
N HIS B 409 -10.70 30.11 -20.28
CA HIS B 409 -11.45 31.17 -19.63
C HIS B 409 -12.79 30.68 -19.09
N GLU B 410 -13.33 29.59 -19.63
CA GLU B 410 -14.59 29.06 -19.11
C GLU B 410 -14.43 28.55 -17.69
N CYS B 411 -13.23 28.12 -17.31
CA CYS B 411 -12.96 27.69 -15.94
C CYS B 411 -13.05 28.84 -14.95
N VAL B 412 -13.15 30.08 -15.42
CA VAL B 412 -13.29 31.23 -14.53
C VAL B 412 -14.72 31.41 -14.04
N GLU B 413 -15.70 30.82 -14.74
CA GLU B 413 -17.10 30.95 -14.37
C GLU B 413 -17.37 30.76 -12.88
N PRO B 414 -16.84 29.72 -12.21
CA PRO B 414 -17.09 29.61 -10.75
C PRO B 414 -16.60 30.81 -9.96
N LEU B 415 -15.48 31.41 -10.36
CA LEU B 415 -15.00 32.60 -9.67
C LEU B 415 -15.97 33.76 -9.84
N GLU B 416 -16.46 33.96 -11.07
CA GLU B 416 -17.48 34.97 -11.31
C GLU B 416 -18.69 34.76 -10.42
N ALA B 417 -19.20 33.52 -10.38
CA ALA B 417 -20.37 33.22 -9.57
C ALA B 417 -20.10 33.49 -8.10
N MET B 418 -18.92 33.07 -7.59
CA MET B 418 -18.57 33.33 -6.21
C MET B 418 -18.48 34.83 -5.94
N LEU B 419 -17.99 35.60 -6.91
CA LEU B 419 -17.83 37.04 -6.71
C LEU B 419 -19.17 37.75 -6.66
N PHE B 420 -20.18 37.23 -7.36
CA PHE B 420 -21.53 37.78 -7.21
C PHE B 420 -22.11 37.42 -5.84
N ASP B 421 -21.77 36.24 -5.31
CA ASP B 421 -22.15 35.90 -3.94
C ASP B 421 -21.48 36.85 -2.95
N LEU B 422 -20.18 37.07 -3.12
CA LEU B 422 -19.46 37.96 -2.21
C LEU B 422 -19.92 39.41 -2.33
N ALA B 423 -20.63 39.75 -3.41
CA ALA B 423 -21.24 41.07 -3.49
C ALA B 423 -22.37 41.21 -2.47
N GLN B 424 -23.12 40.14 -2.24
CA GLN B 424 -24.20 40.18 -1.26
C GLN B 424 -23.67 40.17 0.16
N THR B 425 -22.96 39.09 0.53
CA THR B 425 -22.45 38.97 1.89
C THR B 425 -21.45 40.09 2.21
N GLY B 426 -20.65 40.48 1.21
CA GLY B 426 -19.71 41.56 1.42
C GLY B 426 -20.38 42.89 1.66
N THR B 427 -21.57 43.10 1.10
CA THR B 427 -22.35 44.29 1.41
C THR B 427 -22.76 44.31 2.88
N HIS B 428 -23.23 43.18 3.38
CA HIS B 428 -23.57 43.06 4.80
C HIS B 428 -22.36 43.37 5.67
N THR B 429 -21.20 42.80 5.33
CA THR B 429 -19.99 43.03 6.10
C THR B 429 -19.59 44.50 6.07
N ALA B 430 -19.66 45.12 4.88
CA ALA B 430 -19.27 46.51 4.75
C ALA B 430 -20.14 47.42 5.64
N ARG B 431 -21.41 47.08 5.80
CA ARG B 431 -22.29 47.91 6.59
C ARG B 431 -22.24 47.57 8.07
N ALA B 432 -22.01 46.29 8.40
CA ALA B 432 -22.02 45.88 9.80
C ALA B 432 -20.70 46.19 10.50
N ILE B 433 -19.58 46.14 9.79
CA ILE B 433 -18.28 46.42 10.40
C ILE B 433 -17.90 47.88 10.24
N TYR B 434 -18.08 48.44 9.05
CA TYR B 434 -17.58 49.77 8.73
C TYR B 434 -18.68 50.81 8.58
N ASP B 435 -19.96 50.42 8.62
CA ASP B 435 -21.07 51.32 8.34
C ASP B 435 -20.81 52.10 7.06
N ALA B 436 -20.47 51.37 6.01
CA ALA B 436 -20.06 51.95 4.74
C ALA B 436 -20.87 51.31 3.61
N PRO B 437 -21.06 52.04 2.51
CA PRO B 437 -21.70 51.46 1.34
C PRO B 437 -20.75 50.52 0.60
N GLY B 438 -21.23 49.99 -0.53
CA GLY B 438 -20.42 49.07 -1.28
C GLY B 438 -20.31 47.71 -0.59
N TRP B 439 -19.30 46.95 -1.02
CA TRP B 439 -19.04 45.64 -0.46
C TRP B 439 -17.55 45.45 -0.25
N VAL B 440 -17.21 44.61 0.72
CA VAL B 440 -15.83 44.38 1.12
C VAL B 440 -15.64 42.91 1.46
N VAL B 441 -14.47 42.38 1.12
CA VAL B 441 -14.06 41.04 1.51
C VAL B 441 -12.65 41.11 2.06
N HIS B 442 -12.36 40.29 3.06
CA HIS B 442 -11.02 40.27 3.63
C HIS B 442 -10.21 39.12 3.04
N ASN B 443 -9.42 38.41 3.84
CA ASN B 443 -8.41 37.53 3.25
C ASN B 443 -8.87 36.08 3.09
N ASN B 444 -10.12 35.75 3.43
CA ASN B 444 -10.57 34.37 3.36
C ASN B 444 -12.09 34.32 3.13
N THR B 445 -12.54 33.23 2.51
CA THR B 445 -13.96 32.94 2.39
C THR B 445 -14.12 31.43 2.24
N ASP B 446 -15.37 30.97 2.42
CA ASP B 446 -15.65 29.54 2.29
C ASP B 446 -16.89 29.29 1.45
N LEU B 447 -17.43 28.07 1.52
CA LEU B 447 -18.64 27.74 0.77
C LEU B 447 -19.82 28.60 1.20
N TRP B 448 -19.81 29.09 2.44
CA TRP B 448 -20.86 29.93 2.97
C TRP B 448 -20.59 31.42 2.74
N ARG B 449 -19.52 31.74 2.02
CA ARG B 449 -19.29 33.08 1.46
C ARG B 449 -19.14 34.15 2.54
N GLN B 450 -18.54 33.81 3.67
CA GLN B 450 -18.25 34.80 4.69
C GLN B 450 -17.19 35.77 4.20
N ALA B 451 -17.31 37.04 4.61
CA ALA B 451 -16.45 38.09 4.09
C ALA B 451 -15.70 38.86 5.18
N GLY B 452 -15.76 38.42 6.43
CA GLY B 452 -15.11 39.13 7.51
C GLY B 452 -13.69 38.64 7.76
N PRO B 453 -12.94 39.39 8.56
CA PRO B 453 -11.60 38.94 8.94
C PRO B 453 -11.67 37.87 10.01
N ILE B 454 -10.73 36.92 9.95
CA ILE B 454 -10.76 35.72 10.77
C ILE B 454 -9.35 35.41 11.26
N ASP B 455 -9.25 34.36 12.09
CA ASP B 455 -8.01 33.80 12.59
C ASP B 455 -7.23 34.77 13.48
N GLY B 456 -6.80 35.89 12.91
CA GLY B 456 -6.01 36.86 13.65
C GLY B 456 -5.85 38.15 12.88
N ALA B 457 -5.83 39.28 13.58
CA ALA B 457 -5.67 40.56 12.90
C ALA B 457 -4.33 40.66 12.20
N GLN B 458 -3.30 40.01 12.74
CA GLN B 458 -1.97 40.06 12.16
C GLN B 458 -1.87 39.33 10.82
N TRP B 459 -2.91 38.61 10.42
CA TRP B 459 -2.92 37.92 9.14
C TRP B 459 -4.04 38.36 8.21
N SER B 460 -5.14 38.90 8.74
CA SER B 460 -6.39 38.96 7.99
C SER B 460 -7.09 40.32 7.98
N LEU B 461 -6.72 41.25 8.87
CA LEU B 461 -7.38 42.57 8.90
C LEU B 461 -6.94 43.35 7.67
N TRP B 462 -7.58 43.04 6.55
CA TRP B 462 -7.11 43.41 5.21
C TRP B 462 -8.29 43.45 4.25
N PRO B 463 -8.75 44.65 3.84
CA PRO B 463 -10.03 44.73 3.14
C PRO B 463 -9.95 44.67 1.62
N MET B 464 -8.92 44.01 1.08
CA MET B 464 -8.64 44.05 -0.35
C MET B 464 -8.99 42.75 -1.08
N GLY B 465 -9.65 41.80 -0.40
CA GLY B 465 -9.89 40.50 -1.01
C GLY B 465 -10.75 40.57 -2.26
N GLY B 466 -11.82 41.36 -2.22
CA GLY B 466 -12.68 41.48 -3.38
C GLY B 466 -12.00 42.20 -4.54
N VAL B 467 -11.18 43.20 -4.23
CA VAL B 467 -10.49 43.97 -5.27
C VAL B 467 -9.56 43.08 -6.07
N TRP B 468 -8.75 42.28 -5.37
CA TRP B 468 -7.77 41.42 -6.05
C TRP B 468 -8.46 40.33 -6.86
N LEU B 469 -9.52 39.74 -6.30
CA LEU B 469 -10.27 38.73 -7.06
C LEU B 469 -10.90 39.33 -8.31
N LEU B 470 -11.31 40.59 -8.25
CA LEU B 470 -11.92 41.25 -9.41
C LEU B 470 -10.92 41.44 -10.56
N GLN B 471 -9.62 41.42 -10.27
CA GLN B 471 -8.64 41.57 -11.34
C GLN B 471 -8.75 40.45 -12.37
N GLN B 472 -9.18 39.26 -11.94
CA GLN B 472 -9.38 38.17 -12.89
C GLN B 472 -10.52 38.47 -13.86
N LEU B 473 -11.57 39.14 -13.37
CA LEU B 473 -12.70 39.47 -14.25
C LEU B 473 -12.32 40.54 -15.26
N TRP B 474 -11.44 41.47 -14.88
CA TRP B 474 -10.97 42.46 -15.85
C TRP B 474 -10.17 41.80 -16.96
N ASP B 475 -9.39 40.77 -16.64
CA ASP B 475 -8.67 40.05 -17.66
C ASP B 475 -9.62 39.33 -18.61
N ARG B 476 -10.75 38.85 -18.10
CA ARG B 476 -11.74 38.23 -18.99
C ARG B 476 -12.33 39.25 -19.96
N TRP B 477 -12.51 40.49 -19.51
CA TRP B 477 -12.90 41.54 -20.43
C TRP B 477 -11.78 41.86 -21.41
N ASP B 478 -10.56 42.04 -20.91
CA ASP B 478 -9.46 42.46 -21.76
C ASP B 478 -9.05 41.36 -22.74
N TYR B 479 -9.26 40.10 -22.39
CA TYR B 479 -8.92 39.01 -23.30
C TYR B 479 -10.04 38.75 -24.30
N GLY B 480 -11.30 38.79 -23.83
CA GLY B 480 -12.42 38.42 -24.66
C GLY B 480 -13.11 39.57 -25.37
N ARG B 481 -13.03 40.77 -24.79
CA ARG B 481 -13.61 41.98 -25.37
C ARG B 481 -15.10 41.84 -25.63
N ASP B 482 -15.80 41.08 -24.79
CA ASP B 482 -17.25 40.93 -24.90
C ASP B 482 -17.91 42.08 -24.16
N ARG B 483 -18.55 42.98 -24.92
CA ARG B 483 -19.14 44.17 -24.32
C ARG B 483 -20.28 43.83 -23.36
N ALA B 484 -21.07 42.80 -23.69
CA ALA B 484 -22.13 42.37 -22.79
C ALA B 484 -21.58 41.86 -21.47
N TYR B 485 -20.40 41.23 -21.51
CA TYR B 485 -19.76 40.77 -20.28
C TYR B 485 -19.38 41.95 -19.39
N LEU B 486 -18.77 42.98 -19.98
CA LEU B 486 -18.40 44.17 -19.23
C LEU B 486 -19.63 44.83 -18.59
N SER B 487 -20.75 44.87 -19.33
CA SER B 487 -21.97 45.41 -18.77
C SER B 487 -22.44 44.59 -17.57
N LYS B 488 -22.23 43.28 -17.61
CA LYS B 488 -22.68 42.42 -16.52
C LYS B 488 -21.81 42.58 -15.29
N VAL B 489 -20.49 42.71 -15.47
CA VAL B 489 -19.56 42.71 -14.33
C VAL B 489 -19.29 44.10 -13.78
N TYR B 490 -19.66 45.17 -14.50
CA TYR B 490 -19.38 46.51 -14.00
C TYR B 490 -19.98 46.82 -12.64
N PRO B 491 -21.22 46.42 -12.31
CA PRO B 491 -21.73 46.72 -10.97
C PRO B 491 -20.86 46.18 -9.85
N LEU B 492 -20.10 45.11 -10.10
CA LEU B 492 -19.17 44.61 -9.09
C LEU B 492 -18.03 45.61 -8.84
N PHE B 493 -17.44 46.12 -9.92
CA PHE B 493 -16.36 47.10 -9.77
C PHE B 493 -16.86 48.38 -9.13
N LYS B 494 -18.09 48.79 -9.47
CA LYS B 494 -18.66 50.01 -8.90
C LYS B 494 -18.82 49.89 -7.39
N GLY B 495 -19.41 48.78 -6.93
CA GLY B 495 -19.64 48.62 -5.50
C GLY B 495 -18.35 48.58 -4.70
N ALA B 496 -17.31 47.94 -5.25
CA ALA B 496 -16.02 47.92 -4.57
C ALA B 496 -15.42 49.32 -4.49
N ALA B 497 -15.53 50.09 -5.56
CA ALA B 497 -15.05 51.47 -5.52
C ALA B 497 -15.81 52.31 -4.51
N GLU B 498 -17.13 52.10 -4.41
CA GLU B 498 -17.95 52.87 -3.48
C GLU B 498 -17.51 52.63 -2.05
N PHE B 499 -17.17 51.38 -1.70
CA PHE B 499 -16.72 51.11 -0.34
C PHE B 499 -15.46 51.90 -0.01
N PHE B 500 -14.53 52.00 -0.96
CA PHE B 500 -13.27 52.67 -0.67
C PHE B 500 -13.40 54.18 -0.76
N VAL B 501 -14.33 54.69 -1.58
CA VAL B 501 -14.64 56.12 -1.53
C VAL B 501 -15.04 56.53 -0.12
N ALA B 502 -15.77 55.67 0.58
CA ALA B 502 -16.29 56.01 1.89
C ALA B 502 -15.31 55.68 3.02
N THR B 503 -14.32 54.82 2.78
CA THR B 503 -13.44 54.37 3.85
C THR B 503 -12.03 54.98 3.81
N LEU B 504 -11.57 55.46 2.66
CA LEU B 504 -10.22 56.02 2.58
C LEU B 504 -10.12 57.27 3.45
N MET B 505 -8.96 57.42 4.11
CA MET B 505 -8.76 58.49 5.08
C MET B 505 -7.47 59.24 4.78
N ARG B 506 -7.42 60.50 5.21
CA ARG B 506 -6.21 61.30 5.10
C ARG B 506 -5.19 60.85 6.13
N ASP B 507 -3.99 60.48 5.65
CA ASP B 507 -2.94 60.02 6.55
C ASP B 507 -2.24 61.21 7.20
N PRO B 508 -2.16 61.26 8.53
CA PRO B 508 -1.59 62.44 9.19
C PRO B 508 -0.08 62.55 9.12
N GLN B 509 0.64 61.47 8.82
CA GLN B 509 2.09 61.54 8.69
C GLN B 509 2.55 61.69 7.25
N THR B 510 1.80 61.20 6.28
CA THR B 510 2.18 61.29 4.87
C THR B 510 1.31 62.22 4.06
N GLY B 511 0.06 62.43 4.46
CA GLY B 511 -0.84 63.32 3.74
C GLY B 511 -1.59 62.69 2.60
N ALA B 512 -1.46 61.39 2.38
CA ALA B 512 -2.16 60.70 1.32
C ALA B 512 -3.47 60.13 1.84
N MET B 513 -4.33 59.70 0.91
CA MET B 513 -5.57 59.01 1.24
C MET B 513 -5.29 57.52 1.31
N VAL B 514 -5.46 56.93 2.51
CA VAL B 514 -4.96 55.60 2.78
C VAL B 514 -6.06 54.72 3.37
N THR B 515 -5.78 53.42 3.39
CA THR B 515 -6.62 52.45 4.07
C THR B 515 -6.22 52.35 5.54
N ASN B 516 -7.22 52.16 6.40
CA ASN B 516 -7.00 52.08 7.84
C ASN B 516 -8.25 51.51 8.50
N PRO B 517 -8.19 50.31 9.09
CA PRO B 517 -7.02 49.45 9.30
C PRO B 517 -6.72 48.53 8.11
N SER B 518 -5.45 48.20 7.94
CA SER B 518 -5.04 47.27 6.89
C SER B 518 -3.72 46.63 7.30
N MET B 519 -3.03 46.03 6.33
CA MET B 519 -1.81 45.29 6.56
C MET B 519 -1.22 44.92 5.22
N SER B 520 0.07 44.58 5.23
CA SER B 520 0.71 43.99 4.05
C SER B 520 0.76 42.49 4.26
N PRO B 521 -0.02 41.70 3.53
CA PRO B 521 0.00 40.25 3.74
C PRO B 521 1.37 39.67 3.43
N GLU B 522 1.92 38.90 4.37
CA GLU B 522 1.39 38.79 5.73
C GLU B 522 2.54 39.11 6.67
N ASN B 523 3.13 40.28 6.47
CA ASN B 523 4.45 40.62 6.95
C ASN B 523 4.39 41.52 8.18
N GLN B 524 5.24 41.22 9.16
CA GLN B 524 5.44 42.11 10.29
C GLN B 524 6.28 43.30 9.86
N HIS B 525 5.84 44.51 10.21
CA HIS B 525 6.65 45.70 10.02
C HIS B 525 7.56 45.89 11.22
N PRO B 526 8.56 46.80 11.13
CA PRO B 526 9.55 46.90 12.22
C PRO B 526 9.02 47.39 13.55
N PHE B 527 7.71 47.56 13.70
CA PHE B 527 7.20 48.11 14.94
C PHE B 527 6.15 47.20 15.59
N GLY B 528 6.54 45.94 15.79
CA GLY B 528 5.83 45.05 16.69
C GLY B 528 4.46 44.57 16.25
N ALA B 529 4.12 44.69 14.98
CA ALA B 529 2.81 44.25 14.51
C ALA B 529 2.84 44.17 12.98
N ALA B 530 1.67 43.83 12.41
CA ALA B 530 1.46 43.87 10.98
C ALA B 530 0.48 44.95 10.54
N VAL B 531 -0.48 45.31 11.39
CA VAL B 531 -1.48 46.31 11.01
C VAL B 531 -0.81 47.68 10.90
N CYS B 532 -1.30 48.48 9.96
CA CYS B 532 -0.75 49.79 9.65
C CYS B 532 -1.75 50.51 8.77
N ALA B 533 -1.33 51.63 8.18
CA ALA B 533 -2.18 52.41 7.29
C ALA B 533 -1.56 52.44 5.90
N GLY B 534 -2.40 52.21 4.89
CA GLY B 534 -2.01 52.29 3.50
C GLY B 534 -0.75 51.53 3.14
N PRO B 535 -0.76 50.20 3.28
CA PRO B 535 0.36 49.41 2.74
C PRO B 535 0.41 49.53 1.23
N SER B 536 1.61 49.34 0.67
CA SER B 536 1.81 49.60 -0.75
C SER B 536 0.91 48.73 -1.62
N MET B 537 0.59 47.50 -1.17
CA MET B 537 -0.29 46.65 -1.97
C MET B 537 -1.67 47.27 -2.11
N ASP B 538 -2.20 47.88 -1.05
CA ASP B 538 -3.51 48.52 -1.13
C ASP B 538 -3.50 49.66 -2.14
N ALA B 539 -2.44 50.46 -2.16
CA ALA B 539 -2.35 51.56 -3.12
C ALA B 539 -2.27 51.03 -4.55
N GLN B 540 -1.54 49.94 -4.76
CA GLN B 540 -1.44 49.36 -6.10
C GLN B 540 -2.75 48.75 -6.55
N LEU B 541 -3.43 48.03 -5.66
CA LEU B 541 -4.70 47.40 -6.00
C LEU B 541 -5.75 48.44 -6.33
N LEU B 542 -5.78 49.55 -5.57
CA LEU B 542 -6.79 50.57 -5.81
C LEU B 542 -6.43 51.46 -6.99
N ARG B 543 -5.15 51.59 -7.31
CA ARG B 543 -4.77 52.26 -8.55
C ARG B 543 -5.30 51.51 -9.76
N ASP B 544 -5.22 50.18 -9.73
CA ASP B 544 -5.78 49.37 -10.80
C ASP B 544 -7.29 49.39 -10.78
N LEU B 545 -7.91 49.28 -9.60
CA LEU B 545 -9.36 49.26 -9.51
C LEU B 545 -9.97 50.56 -10.01
N PHE B 546 -9.38 51.69 -9.63
CA PHE B 546 -9.93 52.98 -10.04
C PHE B 546 -9.73 53.22 -11.53
N ALA B 547 -8.57 52.81 -12.07
CA ALA B 547 -8.35 52.93 -13.50
C ALA B 547 -9.35 52.10 -14.29
N GLN B 548 -9.70 50.91 -13.76
CA GLN B 548 -10.66 50.05 -14.44
C GLN B 548 -12.07 50.65 -14.38
N CYS B 549 -12.48 51.13 -13.20
CA CYS B 549 -13.79 51.75 -13.08
C CYS B 549 -13.92 52.96 -13.99
N ILE B 550 -12.85 53.76 -14.11
CA ILE B 550 -12.90 54.92 -14.98
C ILE B 550 -13.01 54.50 -16.44
N ALA B 551 -12.23 53.49 -16.85
CA ALA B 551 -12.28 53.02 -18.23
C ALA B 551 -13.62 52.37 -18.56
N MET B 552 -14.23 51.68 -17.59
CA MET B 552 -15.56 51.12 -17.83
C MET B 552 -16.62 52.21 -17.91
N SER B 553 -16.46 53.28 -17.14
CA SER B 553 -17.39 54.40 -17.22
C SER B 553 -17.38 55.03 -18.60
N LYS B 554 -16.21 55.13 -19.22
CA LYS B 554 -16.12 55.67 -20.57
C LYS B 554 -16.59 54.67 -21.61
N LEU B 555 -16.27 53.39 -21.43
CA LEU B 555 -16.64 52.37 -22.40
C LEU B 555 -18.14 52.04 -22.36
N LEU B 556 -18.82 52.33 -21.25
CA LEU B 556 -20.24 52.05 -21.12
C LEU B 556 -21.10 53.31 -21.05
N GLY B 557 -20.48 54.48 -21.03
CA GLY B 557 -21.23 55.73 -21.08
C GLY B 557 -22.14 55.97 -19.88
N ILE B 558 -21.68 55.62 -18.68
CA ILE B 558 -22.45 55.82 -17.45
C ILE B 558 -21.51 56.29 -16.36
N ASP B 559 -22.11 56.86 -15.31
CA ASP B 559 -21.37 57.30 -14.12
C ASP B 559 -20.17 58.16 -14.48
N ALA B 560 -20.42 59.17 -15.32
CA ALA B 560 -19.37 60.13 -15.66
C ALA B 560 -18.87 60.85 -14.41
N GLN B 561 -19.77 61.48 -13.68
CA GLN B 561 -19.48 61.77 -12.28
C GLN B 561 -19.28 60.46 -11.49
N LEU B 562 -18.63 60.61 -10.32
CA LEU B 562 -18.06 59.52 -9.53
C LEU B 562 -16.83 58.94 -10.20
N ALA B 563 -16.84 58.79 -11.53
CA ALA B 563 -15.60 58.45 -12.23
C ALA B 563 -14.63 59.61 -12.22
N GLN B 564 -15.12 60.85 -12.37
CA GLN B 564 -14.25 62.02 -12.25
C GLN B 564 -13.67 62.12 -10.85
N GLN B 565 -14.47 61.81 -9.83
CA GLN B 565 -13.99 61.88 -8.46
C GLN B 565 -13.11 60.70 -8.11
N LEU B 566 -13.31 59.54 -8.76
CA LEU B 566 -12.37 58.44 -8.60
C LEU B 566 -11.01 58.80 -9.15
N ALA B 567 -10.96 59.64 -10.19
CA ALA B 567 -9.68 60.06 -10.75
C ALA B 567 -8.92 60.97 -9.79
N ALA B 568 -9.61 61.91 -9.16
CA ALA B 568 -8.96 62.77 -8.17
C ALA B 568 -8.55 61.96 -6.95
N LEU B 569 -9.43 61.07 -6.48
CA LEU B 569 -9.09 60.21 -5.35
C LEU B 569 -7.94 59.27 -5.70
N ARG B 570 -7.81 58.89 -6.98
CA ARG B 570 -6.73 58.01 -7.38
C ARG B 570 -5.38 58.71 -7.29
N GLU B 571 -5.32 59.99 -7.65
CA GLU B 571 -4.07 60.75 -7.54
C GLU B 571 -3.62 60.89 -6.09
N GLN B 572 -4.53 60.75 -5.13
CA GLN B 572 -4.22 60.94 -3.72
C GLN B 572 -3.69 59.69 -3.04
N LEU B 573 -3.63 58.56 -3.74
CA LEU B 573 -3.16 57.33 -3.15
C LEU B 573 -1.67 57.45 -2.82
N PRO B 574 -1.19 56.66 -1.86
CA PRO B 574 0.25 56.62 -1.58
C PRO B 574 1.03 56.23 -2.83
N PRO B 575 2.04 57.01 -3.19
CA PRO B 575 2.79 56.72 -4.43
C PRO B 575 3.80 55.59 -4.24
N ASN B 576 4.15 54.97 -5.37
CA ASN B 576 5.25 54.02 -5.38
C ASN B 576 6.55 54.75 -5.05
N ARG B 577 7.30 54.20 -4.10
CA ARG B 577 8.51 54.86 -3.59
C ARG B 577 9.69 53.91 -3.61
N ILE B 578 10.88 54.49 -3.76
CA ILE B 578 12.14 53.75 -3.80
C ILE B 578 12.94 54.13 -2.57
N GLY B 579 13.31 53.12 -1.77
CA GLY B 579 13.93 53.34 -0.49
C GLY B 579 15.44 53.49 -0.57
N LYS B 580 16.07 53.52 0.62
CA LYS B 580 17.49 53.80 0.73
C LYS B 580 18.36 52.71 0.12
N ALA B 581 17.86 51.48 0.01
CA ALA B 581 18.60 50.39 -0.60
C ALA B 581 18.23 50.20 -2.07
N GLY B 582 17.62 51.20 -2.69
CA GLY B 582 17.13 51.07 -4.04
C GLY B 582 15.95 50.16 -4.20
N GLN B 583 15.29 49.78 -3.11
CA GLN B 583 14.21 48.82 -3.12
C GLN B 583 12.86 49.51 -3.20
N LEU B 584 11.92 48.86 -3.89
CA LEU B 584 10.52 49.29 -3.83
C LEU B 584 9.99 49.07 -2.42
N GLN B 585 9.28 50.06 -1.91
CA GLN B 585 8.91 50.07 -0.50
C GLN B 585 7.62 49.30 -0.26
N GLU B 586 7.65 48.38 0.70
CA GLU B 586 6.47 47.60 1.04
C GLU B 586 5.44 48.43 1.80
N TRP B 587 5.90 49.46 2.50
CA TRP B 587 5.03 50.33 3.28
C TRP B 587 5.25 51.78 2.85
N GLN B 588 4.39 52.67 3.36
CA GLN B 588 4.54 54.08 3.07
C GLN B 588 5.91 54.59 3.49
N GLN B 589 6.37 54.17 4.66
CA GLN B 589 7.67 54.57 5.17
C GLN B 589 8.75 53.60 4.72
N ASP B 590 9.99 54.10 4.66
CA ASP B 590 11.13 53.29 4.27
C ASP B 590 11.49 52.35 5.42
N TRP B 591 10.78 51.23 5.48
CA TRP B 591 10.92 50.27 6.56
C TRP B 591 11.51 48.93 6.13
N ASP B 592 11.74 48.72 4.83
CA ASP B 592 12.04 47.38 4.33
C ASP B 592 13.30 46.80 4.95
N MET B 593 14.34 47.61 5.09
CA MET B 593 15.64 47.09 5.54
C MET B 593 15.68 46.81 7.04
N GLN B 594 14.69 47.25 7.81
CA GLN B 594 14.62 46.96 9.23
C GLN B 594 13.40 46.10 9.58
N ALA B 595 12.86 45.36 8.60
CA ALA B 595 11.72 44.47 8.86
C ALA B 595 12.21 43.15 9.46
N PRO B 596 11.42 42.56 10.37
CA PRO B 596 11.93 41.39 11.12
C PRO B 596 12.31 40.20 10.25
N GLU B 597 11.51 39.86 9.24
CA GLU B 597 11.75 38.69 8.40
C GLU B 597 12.10 39.17 6.99
N ILE B 598 13.40 39.32 6.72
CA ILE B 598 13.87 39.87 5.45
C ILE B 598 13.49 38.99 4.27
N ASN B 599 13.28 37.70 4.49
CA ASN B 599 12.92 36.79 3.40
C ASN B 599 11.50 36.28 3.56
N HIS B 600 10.56 37.19 3.80
CA HIS B 600 9.15 36.83 3.96
C HIS B 600 8.63 36.16 2.69
N ARG B 601 7.78 35.14 2.89
CA ARG B 601 7.27 34.37 1.75
C ARG B 601 6.39 35.23 0.86
N HIS B 602 5.63 36.15 1.44
CA HIS B 602 4.80 37.06 0.66
C HIS B 602 5.65 38.17 0.06
N VAL B 603 5.33 38.55 -1.18
CA VAL B 603 5.92 39.72 -1.80
C VAL B 603 4.78 40.63 -2.25
N SER B 604 3.93 41.01 -1.30
CA SER B 604 2.67 41.68 -1.63
C SER B 604 2.88 43.01 -2.34
N HIS B 605 3.93 43.76 -1.98
CA HIS B 605 4.18 45.06 -2.59
C HIS B 605 4.78 44.95 -3.97
N LEU B 606 5.08 43.74 -4.45
CA LEU B 606 5.50 43.53 -5.82
C LEU B 606 4.34 43.15 -6.72
N TYR B 607 3.10 43.31 -6.25
CA TYR B 607 1.93 43.03 -7.07
C TYR B 607 1.93 43.87 -8.34
N ALA B 608 2.44 45.10 -8.26
CA ALA B 608 2.46 45.99 -9.41
C ALA B 608 3.37 45.50 -10.53
N LEU B 609 4.36 44.67 -10.21
CA LEU B 609 5.21 44.06 -11.23
C LEU B 609 4.62 42.76 -11.77
N HIS B 610 3.91 42.02 -10.91
CA HIS B 610 3.13 40.84 -11.29
C HIS B 610 2.22 40.47 -10.12
N PRO B 611 0.94 40.12 -10.36
CA PRO B 611 0.29 39.91 -11.66
C PRO B 611 -0.04 41.19 -12.43
N SER B 612 0.09 42.34 -11.80
CA SER B 612 -0.18 43.59 -12.52
C SER B 612 1.00 43.96 -13.41
N SER B 613 0.74 44.84 -14.37
CA SER B 613 1.79 45.45 -15.18
C SER B 613 1.92 46.94 -14.88
N GLN B 614 1.29 47.41 -13.78
CA GLN B 614 1.42 48.78 -13.32
C GLN B 614 2.87 49.24 -13.29
N ILE B 615 3.77 48.33 -12.95
CA ILE B 615 5.22 48.55 -13.00
C ILE B 615 5.79 47.55 -13.99
N ASN B 616 6.58 48.04 -14.95
CA ASN B 616 7.18 47.15 -15.94
C ASN B 616 8.45 47.78 -16.50
N LEU B 617 9.24 46.93 -17.16
CA LEU B 617 10.56 47.35 -17.65
C LEU B 617 10.45 48.46 -18.70
N ARG B 618 9.34 48.51 -19.43
CA ARG B 618 9.21 49.47 -20.52
C ARG B 618 8.77 50.84 -20.01
N ASP B 619 7.59 50.89 -19.39
CA ASP B 619 6.96 52.19 -19.09
C ASP B 619 7.49 52.81 -17.81
N THR B 620 7.96 52.00 -16.87
CA THR B 620 8.48 52.48 -15.58
C THR B 620 9.81 51.79 -15.29
N PRO B 621 10.87 52.16 -16.01
CA PRO B 621 12.13 51.42 -15.85
C PRO B 621 12.74 51.53 -14.46
N GLU B 622 12.62 52.68 -13.81
CA GLU B 622 13.21 52.86 -12.50
C GLU B 622 12.49 52.04 -11.44
N LEU B 623 11.16 52.09 -11.43
CA LEU B 623 10.39 51.32 -10.46
C LEU B 623 10.54 49.82 -10.68
N ALA B 624 10.74 49.40 -11.94
CA ALA B 624 10.98 48.00 -12.22
C ALA B 624 12.33 47.55 -11.69
N ALA B 625 13.35 48.41 -11.81
CA ALA B 625 14.64 48.10 -11.22
C ALA B 625 14.58 48.08 -9.70
N ALA B 626 13.74 48.94 -9.11
CA ALA B 626 13.57 48.92 -7.66
C ALA B 626 12.83 47.66 -7.22
N ALA B 627 11.83 47.24 -7.99
CA ALA B 627 11.15 45.98 -7.68
C ALA B 627 12.09 44.80 -7.84
N ARG B 628 12.99 44.86 -8.82
CA ARG B 628 13.99 43.81 -8.97
C ARG B 628 14.91 43.75 -7.75
N ARG B 629 15.29 44.92 -7.22
CA ARG B 629 16.13 44.94 -6.03
C ARG B 629 15.40 44.37 -4.82
N SER B 630 14.13 44.74 -4.65
CA SER B 630 13.34 44.18 -3.55
C SER B 630 13.23 42.67 -3.67
N LEU B 631 13.01 42.17 -4.89
CA LEU B 631 12.92 40.72 -5.09
C LEU B 631 14.25 40.03 -4.79
N GLU B 632 15.37 40.70 -5.08
CA GLU B 632 16.68 40.14 -4.75
C GLU B 632 16.91 40.11 -3.25
N ILE B 633 16.38 41.11 -2.52
CA ILE B 633 16.54 41.14 -1.08
C ILE B 633 15.69 40.06 -0.42
N ARG B 634 14.53 39.75 -1.00
CA ARG B 634 13.67 38.72 -0.43
C ARG B 634 14.27 37.33 -0.59
N GLY B 635 14.97 37.08 -1.70
CA GLY B 635 15.53 35.76 -1.95
C GLY B 635 14.60 34.88 -2.75
N ASP B 636 15.13 33.69 -3.07
CA ASP B 636 14.46 32.79 -4.00
C ASP B 636 13.58 31.75 -3.31
N ASN B 637 14.02 31.21 -2.17
CA ASN B 637 13.34 30.07 -1.58
C ASN B 637 12.17 30.50 -0.70
N ALA B 638 11.09 29.72 -0.74
CA ALA B 638 9.90 29.95 0.06
C ALA B 638 8.95 28.78 -0.05
N THR B 639 7.66 29.01 0.19
CA THR B 639 6.65 27.98 -0.01
C THR B 639 6.46 27.73 -1.49
N GLY B 640 5.68 26.69 -1.79
CA GLY B 640 5.40 26.36 -3.18
C GLY B 640 4.77 27.51 -3.94
N TRP B 641 3.80 28.19 -3.33
CA TRP B 641 3.19 29.35 -3.99
C TRP B 641 4.14 30.54 -3.98
N GLY B 642 4.91 30.71 -2.91
CA GLY B 642 5.89 31.79 -2.89
C GLY B 642 6.93 31.65 -3.98
N ILE B 643 7.38 30.41 -4.21
CA ILE B 643 8.30 30.15 -5.32
C ILE B 643 7.61 30.43 -6.65
N GLY B 644 6.34 30.05 -6.77
CA GLY B 644 5.61 30.26 -8.01
C GLY B 644 5.39 31.73 -8.32
N TRP B 645 5.15 32.54 -7.27
CA TRP B 645 5.02 33.98 -7.47
C TRP B 645 6.34 34.59 -7.93
N ARG B 646 7.45 34.14 -7.34
CA ARG B 646 8.77 34.62 -7.74
C ARG B 646 9.11 34.21 -9.16
N LEU B 647 8.64 33.04 -9.58
CA LEU B 647 8.85 32.61 -10.97
C LEU B 647 8.22 33.61 -11.95
N ASN B 648 6.96 33.99 -11.68
CA ASN B 648 6.29 34.92 -12.57
C ASN B 648 6.93 36.29 -12.54
N LEU B 649 7.39 36.74 -11.37
CA LEU B 649 8.01 38.05 -11.26
C LEU B 649 9.30 38.11 -12.07
N TRP B 650 10.14 37.09 -11.94
CA TRP B 650 11.39 37.07 -12.73
C TRP B 650 11.09 36.93 -14.22
N ALA B 651 10.01 36.24 -14.58
CA ALA B 651 9.59 36.21 -15.97
C ALA B 651 9.24 37.60 -16.48
N ARG B 652 8.55 38.39 -15.64
CA ARG B 652 8.21 39.75 -16.03
C ARG B 652 9.44 40.62 -16.19
N LEU B 653 10.52 40.31 -15.48
CA LEU B 653 11.77 41.05 -15.56
C LEU B 653 12.65 40.60 -16.72
N ALA B 654 12.15 39.70 -17.57
CA ALA B 654 12.86 39.25 -18.77
C ALA B 654 14.22 38.63 -18.45
N ASP B 655 14.31 37.96 -17.30
CA ASP B 655 15.54 37.28 -16.88
C ASP B 655 15.27 35.78 -16.92
N GLY B 656 15.54 35.17 -18.08
CA GLY B 656 15.20 33.76 -18.26
C GLY B 656 16.00 32.83 -17.37
N GLU B 657 17.26 33.16 -17.11
CA GLU B 657 18.12 32.25 -16.33
C GLU B 657 17.73 32.26 -14.86
N HIS B 658 17.39 33.43 -14.31
CA HIS B 658 16.89 33.46 -12.94
C HIS B 658 15.53 32.79 -12.83
N ALA B 659 14.67 33.00 -13.83
CA ALA B 659 13.37 32.34 -13.83
C ALA B 659 13.51 30.83 -13.85
N TYR B 660 14.49 30.31 -14.62
CA TYR B 660 14.72 28.87 -14.62
C TYR B 660 15.25 28.38 -13.29
N ARG B 661 16.06 29.19 -12.61
CA ARG B 661 16.55 28.81 -11.28
C ARG B 661 15.41 28.68 -10.29
N ILE B 662 14.44 29.61 -10.36
CA ILE B 662 13.24 29.50 -9.52
C ILE B 662 12.47 28.23 -9.87
N LEU B 663 12.37 27.92 -11.16
CA LEU B 663 11.64 26.73 -11.59
C LEU B 663 12.29 25.46 -11.07
N GLN B 664 13.61 25.43 -10.96
CA GLN B 664 14.29 24.29 -10.35
C GLN B 664 13.91 24.16 -8.88
N LEU B 665 13.73 25.27 -8.18
CA LEU B 665 13.30 25.22 -6.80
C LEU B 665 11.86 24.73 -6.68
N LEU B 666 11.02 25.02 -7.67
CA LEU B 666 9.63 24.59 -7.62
C LEU B 666 9.50 23.10 -7.94
N ILE B 667 10.12 22.65 -9.02
CA ILE B 667 10.06 21.25 -9.44
C ILE B 667 11.27 20.57 -8.81
N SER B 668 11.11 20.12 -7.58
CA SER B 668 12.20 19.60 -6.77
C SER B 668 11.63 18.62 -5.76
N PRO B 669 12.47 17.74 -5.19
CA PRO B 669 11.98 16.85 -4.13
C PRO B 669 11.56 17.57 -2.87
N GLU B 670 11.82 18.87 -2.76
CA GLU B 670 11.43 19.65 -1.60
C GLU B 670 10.08 20.33 -1.77
N ARG B 671 9.60 20.49 -3.01
CA ARG B 671 8.39 21.26 -3.27
C ARG B 671 7.41 20.59 -4.22
N THR B 672 7.68 19.36 -4.67
CA THR B 672 6.77 18.65 -5.56
C THR B 672 6.67 17.19 -5.12
N TYR B 673 5.45 16.71 -4.98
CA TYR B 673 5.18 15.34 -4.55
C TYR B 673 5.35 14.39 -5.74
N PRO B 674 5.44 13.08 -5.47
CA PRO B 674 5.62 12.13 -6.59
C PRO B 674 4.49 12.15 -7.61
N ASN B 675 3.28 12.54 -7.20
CA ASN B 675 2.17 12.69 -8.12
C ASN B 675 2.13 14.07 -8.77
N LEU B 676 3.22 14.83 -8.66
CA LEU B 676 3.40 16.17 -9.21
C LEU B 676 2.60 17.24 -8.49
N PHE B 677 1.92 16.91 -7.39
CA PHE B 677 1.24 17.92 -6.60
C PHE B 677 2.23 18.91 -6.00
N ASP B 678 1.83 20.18 -5.93
CA ASP B 678 2.69 21.19 -5.35
C ASP B 678 2.66 21.13 -3.82
N ALA B 679 3.80 21.45 -3.22
CA ALA B 679 3.99 21.34 -1.77
C ALA B 679 4.16 22.74 -1.17
N HIS B 680 3.31 23.06 -0.19
CA HIS B 680 3.54 24.25 0.63
C HIS B 680 4.78 24.09 1.50
N PRO B 681 4.97 22.99 2.24
CA PRO B 681 4.15 21.79 2.46
C PRO B 681 3.09 22.02 3.54
N PRO B 682 2.03 21.18 3.57
CA PRO B 682 1.71 20.04 2.70
C PRO B 682 1.12 20.44 1.35
N PHE B 683 0.30 19.58 0.75
CA PHE B 683 -0.23 19.83 -0.58
C PHE B 683 -1.04 21.12 -0.61
N GLN B 684 -0.65 22.01 -1.52
CA GLN B 684 -1.44 23.20 -1.85
C GLN B 684 -1.41 23.36 -3.35
N ILE B 685 -2.59 23.42 -3.97
CA ILE B 685 -2.65 23.41 -5.43
C ILE B 685 -2.28 24.76 -6.04
N ASP B 686 -2.08 25.80 -5.22
CA ASP B 686 -1.77 27.11 -5.77
C ASP B 686 -0.48 27.10 -6.57
N GLY B 687 0.56 26.45 -6.03
CA GLY B 687 1.85 26.43 -6.72
C GLY B 687 1.79 25.77 -8.08
N ASN B 688 0.96 24.72 -8.22
CA ASN B 688 0.76 24.10 -9.52
C ASN B 688 0.28 25.12 -10.54
N PHE B 689 -0.75 25.88 -10.20
CA PHE B 689 -1.32 26.84 -11.14
C PHE B 689 -0.37 28.00 -11.41
N GLY B 690 0.38 28.43 -10.38
CA GLY B 690 1.34 29.49 -10.57
C GLY B 690 2.53 29.08 -11.40
N GLY B 691 2.94 27.80 -11.29
CA GLY B 691 4.01 27.31 -12.14
C GLY B 691 3.59 27.21 -13.59
N THR B 692 2.36 26.78 -13.84
CA THR B 692 1.85 26.78 -15.21
C THR B 692 1.81 28.19 -15.79
N ALA B 693 1.40 29.17 -14.97
CA ALA B 693 1.36 30.55 -15.44
C ALA B 693 2.75 31.13 -15.64
N GLY B 694 3.71 30.74 -14.80
CA GLY B 694 5.05 31.29 -14.92
C GLY B 694 5.79 30.75 -16.13
N ILE B 695 5.65 29.45 -16.40
CA ILE B 695 6.21 28.88 -17.62
C ILE B 695 5.63 29.58 -18.84
N THR B 696 4.31 29.82 -18.83
CA THR B 696 3.68 30.57 -19.92
C THR B 696 4.27 31.98 -20.01
N GLU B 697 4.40 32.66 -18.87
CA GLU B 697 4.90 34.02 -18.86
C GLU B 697 6.33 34.11 -19.37
N MET B 698 7.12 33.04 -19.18
CA MET B 698 8.49 33.04 -19.71
C MET B 698 8.49 33.02 -21.22
N LEU B 699 7.51 32.38 -21.85
CA LEU B 699 7.47 32.23 -23.30
C LEU B 699 6.67 33.33 -23.98
N LEU B 700 5.59 33.81 -23.37
CA LEU B 700 4.74 34.80 -24.00
C LEU B 700 4.12 35.70 -22.93
N GLN B 701 4.18 37.01 -23.16
CA GLN B 701 3.58 37.99 -22.28
C GLN B 701 2.67 38.91 -23.07
N SER B 702 1.62 39.40 -22.41
CA SER B 702 0.63 40.25 -23.05
C SER B 702 0.20 41.32 -22.04
N TRP B 703 0.81 42.49 -22.14
CA TRP B 703 0.43 43.63 -21.31
C TRP B 703 0.81 44.91 -22.04
N GLY B 704 0.36 46.04 -21.49
CA GLY B 704 0.45 47.23 -22.29
C GLY B 704 -0.35 47.04 -23.57
N GLY B 705 0.13 47.67 -24.63
CA GLY B 705 -0.52 47.50 -25.92
C GLY B 705 0.20 46.49 -26.79
N SER B 706 1.05 45.67 -26.18
CA SER B 706 2.00 44.86 -26.93
C SER B 706 1.94 43.40 -26.53
N VAL B 707 2.54 42.57 -27.38
CA VAL B 707 2.70 41.14 -27.16
C VAL B 707 4.19 40.84 -27.25
N PHE B 708 4.76 40.32 -26.17
CA PHE B 708 6.20 40.09 -26.07
C PHE B 708 6.52 38.62 -26.28
N LEU B 709 7.43 38.34 -27.21
CA LEU B 709 7.77 36.99 -27.61
C LEU B 709 9.06 36.54 -26.92
N LEU B 710 9.00 35.37 -26.29
CA LEU B 710 10.11 34.75 -25.57
C LEU B 710 10.91 35.76 -24.75
N PRO B 711 10.27 36.54 -23.86
CA PRO B 711 11.03 37.55 -23.11
C PRO B 711 11.93 36.97 -22.05
N ALA B 712 11.65 35.77 -21.54
CA ALA B 712 12.45 35.13 -20.50
C ALA B 712 12.73 33.68 -20.86
N LEU B 713 13.26 33.46 -22.06
CA LEU B 713 13.58 32.11 -22.52
C LEU B 713 14.92 31.68 -21.93
N PRO B 714 14.97 30.57 -21.18
CA PRO B 714 16.24 30.13 -20.59
C PRO B 714 17.05 29.26 -21.54
N LYS B 715 18.35 29.22 -21.26
CA LYS B 715 19.27 28.44 -22.09
C LYS B 715 18.97 26.94 -22.04
N ALA B 716 18.20 26.50 -21.05
CA ALA B 716 17.82 25.09 -20.96
C ALA B 716 16.76 24.70 -21.98
N TRP B 717 16.14 25.67 -22.66
CA TRP B 717 15.10 25.42 -23.66
C TRP B 717 15.52 26.07 -24.98
N PRO B 718 16.50 25.49 -25.67
CA PRO B 718 17.01 26.12 -26.90
C PRO B 718 16.10 25.94 -28.11
N ARG B 719 15.23 24.93 -28.11
CA ARG B 719 14.31 24.68 -29.21
C ARG B 719 12.96 24.29 -28.64
N GLY B 720 11.91 24.56 -29.40
CA GLY B 720 10.58 24.16 -28.97
C GLY B 720 9.51 24.96 -29.69
N SER B 721 8.29 24.80 -29.19
CA SER B 721 7.13 25.44 -29.78
C SER B 721 6.00 25.49 -28.77
N VAL B 722 5.09 26.44 -28.98
CA VAL B 722 3.85 26.51 -28.23
C VAL B 722 2.75 26.99 -29.17
N ARG B 723 1.56 26.42 -29.02
CA ARG B 723 0.46 26.69 -29.94
C ARG B 723 -0.83 26.87 -29.14
N GLY B 724 -1.65 27.83 -29.57
CA GLY B 724 -2.95 28.04 -28.97
C GLY B 724 -2.98 28.95 -27.77
N LEU B 725 -1.87 29.61 -27.44
CA LEU B 725 -1.89 30.60 -26.38
C LEU B 725 -2.75 31.79 -26.77
N ARG B 726 -3.38 32.41 -25.78
CA ARG B 726 -4.24 33.56 -25.99
C ARG B 726 -3.55 34.83 -25.50
N VAL B 727 -3.87 35.95 -26.17
CA VAL B 727 -3.40 37.27 -25.75
C VAL B 727 -4.60 38.20 -25.69
N ARG B 728 -4.40 39.31 -24.99
CA ARG B 728 -5.47 40.31 -24.88
C ARG B 728 -5.81 40.87 -26.26
N GLY B 729 -7.05 41.34 -26.39
CA GLY B 729 -7.54 41.81 -27.67
C GLY B 729 -8.11 40.74 -28.57
N GLY B 730 -8.50 39.59 -28.01
CA GLY B 730 -9.16 38.54 -28.77
C GLY B 730 -8.30 37.90 -29.85
N ALA B 731 -7.12 37.43 -29.49
CA ALA B 731 -6.19 36.85 -30.46
C ALA B 731 -5.45 35.67 -29.84
N SER B 732 -4.93 34.82 -30.72
CA SER B 732 -4.13 33.67 -30.31
C SER B 732 -2.78 33.72 -31.02
N VAL B 733 -1.79 33.04 -30.43
CA VAL B 733 -0.42 33.07 -30.92
C VAL B 733 0.15 31.65 -30.92
N ASP B 734 0.88 31.31 -31.97
CA ASP B 734 1.72 30.13 -32.01
C ASP B 734 3.18 30.56 -32.13
N LEU B 735 4.06 29.84 -31.43
CA LEU B 735 5.47 30.21 -31.35
C LEU B 735 6.35 29.02 -31.70
N GLU B 736 7.47 29.29 -32.37
CA GLU B 736 8.46 28.27 -32.70
C GLU B 736 9.85 28.90 -32.61
N TRP B 737 10.76 28.23 -31.91
CA TRP B 737 12.11 28.76 -31.72
C TRP B 737 13.13 27.64 -31.82
N GLU B 738 14.36 28.04 -32.17
CA GLU B 738 15.45 27.10 -32.39
C GLU B 738 16.77 27.81 -32.13
N GLY B 739 17.73 27.08 -31.54
CA GLY B 739 19.00 27.66 -31.19
C GLY B 739 18.93 28.80 -30.20
N GLY B 740 17.88 28.82 -29.37
CA GLY B 740 17.65 29.94 -28.48
C GLY B 740 17.11 31.18 -29.15
N ARG B 741 16.75 31.10 -30.42
CA ARG B 741 16.33 32.25 -31.22
C ARG B 741 14.94 31.99 -31.79
N LEU B 742 14.15 33.06 -31.91
CA LEU B 742 12.82 32.95 -32.49
C LEU B 742 12.90 32.53 -33.96
N GLN B 743 12.12 31.52 -34.32
CA GLN B 743 12.04 31.06 -35.69
C GLN B 743 10.81 31.57 -36.43
N GLN B 744 9.65 31.53 -35.80
CA GLN B 744 8.41 32.00 -36.41
C GLN B 744 7.36 32.19 -35.35
N ALA B 745 6.36 33.00 -35.68
CA ALA B 745 5.20 33.18 -34.81
C ALA B 745 3.99 33.52 -35.66
N ARG B 746 2.82 33.04 -35.22
CA ARG B 746 1.56 33.22 -35.93
C ARG B 746 0.56 33.87 -34.99
N LEU B 747 0.11 35.07 -35.34
CA LEU B 747 -0.92 35.78 -34.58
C LEU B 747 -2.24 35.70 -35.34
N HIS B 748 -3.23 35.03 -34.75
CA HIS B 748 -4.56 34.93 -35.32
C HIS B 748 -5.50 35.83 -34.54
N SER B 749 -6.18 36.74 -35.26
CA SER B 749 -7.13 37.66 -34.64
C SER B 749 -8.55 37.18 -34.91
N ASP B 750 -9.38 37.17 -33.87
CA ASP B 750 -10.74 36.67 -34.01
C ASP B 750 -11.68 37.70 -34.64
N ARG B 751 -11.59 38.95 -34.19
CA ARG B 751 -12.46 40.01 -34.69
C ARG B 751 -11.69 41.17 -35.32
N GLY B 752 -10.39 41.01 -35.54
CA GLY B 752 -9.57 42.07 -36.10
C GLY B 752 -9.12 43.06 -35.06
N GLY B 753 -8.15 43.88 -35.45
CA GLY B 753 -7.65 44.92 -34.59
C GLY B 753 -6.18 45.18 -34.81
N ARG B 754 -5.68 46.21 -34.14
CA ARG B 754 -4.27 46.56 -34.18
C ARG B 754 -3.54 45.90 -33.02
N TYR B 755 -2.33 45.43 -33.29
CA TYR B 755 -1.49 44.77 -32.29
C TYR B 755 -0.05 45.23 -32.47
N GLN B 756 0.77 44.98 -31.45
CA GLN B 756 2.20 45.18 -31.57
C GLN B 756 2.93 43.96 -31.01
N LEU B 757 3.84 43.42 -31.80
CA LEU B 757 4.72 42.34 -31.38
C LEU B 757 6.08 42.92 -31.00
N SER B 758 6.65 42.42 -29.92
CA SER B 758 7.95 42.86 -29.45
C SER B 758 8.82 41.64 -29.17
N TYR B 759 10.04 41.65 -29.71
CA TYR B 759 11.00 40.57 -29.52
C TYR B 759 12.38 41.16 -29.34
N ALA B 760 12.95 40.96 -28.14
CA ALA B 760 14.33 41.36 -27.85
C ALA B 760 14.56 42.85 -28.13
N GLY B 761 13.56 43.66 -27.82
CA GLY B 761 13.67 45.10 -27.98
C GLY B 761 13.19 45.65 -29.30
N GLN B 762 12.93 44.80 -30.28
CA GLN B 762 12.41 45.25 -31.58
C GLN B 762 10.90 45.11 -31.61
N THR B 763 10.23 46.09 -32.19
CA THR B 763 8.77 46.14 -32.22
C THR B 763 8.27 46.08 -33.66
N LEU B 764 7.01 45.66 -33.81
CA LEU B 764 6.37 45.58 -35.12
C LEU B 764 4.88 45.85 -34.94
N ASP B 765 4.42 46.97 -35.49
CA ASP B 765 3.01 47.34 -35.40
C ASP B 765 2.24 46.68 -36.54
N LEU B 766 1.19 45.94 -36.19
CA LEU B 766 0.41 45.20 -37.16
C LEU B 766 -1.05 45.64 -37.13
N GLU B 767 -1.75 45.36 -38.23
CA GLU B 767 -3.19 45.53 -38.29
C GLU B 767 -3.77 44.30 -38.98
N LEU B 768 -4.71 43.63 -38.31
CA LEU B 768 -5.29 42.38 -38.78
C LEU B 768 -6.79 42.53 -38.97
N GLY B 769 -7.32 41.82 -39.96
CA GLY B 769 -8.75 41.71 -40.12
C GLY B 769 -9.32 40.54 -39.35
N ALA B 770 -10.64 40.55 -39.20
CA ALA B 770 -11.33 39.51 -38.43
C ALA B 770 -11.07 38.14 -39.02
N GLY B 771 -10.61 37.20 -38.19
CA GLY B 771 -10.40 35.85 -38.65
C GLY B 771 -9.18 35.66 -39.51
N ARG B 772 -8.19 36.56 -39.43
CA ARG B 772 -6.99 36.47 -40.25
C ARG B 772 -5.78 36.14 -39.40
N THR B 773 -4.73 35.69 -40.08
CA THR B 773 -3.48 35.27 -39.45
C THR B 773 -2.32 36.01 -40.07
N GLN B 774 -1.45 36.56 -39.22
CA GLN B 774 -0.22 37.21 -39.67
C GLN B 774 0.96 36.41 -39.13
N GLN B 775 1.83 35.97 -40.04
CA GLN B 775 3.04 35.27 -39.64
C GLN B 775 4.19 36.27 -39.53
N VAL B 776 5.06 36.03 -38.55
CA VAL B 776 6.20 36.91 -38.29
C VAL B 776 7.45 36.05 -38.18
N GLY B 777 8.60 36.69 -38.36
CA GLY B 777 9.85 35.97 -38.32
C GLY B 777 11.03 36.92 -38.27
N LEU B 778 12.23 36.34 -38.31
CA LEU B 778 13.47 37.09 -38.25
C LEU B 778 14.15 37.07 -39.62
N ASN B 779 14.52 38.25 -40.11
CA ASN B 779 15.25 38.40 -41.36
C ASN B 779 16.46 39.28 -41.09
N ASN B 780 17.66 38.69 -41.19
CA ASN B 780 18.90 39.37 -40.87
C ASN B 780 18.82 40.08 -39.52
N ASN B 781 18.34 39.32 -38.52
CA ASN B 781 18.24 39.74 -37.13
C ASN B 781 17.20 40.83 -36.89
N ARG B 782 16.29 41.05 -37.84
CA ARG B 782 15.23 42.04 -37.70
C ARG B 782 13.87 41.37 -37.71
N LEU B 783 12.97 41.84 -36.85
CA LEU B 783 11.64 41.28 -36.74
C LEU B 783 10.76 41.83 -37.86
N VAL B 784 10.37 40.95 -38.79
CA VAL B 784 9.63 41.35 -39.98
C VAL B 784 8.52 40.35 -40.25
N THR B 785 7.60 40.75 -41.12
CA THR B 785 6.54 39.84 -41.56
C THR B 785 7.00 39.03 -42.77
#